data_8C54
#
_entry.id   8C54
#
_cell.length_a   1.00
_cell.length_b   1.00
_cell.length_c   1.00
_cell.angle_alpha   90.00
_cell.angle_beta   90.00
_cell.angle_gamma   90.00
#
_symmetry.space_group_name_H-M   'P 1'
#
loop_
_entity.id
_entity.type
_entity.pdbx_description
1 polymer 'Succinate semialdehyde dehydrogenase'
2 non-polymer '1,4-DIHYDRONICOTINAMIDE ADENINE DINUCLEOTIDE'
3 water water
#
_entity_poly.entity_id   1
_entity_poly.type   'polypeptide(L)'
_entity_poly.pdbx_seq_one_letter_code
;MTERRTLALKDPALLTDKAFVAGAWIGAPDGKSIAVTDPFDGALIANVPDLGQAVVAQAIDAAAEAQKLWERRTAKERAQ
VLKRWYDLIVENADDLALILTTEQGKPLAEARGEVVSNAAYLEWFAEEAKRIDGDIIPGPNAGQRIMVLKQPVGVCAAIT
PWNFPNGMITRKAGPALAAGCSMILKPASQTPLSALALAVLAERAGVPKGVFSVVTGEAKPIGLEFCHNPRIAKITFTGS
TGVGRWLMKEAAGGIKRLSLELGGNAPFIVFDDADLDAAVEGAMISKFRNAGQTCVCANRIYVQESVAAAFTERLLAKVS
GLSLGRGTDAGVSQGPLIDEKAVAKMEEHIADAMANGGTVLTGGKRSVLGGTFFEPTVVTGVTQTMKVAKEETFAPLAPI
ISFKHENDVIAMANDSEFGLASYFYAKDMARIWRVAEALEAGMVGVNTGMIANEMAPFGGIKQSGTGREGSKYGIEGFLE
LKYVALGGMLEHHHHHH
;
_entity_poly.pdbx_strand_id   A,B,C,D
#
# COMPACT_ATOMS: atom_id res chain seq x y z
N ALA A 8 48.48 -2.84 -3.32
CA ALA A 8 48.18 -3.19 -4.69
C ALA A 8 46.79 -2.70 -5.09
N LEU A 9 46.57 -1.41 -4.95
CA LEU A 9 45.26 -0.80 -5.18
C LEU A 9 45.28 0.02 -6.47
N LYS A 10 44.27 -0.19 -7.31
CA LYS A 10 44.13 0.63 -8.51
C LYS A 10 43.92 2.09 -8.14
N ASP A 11 43.15 2.34 -7.09
CA ASP A 11 42.94 3.69 -6.56
C ASP A 11 43.49 3.75 -5.14
N PRO A 12 44.68 4.29 -4.92
CA PRO A 12 45.23 4.32 -3.56
C PRO A 12 44.51 5.29 -2.63
N ALA A 13 43.71 6.21 -3.17
CA ALA A 13 42.95 7.11 -2.32
C ALA A 13 41.85 6.40 -1.55
N LEU A 14 41.51 5.16 -1.93
CA LEU A 14 40.51 4.41 -1.19
C LEU A 14 41.03 3.90 0.15
N LEU A 15 42.34 3.86 0.32
CA LEU A 15 42.94 3.57 1.61
C LEU A 15 43.35 4.90 2.25
N THR A 16 42.73 5.22 3.39
CA THR A 16 42.97 6.49 4.05
C THR A 16 43.20 6.25 5.53
N ASP A 17 43.90 7.20 6.15
CA ASP A 17 44.28 7.11 7.56
C ASP A 17 43.61 8.18 8.41
N LYS A 18 42.54 8.77 7.90
CA LYS A 18 41.88 9.89 8.56
C LYS A 18 40.39 9.62 8.68
N ALA A 19 39.77 10.24 9.67
CA ALA A 19 38.33 10.16 9.86
C ALA A 19 37.63 11.23 9.04
N PHE A 20 36.34 11.00 8.78
CA PHE A 20 35.52 11.88 7.96
C PHE A 20 34.55 12.63 8.86
N VAL A 21 34.83 13.91 9.09
CA VAL A 21 34.04 14.73 10.00
C VAL A 21 33.71 16.04 9.32
N ALA A 22 32.43 16.42 9.32
CA ALA A 22 31.94 17.64 8.67
C ALA A 22 32.34 17.69 7.19
N GLY A 23 32.39 16.53 6.55
CA GLY A 23 32.77 16.49 5.16
C GLY A 23 34.24 16.70 4.88
N ALA A 24 35.09 16.68 5.92
CA ALA A 24 36.52 16.89 5.77
C ALA A 24 37.28 15.73 6.39
N TRP A 25 38.51 15.54 5.95
CA TRP A 25 39.36 14.49 6.47
C TRP A 25 40.22 15.05 7.59
N ILE A 26 40.04 14.52 8.79
CA ILE A 26 40.70 15.03 9.99
C ILE A 26 41.37 13.87 10.72
N GLY A 27 42.37 14.22 11.52
CA GLY A 27 42.96 13.32 12.47
C GLY A 27 42.63 13.73 13.90
N ALA A 28 43.05 12.90 14.84
CA ALA A 28 42.84 13.20 16.24
C ALA A 28 43.68 14.42 16.62
N PRO A 29 43.11 15.41 17.31
CA PRO A 29 43.88 16.59 17.70
C PRO A 29 44.90 16.35 18.80
N ASP A 30 44.90 15.17 19.41
CA ASP A 30 45.89 14.79 20.40
C ASP A 30 46.90 13.79 19.86
N GLY A 31 46.85 13.48 18.57
CA GLY A 31 47.77 12.54 17.96
C GLY A 31 47.50 11.08 18.27
N LYS A 32 46.50 10.79 19.11
CA LYS A 32 46.18 9.41 19.42
C LYS A 32 45.64 8.70 18.18
N SER A 33 45.86 7.39 18.13
CA SER A 33 45.43 6.62 16.98
C SER A 33 45.21 5.17 17.38
N ILE A 34 44.53 4.44 16.51
CA ILE A 34 44.27 3.02 16.66
C ILE A 34 44.87 2.32 15.45
N ALA A 35 45.68 1.31 15.70
CA ALA A 35 46.29 0.55 14.62
C ALA A 35 45.29 -0.46 14.05
N VAL A 36 45.43 -0.73 12.76
CA VAL A 36 44.65 -1.77 12.08
C VAL A 36 45.63 -2.82 11.59
N THR A 37 45.36 -4.09 11.92
CA THR A 37 46.27 -5.17 11.62
C THR A 37 45.57 -6.24 10.78
N ASP A 38 46.36 -6.92 9.95
CA ASP A 38 45.84 -7.99 9.12
C ASP A 38 45.66 -9.25 9.95
N PRO A 39 44.46 -9.83 10.01
CA PRO A 39 44.27 -11.02 10.86
C PRO A 39 45.08 -12.23 10.42
N PHE A 40 45.54 -12.29 9.17
CA PHE A 40 46.26 -13.47 8.70
C PHE A 40 47.60 -13.61 9.41
N ASP A 41 48.36 -12.51 9.50
CA ASP A 41 49.67 -12.58 10.12
C ASP A 41 49.97 -11.40 11.04
N GLY A 42 48.97 -10.62 11.43
CA GLY A 42 49.22 -9.50 12.32
C GLY A 42 49.90 -8.31 11.71
N ALA A 43 50.03 -8.26 10.38
CA ALA A 43 50.73 -7.17 9.73
C ALA A 43 49.96 -5.86 9.89
N LEU A 44 50.69 -4.79 10.15
CA LEU A 44 50.08 -3.49 10.35
C LEU A 44 49.67 -2.87 9.02
N ILE A 45 48.49 -2.25 8.99
CA ILE A 45 47.95 -1.63 7.79
C ILE A 45 48.02 -0.10 7.87
N ALA A 46 47.35 0.49 8.85
CA ALA A 46 47.35 1.93 8.99
C ALA A 46 46.87 2.31 10.40
N ASN A 47 47.11 3.57 10.76
CA ASN A 47 46.69 4.11 12.05
C ASN A 47 45.55 5.09 11.81
N VAL A 48 44.34 4.71 12.21
CA VAL A 48 43.18 5.59 12.08
C VAL A 48 43.08 6.48 13.32
N PRO A 49 42.46 7.65 13.24
CA PRO A 49 42.36 8.51 14.41
C PRO A 49 41.53 7.90 15.52
N ASP A 50 41.89 8.24 16.75
CA ASP A 50 41.12 7.89 17.95
C ASP A 50 40.47 9.19 18.44
N LEU A 51 39.19 9.35 18.12
CA LEU A 51 38.49 10.60 18.34
C LEU A 51 37.77 10.61 19.68
N GLY A 52 37.88 11.74 20.39
CA GLY A 52 37.24 11.90 21.67
C GLY A 52 35.79 12.31 21.54
N GLN A 53 35.20 12.66 22.68
CA GLN A 53 33.79 13.04 22.70
CA GLN A 53 33.80 13.04 22.70
C GLN A 53 33.56 14.44 22.17
N ALA A 54 34.55 15.33 22.27
CA ALA A 54 34.36 16.70 21.78
C ALA A 54 34.34 16.76 20.26
N VAL A 55 35.25 16.03 19.61
CA VAL A 55 35.25 15.98 18.15
C VAL A 55 33.97 15.32 17.65
N VAL A 56 33.51 14.28 18.34
CA VAL A 56 32.25 13.64 17.95
C VAL A 56 31.08 14.61 18.14
N ALA A 57 31.12 15.44 19.19
CA ALA A 57 30.07 16.42 19.39
C ALA A 57 30.05 17.44 18.24
N GLN A 58 31.22 17.90 17.83
CA GLN A 58 31.29 18.81 16.69
C GLN A 58 30.80 18.14 15.42
N ALA A 59 31.12 16.86 15.24
CA ALA A 59 30.63 16.11 14.09
C ALA A 59 29.11 16.01 14.11
N ILE A 60 28.53 15.80 15.29
CA ILE A 60 27.08 15.72 15.40
C ILE A 60 26.43 17.05 15.07
N ASP A 61 27.04 18.16 15.51
CA ASP A 61 26.50 19.48 15.16
C ASP A 61 26.56 19.71 13.65
N ALA A 62 27.67 19.34 13.02
CA ALA A 62 27.77 19.48 11.57
C ALA A 62 26.74 18.61 10.87
N ALA A 63 26.53 17.39 11.37
CA ALA A 63 25.52 16.51 10.78
C ALA A 63 24.12 17.10 10.93
N ALA A 64 23.87 17.79 12.04
CA ALA A 64 22.56 18.42 12.23
C ALA A 64 22.33 19.52 11.22
N GLU A 65 23.32 20.40 11.03
CA GLU A 65 23.17 21.45 10.01
C GLU A 65 23.03 20.86 8.62
N ALA A 66 23.83 19.83 8.31
CA ALA A 66 23.75 19.19 7.00
C ALA A 66 22.39 18.55 6.78
N GLN A 67 21.84 17.92 7.82
CA GLN A 67 20.51 17.32 7.70
C GLN A 67 19.47 18.40 7.45
N LYS A 68 19.60 19.55 8.12
CA LYS A 68 18.68 20.65 7.86
C LYS A 68 18.73 21.07 6.39
N LEU A 69 19.93 21.11 5.81
CA LEU A 69 20.05 21.47 4.39
C LEU A 69 19.67 20.34 3.45
N TRP A 70 19.73 19.09 3.88
CA TRP A 70 19.62 17.92 3.04
C TRP A 70 18.19 17.41 2.89
N GLU A 71 17.34 17.67 3.88
CA GLU A 71 15.93 17.32 3.78
C GLU A 71 15.17 18.26 2.86
N ARG A 72 15.73 19.44 2.57
CA ARG A 72 15.07 20.38 1.67
C ARG A 72 15.32 20.08 0.21
N ARG A 73 16.29 19.22 -0.11
CA ARG A 73 16.49 18.80 -1.49
C ARG A 73 15.36 17.89 -1.92
N THR A 74 15.11 17.87 -3.24
CA THR A 74 14.06 17.01 -3.77
C THR A 74 14.47 15.55 -3.64
N ALA A 75 13.48 14.66 -3.67
CA ALA A 75 13.75 13.24 -3.62
C ALA A 75 14.55 12.78 -4.83
N LYS A 76 14.37 13.43 -5.98
CA LYS A 76 15.14 13.10 -7.17
C LYS A 76 16.63 13.38 -6.98
N GLU A 77 16.97 14.51 -6.37
CA GLU A 77 18.37 14.85 -6.14
C GLU A 77 19.04 13.87 -5.18
N ARG A 78 18.36 13.54 -4.08
CA ARG A 78 18.92 12.60 -3.13
C ARG A 78 19.05 11.20 -3.74
N ALA A 79 18.06 10.79 -4.54
CA ALA A 79 18.16 9.51 -5.23
C ALA A 79 19.31 9.50 -6.23
N GLN A 80 19.52 10.62 -6.93
CA GLN A 80 20.63 10.71 -7.87
C GLN A 80 21.97 10.61 -7.16
N VAL A 81 22.09 11.26 -6.00
CA VAL A 81 23.32 11.17 -5.22
C VAL A 81 23.55 9.72 -4.77
N LEU A 82 22.50 9.07 -4.29
CA LEU A 82 22.65 7.68 -3.82
C LEU A 82 22.99 6.74 -4.97
N LYS A 83 22.39 6.97 -6.15
CA LYS A 83 22.71 6.14 -7.31
C LYS A 83 24.15 6.37 -7.77
N ARG A 84 24.63 7.62 -7.74
CA ARG A 84 26.03 7.88 -8.03
C ARG A 84 26.94 7.16 -7.04
N TRP A 85 26.59 7.17 -5.76
CA TRP A 85 27.36 6.44 -4.76
C TRP A 85 27.39 4.94 -5.06
N TYR A 86 26.24 4.38 -5.44
CA TYR A 86 26.19 2.97 -5.79
C TYR A 86 27.05 2.66 -7.00
N ASP A 87 27.00 3.52 -8.02
CA ASP A 87 27.80 3.32 -9.22
C ASP A 87 29.29 3.36 -8.91
N LEU A 88 29.70 4.32 -8.08
CA LEU A 88 31.11 4.40 -7.69
C LEU A 88 31.53 3.19 -6.87
N ILE A 89 30.64 2.68 -6.01
CA ILE A 89 30.98 1.51 -5.21
C ILE A 89 31.17 0.29 -6.11
N VAL A 90 30.28 0.10 -7.08
CA VAL A 90 30.40 -1.06 -7.97
C VAL A 90 31.63 -0.91 -8.87
N GLU A 91 31.93 0.31 -9.31
CA GLU A 91 33.10 0.54 -10.17
C GLU A 91 34.40 0.19 -9.45
N ASN A 92 34.51 0.53 -8.17
CA ASN A 92 35.71 0.27 -7.38
C ASN A 92 35.57 -0.97 -6.51
N ALA A 93 34.86 -2.00 -6.98
CA ALA A 93 34.59 -3.15 -6.13
C ALA A 93 35.85 -3.96 -5.84
N ASP A 94 36.81 -3.97 -6.75
CA ASP A 94 38.01 -4.78 -6.53
C ASP A 94 38.91 -4.17 -5.47
N ASP A 95 39.11 -2.86 -5.50
CA ASP A 95 39.89 -2.21 -4.45
C ASP A 95 39.20 -2.32 -3.09
N LEU A 96 37.89 -2.15 -3.06
CA LEU A 96 37.14 -2.30 -1.82
C LEU A 96 37.24 -3.72 -1.29
N ALA A 97 37.15 -4.71 -2.18
CA ALA A 97 37.28 -6.10 -1.77
C ALA A 97 38.67 -6.39 -1.22
N LEU A 98 39.70 -5.82 -1.85
CA LEU A 98 41.07 -6.02 -1.35
C LEU A 98 41.24 -5.41 0.04
N ILE A 99 40.72 -4.19 0.24
CA ILE A 99 40.79 -3.57 1.56
C ILE A 99 40.05 -4.41 2.58
N LEU A 100 38.86 -4.91 2.22
CA LEU A 100 38.06 -5.70 3.14
C LEU A 100 38.77 -6.99 3.52
N THR A 101 39.35 -7.67 2.54
CA THR A 101 40.07 -8.92 2.82
C THR A 101 41.31 -8.65 3.68
N THR A 102 42.01 -7.55 3.41
CA THR A 102 43.17 -7.21 4.22
C THR A 102 42.79 -6.94 5.68
N GLU A 103 41.70 -6.21 5.90
CA GLU A 103 41.35 -5.81 7.26
C GLU A 103 40.64 -6.92 8.03
N GLN A 104 39.74 -7.65 7.37
CA GLN A 104 38.88 -8.63 8.03
C GLN A 104 39.35 -10.07 7.87
N GLY A 105 39.90 -10.41 6.71
CA GLY A 105 40.47 -11.73 6.51
C GLY A 105 39.67 -12.69 5.66
N LYS A 106 38.45 -12.32 5.27
CA LYS A 106 37.63 -13.21 4.47
C LYS A 106 38.20 -13.37 3.06
N PRO A 107 37.90 -14.47 2.39
CA PRO A 107 38.42 -14.68 1.03
C PRO A 107 37.99 -13.57 0.09
N LEU A 108 38.87 -13.26 -0.87
CA LEU A 108 38.67 -12.10 -1.73
C LEU A 108 37.39 -12.21 -2.53
N ALA A 109 37.02 -13.42 -2.95
CA ALA A 109 35.75 -13.62 -3.64
C ALA A 109 34.57 -13.26 -2.75
N GLU A 110 34.63 -13.67 -1.48
CA GLU A 110 33.57 -13.30 -0.53
C GLU A 110 33.53 -11.80 -0.30
N ALA A 111 34.70 -11.15 -0.24
CA ALA A 111 34.73 -9.71 -0.05
C ALA A 111 34.09 -8.99 -1.23
N ARG A 112 34.39 -9.43 -2.47
CA ARG A 112 33.78 -8.80 -3.63
C ARG A 112 32.27 -9.05 -3.67
N GLY A 113 31.85 -10.29 -3.38
CA GLY A 113 30.44 -10.56 -3.30
C GLY A 113 29.73 -9.70 -2.28
N GLU A 114 30.36 -9.49 -1.13
CA GLU A 114 29.80 -8.60 -0.11
C GLU A 114 29.65 -7.18 -0.65
N VAL A 115 30.70 -6.67 -1.30
CA VAL A 115 30.66 -5.29 -1.78
C VAL A 115 29.53 -5.09 -2.78
N VAL A 116 29.40 -6.01 -3.75
CA VAL A 116 28.35 -5.86 -4.75
C VAL A 116 26.96 -6.04 -4.13
N SER A 117 26.75 -7.17 -3.45
CA SER A 117 25.44 -7.51 -2.92
C SER A 117 24.99 -6.56 -1.82
N ASN A 118 25.88 -5.72 -1.29
CA ASN A 118 25.45 -4.72 -0.33
C ASN A 118 25.43 -3.30 -0.89
N ALA A 119 26.11 -3.03 -2.01
CA ALA A 119 25.80 -1.82 -2.76
C ALA A 119 24.40 -1.90 -3.35
N ALA A 120 23.90 -3.11 -3.56
CA ALA A 120 22.51 -3.27 -3.95
C ALA A 120 21.56 -2.56 -2.99
N TYR A 121 21.89 -2.50 -1.70
CA TYR A 121 21.06 -1.79 -0.74
C TYR A 121 21.01 -0.30 -1.06
N LEU A 122 22.15 0.29 -1.39
CA LEU A 122 22.19 1.70 -1.77
C LEU A 122 21.33 1.95 -3.00
N GLU A 123 21.41 1.05 -3.98
CA GLU A 123 20.57 1.20 -5.18
C GLU A 123 19.09 1.14 -4.83
N TRP A 124 18.71 0.14 -4.02
CA TRP A 124 17.31 -0.03 -3.65
C TRP A 124 16.77 1.18 -2.92
N PHE A 125 17.54 1.73 -1.99
CA PHE A 125 17.03 2.86 -1.24
C PHE A 125 17.12 4.17 -2.02
N ALA A 126 17.99 4.26 -3.03
CA ALA A 126 17.89 5.35 -3.98
C ALA A 126 16.54 5.30 -4.69
N GLU A 127 16.10 4.10 -5.08
CA GLU A 127 14.76 3.97 -5.65
C GLU A 127 13.68 4.32 -4.64
N GLU A 128 13.84 3.88 -3.38
CA GLU A 128 12.85 4.16 -2.35
C GLU A 128 12.75 5.63 -1.97
N ALA A 129 13.80 6.41 -2.21
CA ALA A 129 13.79 7.83 -1.85
C ALA A 129 12.67 8.59 -2.54
N LYS A 130 12.29 8.17 -3.74
CA LYS A 130 11.25 8.83 -4.51
CA LYS A 130 11.25 8.83 -4.51
C LYS A 130 9.87 8.26 -4.26
N ARG A 131 9.74 7.29 -3.36
CA ARG A 131 8.46 6.66 -3.08
C ARG A 131 8.00 6.88 -1.65
N ILE A 132 8.51 7.92 -0.98
CA ILE A 132 8.06 8.27 0.36
C ILE A 132 6.76 9.05 0.21
N ASP A 133 5.63 8.34 0.25
CA ASP A 133 4.33 8.91 -0.06
C ASP A 133 3.53 9.16 1.21
N GLY A 134 2.88 10.32 1.27
CA GLY A 134 1.92 10.59 2.32
C GLY A 134 0.58 9.98 1.99
N ASP A 135 -0.40 10.31 2.84
CA ASP A 135 -1.75 9.80 2.66
C ASP A 135 -2.75 10.94 2.75
N ILE A 136 -3.86 10.78 2.06
CA ILE A 136 -5.00 11.69 2.16
C ILE A 136 -6.15 10.87 2.71
N ILE A 137 -6.42 11.02 4.00
CA ILE A 137 -7.42 10.21 4.69
C ILE A 137 -8.77 10.90 4.58
N PRO A 138 -9.88 10.17 4.43
CA PRO A 138 -11.19 10.81 4.45
C PRO A 138 -11.41 11.56 5.76
N GLY A 139 -12.03 12.72 5.66
CA GLY A 139 -12.22 13.59 6.80
C GLY A 139 -13.36 13.13 7.68
N PRO A 140 -13.41 13.70 8.89
CA PRO A 140 -14.55 13.42 9.78
C PRO A 140 -15.79 14.22 9.43
N ASN A 141 -15.66 15.31 8.71
CA ASN A 141 -16.81 16.11 8.27
C ASN A 141 -16.38 16.90 7.04
N ALA A 142 -17.35 17.58 6.43
CA ALA A 142 -17.10 18.29 5.19
C ALA A 142 -16.12 19.43 5.35
N GLY A 143 -15.97 19.97 6.56
CA GLY A 143 -15.11 21.11 6.78
C GLY A 143 -13.66 20.80 7.06
N GLN A 144 -13.23 19.54 6.95
CA GLN A 144 -11.89 19.16 7.32
C GLN A 144 -11.34 18.08 6.40
N ARG A 145 -10.05 18.16 6.10
CA ARG A 145 -9.32 17.11 5.40
C ARG A 145 -8.18 16.63 6.28
N ILE A 146 -7.62 15.48 5.94
CA ILE A 146 -6.55 14.87 6.73
C ILE A 146 -5.42 14.48 5.80
N MET A 147 -4.23 15.03 6.06
CA MET A 147 -3.01 14.62 5.40
C MET A 147 -2.12 13.89 6.39
N VAL A 148 -1.41 12.88 5.91
CA VAL A 148 -0.38 12.21 6.69
C VAL A 148 0.92 12.35 5.93
N LEU A 149 1.81 13.21 6.42
CA LEU A 149 3.11 13.42 5.82
C LEU A 149 4.15 12.53 6.49
N LYS A 150 5.16 12.15 5.73
CA LYS A 150 6.30 11.40 6.25
C LYS A 150 7.52 12.29 6.17
N GLN A 151 8.20 12.49 7.30
CA GLN A 151 9.31 13.43 7.33
C GLN A 151 10.53 12.77 7.94
N PRO A 152 11.74 13.22 7.57
CA PRO A 152 12.95 12.61 8.13
C PRO A 152 13.03 12.81 9.64
N VAL A 153 13.47 11.76 10.33
CA VAL A 153 13.50 11.82 11.80
C VAL A 153 14.56 12.80 12.27
N GLY A 154 15.69 12.88 11.58
CA GLY A 154 16.73 13.84 11.94
C GLY A 154 18.13 13.31 11.70
N VAL A 155 19.01 13.49 12.67
CA VAL A 155 20.36 12.95 12.59
C VAL A 155 20.38 11.54 13.17
N CYS A 156 20.89 10.60 12.38
CA CYS A 156 20.98 9.21 12.79
C CYS A 156 22.43 8.84 13.07
N ALA A 157 22.64 7.99 14.05
CA ALA A 157 23.96 7.48 14.40
C ALA A 157 23.98 5.98 14.16
N ALA A 158 24.97 5.51 13.43
CA ALA A 158 25.11 4.10 13.11
C ALA A 158 26.35 3.53 13.78
N ILE A 159 26.21 2.32 14.32
CA ILE A 159 27.31 1.57 14.90
C ILE A 159 27.36 0.22 14.21
N THR A 160 28.49 -0.09 13.58
CA THR A 160 28.60 -1.31 12.80
C THR A 160 29.67 -2.22 13.39
N PRO A 161 29.54 -3.53 13.19
CA PRO A 161 30.55 -4.46 13.73
C PRO A 161 31.68 -4.75 12.75
N TRP A 162 32.65 -5.55 13.19
CA TRP A 162 33.68 -6.09 12.32
C TRP A 162 33.18 -7.20 11.43
N ASN A 163 31.98 -7.72 11.69
CA ASN A 163 31.48 -8.89 10.98
C ASN A 163 31.41 -8.63 9.49
N PHE A 164 30.85 -7.49 9.09
CA PHE A 164 30.77 -7.09 7.69
C PHE A 164 31.27 -5.66 7.63
N PRO A 165 32.56 -5.47 7.39
CA PRO A 165 33.12 -4.10 7.41
C PRO A 165 32.47 -3.16 6.41
N ASN A 166 31.94 -3.69 5.31
CA ASN A 166 31.26 -2.87 4.32
C ASN A 166 29.77 -3.16 4.22
N GLY A 167 29.37 -4.41 4.44
CA GLY A 167 27.99 -4.81 4.18
C GLY A 167 26.97 -4.08 5.03
N MET A 168 27.26 -3.92 6.33
CA MET A 168 26.31 -3.30 7.24
C MET A 168 26.22 -1.79 7.07
N ILE A 169 27.23 -1.17 6.47
CA ILE A 169 27.24 0.29 6.36
C ILE A 169 26.25 0.77 5.31
N THR A 170 26.19 0.09 4.16
CA THR A 170 25.30 0.53 3.10
C THR A 170 23.84 0.39 3.50
N ARG A 171 23.47 -0.71 4.16
CA ARG A 171 22.09 -0.92 4.55
C ARG A 171 21.65 0.00 5.69
N LYS A 172 22.57 0.74 6.31
CA LYS A 172 22.22 1.78 7.26
C LYS A 172 22.25 3.17 6.65
N ALA A 173 23.23 3.45 5.78
CA ALA A 173 23.36 4.76 5.18
C ALA A 173 22.35 5.02 4.08
N GLY A 174 21.98 3.98 3.32
CA GLY A 174 21.02 4.12 2.25
C GLY A 174 19.68 4.62 2.70
N PRO A 175 19.00 3.88 3.58
CA PRO A 175 17.67 4.35 4.04
C PRO A 175 17.73 5.69 4.76
N ALA A 176 18.79 5.93 5.55
CA ALA A 176 18.90 7.20 6.26
C ALA A 176 19.02 8.36 5.28
N LEU A 177 19.86 8.21 4.25
CA LEU A 177 20.04 9.31 3.30
C LEU A 177 18.82 9.46 2.41
N ALA A 178 18.21 8.34 2.00
CA ALA A 178 17.02 8.39 1.16
C ALA A 178 15.88 9.10 1.87
N ALA A 179 15.66 8.79 3.15
CA ALA A 179 14.63 9.47 3.92
C ALA A 179 14.90 10.96 4.08
N GLY A 180 16.14 11.39 3.87
CA GLY A 180 16.53 12.76 4.15
C GLY A 180 17.24 12.95 5.46
N CYS A 181 17.60 11.87 6.15
CA CYS A 181 18.33 11.94 7.40
C CYS A 181 19.83 11.96 7.13
N SER A 182 20.57 12.53 8.09
CA SER A 182 22.03 12.48 8.06
CA SER A 182 22.03 12.46 8.04
C SER A 182 22.52 11.33 8.92
N MET A 183 23.68 10.81 8.57
CA MET A 183 24.27 9.68 9.26
C MET A 183 25.66 10.03 9.77
N ILE A 184 25.95 9.64 11.00
CA ILE A 184 27.29 9.64 11.55
C ILE A 184 27.58 8.23 12.03
N LEU A 185 28.57 7.60 11.42
CA LEU A 185 28.84 6.18 11.62
C LEU A 185 30.12 5.98 12.42
N LYS A 186 30.06 5.08 13.39
CA LYS A 186 31.25 4.63 14.12
C LYS A 186 31.50 3.18 13.78
N PRO A 187 32.41 2.88 12.86
CA PRO A 187 32.68 1.48 12.52
C PRO A 187 33.50 0.80 13.60
N ALA A 188 33.54 -0.52 13.52
CA ALA A 188 34.33 -1.30 14.47
C ALA A 188 35.81 -0.94 14.35
N SER A 189 36.49 -0.91 15.49
CA SER A 189 37.90 -0.53 15.49
C SER A 189 38.76 -1.58 14.79
N GLN A 190 38.32 -2.83 14.78
CA GLN A 190 39.08 -3.88 14.11
C GLN A 190 39.15 -3.63 12.61
N THR A 191 38.05 -3.21 12.00
CA THR A 191 37.94 -3.05 10.55
C THR A 191 37.32 -1.71 10.20
N PRO A 192 38.04 -0.61 10.40
CA PRO A 192 37.50 0.72 10.07
C PRO A 192 37.77 1.20 8.65
N LEU A 193 38.54 0.46 7.86
CA LEU A 193 39.01 0.98 6.58
C LEU A 193 37.93 0.94 5.49
N SER A 194 37.05 -0.06 5.53
CA SER A 194 35.97 -0.12 4.56
C SER A 194 35.03 1.08 4.69
N ALA A 195 34.74 1.49 5.93
CA ALA A 195 33.92 2.66 6.16
C ALA A 195 34.57 3.90 5.58
N LEU A 196 35.86 4.07 5.79
CA LEU A 196 36.54 5.25 5.29
C LEU A 196 36.61 5.24 3.76
N ALA A 197 36.78 4.07 3.16
CA ALA A 197 36.76 3.99 1.70
C ALA A 197 35.38 4.35 1.15
N LEU A 198 34.32 3.86 1.78
CA LEU A 198 32.97 4.26 1.38
C LEU A 198 32.76 5.75 1.57
N ALA A 199 33.40 6.33 2.60
CA ALA A 199 33.31 7.78 2.78
C ALA A 199 34.00 8.54 1.66
N VAL A 200 35.16 8.03 1.21
CA VAL A 200 35.83 8.64 0.06
C VAL A 200 34.91 8.61 -1.15
N LEU A 201 34.29 7.45 -1.39
CA LEU A 201 33.39 7.32 -2.54
C LEU A 201 32.16 8.22 -2.39
N ALA A 202 31.63 8.35 -1.17
CA ALA A 202 30.47 9.20 -0.92
C ALA A 202 30.79 10.66 -1.19
N GLU A 203 31.96 11.12 -0.73
CA GLU A 203 32.39 12.48 -1.07
C GLU A 203 32.56 12.64 -2.57
N ARG A 204 33.11 11.62 -3.23
CA ARG A 204 33.24 11.67 -4.68
C ARG A 204 31.88 11.64 -5.38
N ALA A 205 30.87 11.04 -4.75
CA ALA A 205 29.55 10.90 -5.34
C ALA A 205 28.69 12.16 -5.18
N GLY A 206 29.17 13.17 -4.48
CA GLY A 206 28.39 14.36 -4.27
C GLY A 206 27.56 14.39 -3.01
N VAL A 207 27.81 13.50 -2.06
CA VAL A 207 27.14 13.62 -0.76
C VAL A 207 27.57 14.93 -0.11
N PRO A 208 26.66 15.79 0.30
CA PRO A 208 27.05 17.09 0.86
C PRO A 208 27.79 16.94 2.18
N LYS A 209 28.57 17.97 2.49
CA LYS A 209 29.39 17.98 3.70
C LYS A 209 28.51 17.82 4.94
N GLY A 210 28.82 16.82 5.76
CA GLY A 210 28.12 16.58 7.00
C GLY A 210 27.03 15.53 6.92
N VAL A 211 26.51 15.25 5.71
CA VAL A 211 25.43 14.28 5.59
C VAL A 211 25.92 12.88 5.91
N PHE A 212 27.14 12.56 5.51
CA PHE A 212 27.77 11.29 5.85
C PHE A 212 29.04 11.57 6.62
N SER A 213 29.21 10.89 7.74
CA SER A 213 30.37 11.06 8.60
C SER A 213 30.81 9.71 9.14
N VAL A 214 32.12 9.49 9.18
CA VAL A 214 32.70 8.29 9.75
C VAL A 214 33.65 8.72 10.86
N VAL A 215 33.43 8.23 12.07
CA VAL A 215 34.23 8.58 13.23
C VAL A 215 34.78 7.30 13.83
N THR A 216 36.07 7.32 14.16
CA THR A 216 36.74 6.19 14.78
C THR A 216 37.23 6.60 16.17
N GLY A 217 37.37 5.61 17.04
CA GLY A 217 37.85 5.85 18.38
C GLY A 217 37.33 4.81 19.33
N GLU A 218 37.53 5.07 20.62
CA GLU A 218 37.05 4.17 21.66
C GLU A 218 35.54 4.05 21.59
N ALA A 219 35.05 2.80 21.64
CA ALA A 219 33.64 2.53 21.37
C ALA A 219 32.73 3.13 22.44
N LYS A 220 33.06 2.93 23.71
CA LYS A 220 32.16 3.36 24.79
C LYS A 220 31.96 4.86 24.85
N PRO A 221 32.99 5.71 24.80
CA PRO A 221 32.73 7.17 24.82
C PRO A 221 31.90 7.65 23.63
N ILE A 222 32.14 7.10 22.43
CA ILE A 222 31.36 7.52 21.27
C ILE A 222 29.92 7.05 21.39
N GLY A 223 29.71 5.84 21.90
CA GLY A 223 28.36 5.37 22.14
C GLY A 223 27.64 6.21 23.17
N LEU A 224 28.35 6.63 24.21
CA LEU A 224 27.76 7.52 25.20
C LEU A 224 27.38 8.87 24.58
N GLU A 225 28.26 9.41 23.73
CA GLU A 225 27.96 10.66 23.05
C GLU A 225 26.75 10.52 22.13
N PHE A 226 26.64 9.37 21.45
CA PHE A 226 25.49 9.12 20.61
C PHE A 226 24.21 9.05 21.42
N CYS A 227 24.27 8.39 22.58
CA CYS A 227 23.07 8.19 23.39
C CYS A 227 22.65 9.43 24.14
N HIS A 228 23.58 10.33 24.46
CA HIS A 228 23.27 11.47 25.31
C HIS A 228 23.18 12.79 24.55
N ASN A 229 23.47 12.81 23.26
CA ASN A 229 23.35 14.04 22.49
C ASN A 229 21.90 14.24 22.08
N PRO A 230 21.27 15.35 22.46
CA PRO A 230 19.86 15.57 22.07
C PRO A 230 19.66 15.68 20.57
N ARG A 231 20.70 16.01 19.80
CA ARG A 231 20.57 16.16 18.36
C ARG A 231 20.66 14.84 17.61
N ILE A 232 20.86 13.72 18.31
CA ILE A 232 20.82 12.40 17.70
C ILE A 232 19.40 11.88 17.87
N ALA A 233 18.63 11.91 16.78
CA ALA A 233 17.24 11.47 16.85
C ALA A 233 17.14 9.94 16.90
N LYS A 234 17.94 9.25 16.11
CA LYS A 234 17.81 7.80 15.95
C LYS A 234 19.20 7.17 16.01
N ILE A 235 19.25 5.95 16.54
CA ILE A 235 20.49 5.18 16.60
C ILE A 235 20.22 3.80 16.01
N THR A 236 20.99 3.43 15.00
CA THR A 236 20.96 2.09 14.43
C THR A 236 22.20 1.34 14.87
N PHE A 237 22.00 0.14 15.41
CA PHE A 237 23.11 -0.64 15.95
C PHE A 237 23.05 -2.06 15.43
N THR A 238 24.23 -2.58 15.06
CA THR A 238 24.42 -3.97 14.72
C THR A 238 25.60 -4.49 15.51
N GLY A 239 25.41 -5.61 16.20
CA GLY A 239 26.46 -6.13 17.05
C GLY A 239 25.91 -7.18 18.00
N SER A 240 26.60 -7.33 19.13
CA SER A 240 26.24 -8.33 20.12
C SER A 240 25.04 -7.89 20.94
N THR A 241 24.43 -8.86 21.62
CA THR A 241 23.26 -8.58 22.45
C THR A 241 23.61 -7.69 23.64
N GLY A 242 24.77 -7.91 24.25
CA GLY A 242 25.14 -7.14 25.43
C GLY A 242 25.32 -5.67 25.14
N VAL A 243 26.03 -5.34 24.04
CA VAL A 243 26.21 -3.94 23.69
C VAL A 243 24.88 -3.32 23.29
N GLY A 244 23.99 -4.09 22.65
CA GLY A 244 22.67 -3.57 22.35
C GLY A 244 21.87 -3.23 23.60
N ARG A 245 21.93 -4.11 24.61
CA ARG A 245 21.27 -3.83 25.88
C ARG A 245 21.87 -2.60 26.55
N TRP A 246 23.19 -2.48 26.52
CA TRP A 246 23.83 -1.29 27.09
C TRP A 246 23.38 -0.03 26.38
N LEU A 247 23.32 -0.07 25.05
CA LEU A 247 22.88 1.10 24.29
C LEU A 247 21.44 1.45 24.62
N MET A 248 20.57 0.45 24.70
CA MET A 248 19.16 0.71 24.96
C MET A 248 18.95 1.26 26.36
N LYS A 249 19.76 0.80 27.32
CA LYS A 249 19.71 1.38 28.66
C LYS A 249 20.22 2.81 28.67
N GLU A 250 21.29 3.09 27.92
CA GLU A 250 21.87 4.43 27.92
C GLU A 250 21.05 5.42 27.11
N ALA A 251 20.30 4.97 26.12
CA ALA A 251 19.46 5.84 25.32
C ALA A 251 18.09 6.09 25.93
N ALA A 252 17.81 5.48 27.09
CA ALA A 252 16.49 5.59 27.70
C ALA A 252 16.19 7.01 28.14
N GLY A 253 17.20 7.71 28.70
CA GLY A 253 16.97 9.04 29.21
C GLY A 253 16.58 10.06 28.16
N GLY A 254 16.80 9.76 26.89
CA GLY A 254 16.48 10.71 25.83
C GLY A 254 15.35 10.26 24.93
N ILE A 255 14.78 9.08 25.21
CA ILE A 255 13.73 8.48 24.39
C ILE A 255 14.17 8.53 22.93
N LYS A 256 15.22 7.80 22.60
CA LYS A 256 15.78 7.77 21.26
C LYS A 256 15.25 6.56 20.52
N ARG A 257 14.91 6.74 19.25
CA ARG A 257 14.53 5.61 18.42
C ARG A 257 15.73 4.69 18.24
N LEU A 258 15.55 3.41 18.54
CA LEU A 258 16.63 2.45 18.51
C LEU A 258 16.25 1.28 17.60
N SER A 259 17.07 1.02 16.60
CA SER A 259 16.94 -0.15 15.75
C SER A 259 18.14 -1.04 16.02
N LEU A 260 17.89 -2.29 16.38
CA LEU A 260 18.93 -3.21 16.82
C LEU A 260 18.87 -4.48 16.00
N GLU A 261 20.02 -4.92 15.51
CA GLU A 261 20.18 -6.25 14.94
C GLU A 261 21.23 -6.96 15.79
N LEU A 262 20.81 -7.91 16.59
CA LEU A 262 21.65 -8.61 17.55
C LEU A 262 21.86 -10.05 17.10
N GLY A 263 22.53 -10.83 17.93
CA GLY A 263 22.90 -12.17 17.55
C GLY A 263 21.71 -13.11 17.46
N GLY A 264 21.92 -14.21 16.74
CA GLY A 264 20.91 -15.23 16.59
C GLY A 264 21.49 -16.61 16.83
N ASN A 265 20.60 -17.58 16.98
CA ASN A 265 20.96 -18.99 17.15
C ASN A 265 20.14 -19.77 16.12
N ALA A 266 20.65 -19.85 14.90
CA ALA A 266 19.85 -20.28 13.76
C ALA A 266 19.78 -21.80 13.67
N PRO A 267 18.60 -22.40 13.75
CA PRO A 267 18.48 -23.84 13.52
C PRO A 267 18.46 -24.17 12.04
N PHE A 268 18.84 -25.42 11.74
CA PHE A 268 18.91 -25.93 10.37
C PHE A 268 18.31 -27.33 10.39
N ILE A 269 17.08 -27.46 9.91
CA ILE A 269 16.32 -28.70 10.01
C ILE A 269 16.31 -29.40 8.66
N VAL A 270 16.53 -30.71 8.67
CA VAL A 270 16.48 -31.54 7.47
C VAL A 270 15.45 -32.63 7.72
N PHE A 271 14.32 -32.56 7.04
CA PHE A 271 13.25 -33.54 7.17
C PHE A 271 13.48 -34.72 6.24
N ASP A 272 12.75 -35.81 6.50
CA ASP A 272 12.92 -37.02 5.69
C ASP A 272 12.38 -36.87 4.28
N ASP A 273 11.60 -35.82 3.99
CA ASP A 273 11.08 -35.58 2.66
C ASP A 273 11.85 -34.48 1.94
N ALA A 274 13.10 -34.25 2.32
CA ALA A 274 13.92 -33.17 1.78
C ALA A 274 14.84 -33.69 0.66
N ASP A 275 15.37 -32.75 -0.10
CA ASP A 275 16.40 -33.04 -1.10
C ASP A 275 17.76 -33.01 -0.41
N LEU A 276 18.35 -34.19 -0.23
CA LEU A 276 19.53 -34.31 0.62
C LEU A 276 20.72 -33.55 0.07
N ASP A 277 20.95 -33.63 -1.25
CA ASP A 277 22.05 -32.87 -1.84
C ASP A 277 21.84 -31.38 -1.68
N ALA A 278 20.60 -30.91 -1.89
CA ALA A 278 20.30 -29.51 -1.66
C ALA A 278 20.49 -29.14 -0.20
N ALA A 279 20.11 -30.04 0.71
CA ALA A 279 20.28 -29.75 2.14
C ALA A 279 21.75 -29.62 2.50
N VAL A 280 22.60 -30.50 1.95
CA VAL A 280 24.03 -30.43 2.25
C VAL A 280 24.64 -29.16 1.66
N GLU A 281 24.26 -28.79 0.43
CA GLU A 281 24.76 -27.55 -0.14
C GLU A 281 24.31 -26.34 0.66
N GLY A 282 23.05 -26.34 1.11
CA GLY A 282 22.56 -25.25 1.92
C GLY A 282 23.26 -25.16 3.27
N ALA A 283 23.53 -26.31 3.89
CA ALA A 283 24.28 -26.30 5.15
C ALA A 283 25.70 -25.79 4.94
N MET A 284 26.33 -26.17 3.82
CA MET A 284 27.68 -25.70 3.53
C MET A 284 27.71 -24.19 3.37
N ILE A 285 26.73 -23.62 2.64
CA ILE A 285 26.78 -22.17 2.45
C ILE A 285 26.31 -21.42 3.70
N SER A 286 25.36 -21.97 4.45
CA SER A 286 24.83 -21.28 5.62
CA SER A 286 24.84 -21.27 5.62
C SER A 286 25.80 -21.31 6.80
N LYS A 287 26.47 -22.45 7.01
CA LYS A 287 27.33 -22.59 8.17
C LYS A 287 28.71 -21.99 7.94
N PHE A 288 29.37 -22.38 6.85
CA PHE A 288 30.80 -22.13 6.71
C PHE A 288 31.13 -20.84 5.98
N ARG A 289 30.14 -20.08 5.54
CA ARG A 289 30.42 -18.77 4.96
C ARG A 289 30.99 -17.84 6.03
N ASN A 290 32.00 -17.07 5.63
CA ASN A 290 32.72 -16.18 6.54
C ASN A 290 33.34 -16.94 7.71
N ALA A 291 33.67 -18.21 7.48
CA ALA A 291 34.19 -19.11 8.51
C ALA A 291 33.23 -19.17 9.69
N GLY A 292 31.94 -19.16 9.41
CA GLY A 292 30.95 -19.20 10.46
C GLY A 292 30.74 -17.91 11.21
N GLN A 293 31.36 -16.82 10.76
CA GLN A 293 31.21 -15.52 11.42
C GLN A 293 30.19 -14.71 10.62
N THR A 294 28.91 -15.02 10.85
CA THR A 294 27.81 -14.30 10.24
C THR A 294 26.63 -14.39 11.19
N CYS A 295 25.86 -13.30 11.31
CA CYS A 295 24.71 -13.30 12.19
C CYS A 295 23.63 -14.27 11.73
N VAL A 296 23.61 -14.62 10.44
CA VAL A 296 22.64 -15.57 9.91
C VAL A 296 23.20 -16.97 9.77
N CYS A 297 24.46 -17.18 10.13
CA CYS A 297 25.08 -18.49 10.02
C CYS A 297 24.30 -19.52 10.82
N ALA A 298 24.13 -20.70 10.25
CA ALA A 298 23.52 -21.79 11.00
C ALA A 298 24.36 -22.11 12.23
N ASN A 299 23.68 -22.46 13.32
CA ASN A 299 24.37 -22.81 14.56
C ASN A 299 23.99 -24.17 15.09
N ARG A 300 22.83 -24.70 14.74
CA ARG A 300 22.41 -26.05 15.11
C ARG A 300 21.83 -26.71 13.87
N ILE A 301 22.21 -27.96 13.62
CA ILE A 301 21.75 -28.67 12.44
C ILE A 301 20.94 -29.87 12.92
N TYR A 302 19.63 -29.82 12.71
CA TYR A 302 18.72 -30.90 13.10
C TYR A 302 18.42 -31.77 11.90
N VAL A 303 18.51 -33.08 12.08
CA VAL A 303 18.24 -34.04 11.02
C VAL A 303 17.29 -35.11 11.56
N GLN A 304 16.31 -35.48 10.75
CA GLN A 304 15.42 -36.56 11.13
C GLN A 304 16.20 -37.88 11.19
N GLU A 305 15.68 -38.81 12.01
CA GLU A 305 16.43 -40.02 12.33
C GLU A 305 16.67 -40.88 11.10
N SER A 306 15.75 -40.85 10.14
CA SER A 306 15.83 -41.74 8.98
C SER A 306 16.73 -41.21 7.88
N VAL A 307 17.34 -40.05 8.05
CA VAL A 307 18.08 -39.38 6.98
C VAL A 307 19.44 -38.94 7.49
N ALA A 308 19.64 -39.03 8.81
CA ALA A 308 20.81 -38.41 9.45
C ALA A 308 22.12 -38.99 8.93
N ALA A 309 22.18 -40.30 8.73
CA ALA A 309 23.43 -40.92 8.31
C ALA A 309 23.86 -40.43 6.93
N ALA A 310 22.94 -40.46 5.96
CA ALA A 310 23.28 -40.03 4.61
C ALA A 310 23.62 -38.54 4.58
N PHE A 311 22.87 -37.73 5.34
CA PHE A 311 23.18 -36.31 5.40
C PHE A 311 24.56 -36.07 5.95
N THR A 312 24.94 -36.76 7.03
CA THR A 312 26.25 -36.54 7.62
C THR A 312 27.36 -37.07 6.72
N GLU A 313 27.11 -38.14 5.97
CA GLU A 313 28.11 -38.63 5.03
C GLU A 313 28.37 -37.62 3.93
N ARG A 314 27.32 -37.09 3.32
CA ARG A 314 27.50 -36.08 2.27
C ARG A 314 28.11 -34.81 2.85
N LEU A 315 27.71 -34.44 4.07
CA LEU A 315 28.27 -33.25 4.71
C LEU A 315 29.76 -33.40 4.97
N LEU A 316 30.18 -34.58 5.42
CA LEU A 316 31.61 -34.82 5.62
C LEU A 316 32.36 -34.78 4.29
N ALA A 317 31.78 -35.36 3.25
CA ALA A 317 32.41 -35.30 1.93
C ALA A 317 32.58 -33.86 1.46
N LYS A 318 31.61 -33.00 1.74
CA LYS A 318 31.73 -31.60 1.33
C LYS A 318 32.67 -30.81 2.23
N VAL A 319 32.73 -31.13 3.53
CA VAL A 319 33.62 -30.41 4.44
C VAL A 319 35.07 -30.79 4.16
N SER A 320 35.31 -32.01 3.67
CA SER A 320 36.67 -32.40 3.31
C SER A 320 37.26 -31.48 2.26
N GLY A 321 36.43 -30.88 1.41
CA GLY A 321 36.90 -30.01 0.35
C GLY A 321 37.21 -28.59 0.75
N LEU A 322 36.98 -28.22 2.01
CA LEU A 322 37.28 -26.87 2.45
C LEU A 322 38.78 -26.65 2.57
N SER A 323 39.23 -25.46 2.17
CA SER A 323 40.66 -25.14 2.16
C SER A 323 40.90 -23.83 2.89
N LEU A 324 41.78 -23.87 3.89
CA LEU A 324 42.12 -22.70 4.69
C LEU A 324 43.36 -22.02 4.11
N GLY A 325 43.60 -20.81 4.58
CA GLY A 325 44.76 -20.05 4.16
C GLY A 325 44.41 -18.58 4.05
N ARG A 326 45.33 -17.83 3.42
CA ARG A 326 45.14 -16.40 3.22
C ARG A 326 44.00 -16.14 2.26
N GLY A 327 43.28 -15.05 2.52
CA GLY A 327 42.12 -14.71 1.69
C GLY A 327 42.45 -14.44 0.25
N THR A 328 43.62 -13.82 0.00
CA THR A 328 44.04 -13.49 -1.35
C THR A 328 44.68 -14.68 -2.09
N ASP A 329 44.46 -15.90 -1.61
CA ASP A 329 45.01 -17.09 -2.23
C ASP A 329 43.92 -17.84 -2.97
N ALA A 330 44.22 -18.22 -4.22
CA ALA A 330 43.24 -18.94 -5.02
C ALA A 330 42.93 -20.30 -4.42
N GLY A 331 41.65 -20.65 -4.41
CA GLY A 331 41.20 -21.90 -3.85
C GLY A 331 40.96 -21.89 -2.35
N VAL A 332 41.15 -20.75 -1.69
CA VAL A 332 40.96 -20.66 -0.24
C VAL A 332 39.50 -20.34 0.03
N SER A 333 38.86 -21.18 0.83
CA SER A 333 37.46 -20.99 1.20
C SER A 333 37.28 -20.44 2.61
N GLN A 334 38.24 -20.67 3.49
CA GLN A 334 38.12 -20.31 4.90
C GLN A 334 39.28 -19.42 5.31
N GLY A 335 38.97 -18.29 5.92
CA GLY A 335 39.97 -17.41 6.48
C GLY A 335 40.08 -17.59 7.97
N PRO A 336 40.97 -16.84 8.60
CA PRO A 336 41.13 -16.94 10.06
C PRO A 336 39.98 -16.30 10.80
N LEU A 337 39.76 -16.77 12.03
CA LEU A 337 38.81 -16.12 12.90
C LEU A 337 39.30 -14.73 13.28
N ILE A 338 38.39 -13.92 13.81
CA ILE A 338 38.69 -12.50 14.01
C ILE A 338 39.80 -12.32 15.03
N ASP A 339 39.84 -13.16 16.06
CA ASP A 339 40.81 -13.02 17.13
C ASP A 339 40.89 -14.34 17.89
N GLU A 340 41.67 -14.33 18.97
CA GLU A 340 41.87 -15.54 19.77
C GLU A 340 40.65 -15.90 20.60
N LYS A 341 39.81 -14.91 20.95
CA LYS A 341 38.61 -15.20 21.72
C LYS A 341 37.66 -16.11 20.94
N ALA A 342 37.56 -15.92 19.63
CA ALA A 342 36.74 -16.81 18.82
C ALA A 342 37.26 -18.24 18.86
N VAL A 343 38.58 -18.40 18.78
CA VAL A 343 39.17 -19.74 18.87
C VAL A 343 38.88 -20.35 20.23
N ALA A 344 39.01 -19.56 21.30
CA ALA A 344 38.75 -20.07 22.63
C ALA A 344 37.29 -20.51 22.79
N LYS A 345 36.35 -19.71 22.28
CA LYS A 345 34.95 -20.07 22.36
C LYS A 345 34.65 -21.33 21.57
N MET A 346 35.23 -21.45 20.36
CA MET A 346 35.01 -22.64 19.56
C MET A 346 35.57 -23.89 20.25
N GLU A 347 36.75 -23.76 20.84
CA GLU A 347 37.33 -24.86 21.60
C GLU A 347 36.46 -25.23 22.79
N GLU A 348 35.91 -24.23 23.48
CA GLU A 348 35.04 -24.50 24.61
C GLU A 348 33.79 -25.25 24.18
N HIS A 349 33.19 -24.83 23.06
CA HIS A 349 32.02 -25.53 22.55
C HIS A 349 32.34 -26.97 22.16
N ILE A 350 33.48 -27.18 21.49
CA ILE A 350 33.87 -28.54 21.11
C ILE A 350 34.14 -29.39 22.35
N ALA A 351 34.78 -28.82 23.37
CA ALA A 351 35.07 -29.56 24.59
C ALA A 351 33.79 -29.94 25.31
N ASP A 352 32.84 -29.01 25.40
CA ASP A 352 31.56 -29.32 26.03
C ASP A 352 30.81 -30.39 25.25
N ALA A 353 30.86 -30.32 23.92
CA ALA A 353 30.23 -31.35 23.11
C ALA A 353 30.85 -32.72 23.36
N MET A 354 32.18 -32.78 23.43
CA MET A 354 32.86 -34.05 23.67
C MET A 354 32.54 -34.59 25.05
N ALA A 355 32.52 -33.73 26.07
CA ALA A 355 32.29 -34.19 27.43
C ALA A 355 30.85 -34.61 27.64
N ASN A 356 29.90 -33.93 27.00
CA ASN A 356 28.48 -34.19 27.24
C ASN A 356 27.95 -35.37 26.44
N GLY A 357 28.76 -35.99 25.59
CA GLY A 357 28.32 -37.19 24.90
C GLY A 357 28.51 -37.18 23.40
N GLY A 358 28.79 -36.00 22.83
CA GLY A 358 28.93 -35.89 21.40
C GLY A 358 30.25 -36.45 20.88
N THR A 359 30.28 -36.66 19.57
CA THR A 359 31.45 -37.23 18.90
C THR A 359 31.88 -36.31 17.78
N VAL A 360 33.15 -35.91 17.80
CA VAL A 360 33.72 -35.09 16.74
C VAL A 360 34.00 -36.01 15.54
N LEU A 361 33.28 -35.80 14.44
CA LEU A 361 33.49 -36.60 13.24
C LEU A 361 34.60 -36.03 12.35
N THR A 362 34.76 -34.72 12.32
CA THR A 362 35.83 -34.13 11.53
C THR A 362 36.31 -32.86 12.20
N GLY A 363 37.60 -32.59 12.07
CA GLY A 363 38.17 -31.38 12.66
C GLY A 363 38.28 -31.51 14.17
N GLY A 364 38.01 -30.41 14.87
CA GLY A 364 38.05 -30.39 16.32
C GLY A 364 39.29 -29.78 16.93
N LYS A 365 40.14 -29.15 16.13
CA LYS A 365 41.38 -28.55 16.64
C LYS A 365 41.82 -27.45 15.69
N ARG A 366 42.74 -26.62 16.17
CA ARG A 366 43.32 -25.58 15.34
C ARG A 366 44.09 -26.19 14.18
N SER A 367 44.04 -25.51 13.03
CA SER A 367 44.73 -26.01 11.85
C SER A 367 46.23 -25.78 11.97
N VAL A 368 46.98 -26.49 11.13
CA VAL A 368 48.44 -26.41 11.16
C VAL A 368 48.95 -25.04 10.74
N LEU A 369 48.09 -24.22 10.11
CA LEU A 369 48.49 -22.86 9.73
C LEU A 369 48.81 -22.00 10.94
N GLY A 370 48.31 -22.34 12.11
CA GLY A 370 48.54 -21.55 13.29
C GLY A 370 47.70 -20.29 13.31
N GLY A 371 48.04 -19.40 14.23
CA GLY A 371 47.27 -18.19 14.42
C GLY A 371 45.84 -18.52 14.81
N THR A 372 44.89 -17.81 14.19
CA THR A 372 43.48 -17.94 14.53
C THR A 372 42.72 -18.86 13.57
N PHE A 373 43.42 -19.56 12.69
CA PHE A 373 42.77 -20.53 11.82
C PHE A 373 42.28 -21.73 12.64
N PHE A 374 41.15 -22.30 12.21
CA PHE A 374 40.56 -23.46 12.87
C PHE A 374 40.04 -24.42 11.83
N GLU A 375 40.25 -25.72 12.07
CA GLU A 375 39.72 -26.73 11.16
C GLU A 375 38.19 -26.75 11.21
N PRO A 376 37.53 -26.80 10.05
CA PRO A 376 36.06 -26.97 10.05
C PRO A 376 35.69 -28.26 10.75
N THR A 377 34.86 -28.13 11.78
CA THR A 377 34.54 -29.23 12.68
C THR A 377 33.10 -29.68 12.46
N VAL A 378 32.92 -30.98 12.29
CA VAL A 378 31.61 -31.61 12.24
C VAL A 378 31.52 -32.58 13.42
N VAL A 379 30.52 -32.36 14.28
CA VAL A 379 30.32 -33.14 15.50
C VAL A 379 28.91 -33.73 15.45
N THR A 380 28.82 -35.04 15.67
CA THR A 380 27.56 -35.74 15.77
C THR A 380 27.26 -36.05 17.25
N GLY A 381 26.00 -36.35 17.51
CA GLY A 381 25.56 -36.69 18.86
C GLY A 381 25.28 -35.50 19.76
N VAL A 382 25.19 -34.30 19.20
CA VAL A 382 24.91 -33.12 20.01
C VAL A 382 23.50 -33.20 20.59
N THR A 383 23.33 -32.63 21.77
CA THR A 383 22.05 -32.60 22.47
C THR A 383 21.67 -31.15 22.78
N GLN A 384 20.50 -30.98 23.40
CA GLN A 384 19.96 -29.66 23.69
C GLN A 384 20.54 -29.05 24.96
N THR A 385 21.22 -29.83 25.81
CA THR A 385 21.86 -29.29 26.99
C THR A 385 23.25 -28.74 26.70
N MET A 386 23.80 -29.01 25.52
CA MET A 386 25.14 -28.59 25.18
C MET A 386 25.22 -27.07 25.08
N LYS A 387 26.44 -26.55 25.28
CA LYS A 387 26.63 -25.12 25.19
C LYS A 387 26.30 -24.58 23.80
N VAL A 388 26.71 -25.32 22.76
CA VAL A 388 26.43 -24.89 21.39
C VAL A 388 24.94 -24.88 21.08
N ALA A 389 24.14 -25.68 21.79
CA ALA A 389 22.71 -25.72 21.54
C ALA A 389 22.01 -24.43 21.93
N LYS A 390 22.58 -23.65 22.84
CA LYS A 390 21.99 -22.40 23.28
C LYS A 390 22.87 -21.19 23.05
N GLU A 391 24.11 -21.36 22.62
CA GLU A 391 25.04 -20.26 22.42
C GLU A 391 25.55 -20.27 20.99
N GLU A 392 25.85 -19.08 20.48
CA GLU A 392 26.34 -18.92 19.11
C GLU A 392 27.85 -19.02 19.11
N THR A 393 28.38 -19.93 18.29
CA THR A 393 29.82 -20.13 18.23
C THR A 393 30.52 -18.99 17.49
N PHE A 394 29.94 -18.55 16.38
CA PHE A 394 30.63 -17.63 15.44
C PHE A 394 31.93 -18.24 14.94
N ALA A 395 31.89 -19.55 14.64
CA ALA A 395 33.07 -20.29 14.23
C ALA A 395 32.61 -21.53 13.48
N PRO A 396 33.46 -22.11 12.63
CA PRO A 396 33.00 -23.20 11.73
C PRO A 396 32.84 -24.56 12.40
N LEU A 397 31.77 -24.72 13.17
CA LEU A 397 31.42 -25.98 13.81
C LEU A 397 30.02 -26.38 13.39
N ALA A 398 29.86 -27.65 13.00
CA ALA A 398 28.58 -28.17 12.51
C ALA A 398 28.01 -29.17 13.49
N PRO A 399 27.30 -28.74 14.54
CA PRO A 399 26.69 -29.69 15.47
C PRO A 399 25.42 -30.30 14.89
N ILE A 400 25.34 -31.62 14.95
CA ILE A 400 24.24 -32.39 14.36
C ILE A 400 23.42 -33.00 15.50
N ILE A 401 22.18 -32.54 15.63
CA ILE A 401 21.20 -33.09 16.56
C ILE A 401 20.19 -33.87 15.74
N SER A 402 19.82 -35.05 16.24
CA SER A 402 18.84 -35.90 15.57
C SER A 402 17.48 -35.76 16.23
N PHE A 403 16.43 -35.85 15.43
CA PHE A 403 15.06 -35.85 15.94
C PHE A 403 14.27 -36.93 15.22
N LYS A 404 13.00 -37.07 15.59
CA LYS A 404 12.17 -38.13 15.05
C LYS A 404 10.86 -37.58 14.49
N HIS A 405 10.35 -36.48 15.04
CA HIS A 405 9.06 -35.94 14.65
C HIS A 405 9.15 -34.43 14.44
N GLU A 406 8.24 -33.92 13.61
CA GLU A 406 8.25 -32.50 13.25
C GLU A 406 8.00 -31.61 14.46
N ASN A 407 7.07 -32.00 15.33
CA ASN A 407 6.76 -31.15 16.47
C ASN A 407 7.89 -31.14 17.49
N ASP A 408 8.63 -32.24 17.61
CA ASP A 408 9.79 -32.26 18.50
C ASP A 408 10.85 -31.27 18.02
N VAL A 409 11.14 -31.27 16.71
CA VAL A 409 12.14 -30.34 16.19
C VAL A 409 11.62 -28.91 16.25
N ILE A 410 10.30 -28.71 16.16
CA ILE A 410 9.77 -27.36 16.32
C ILE A 410 9.95 -26.88 17.75
N ALA A 411 9.72 -27.76 18.73
CA ALA A 411 9.96 -27.42 20.12
C ALA A 411 11.43 -27.12 20.38
N MET A 412 12.33 -27.90 19.78
CA MET A 412 13.76 -27.71 20.02
C MET A 412 14.29 -26.46 19.33
N ALA A 413 13.82 -26.18 18.11
CA ALA A 413 14.31 -25.02 17.37
C ALA A 413 13.87 -23.72 18.01
N ASN A 414 12.68 -23.67 18.59
CA ASN A 414 12.20 -22.48 19.27
C ASN A 414 12.71 -22.37 20.69
N ASP A 415 13.48 -23.35 21.17
CA ASP A 415 14.03 -23.36 22.53
C ASP A 415 15.26 -22.47 22.58
N SER A 416 15.03 -21.17 22.45
CA SER A 416 16.08 -20.17 22.41
C SER A 416 15.44 -18.80 22.50
N GLU A 417 16.20 -17.84 23.02
CA GLU A 417 15.74 -16.46 23.15
C GLU A 417 16.05 -15.61 21.92
N PHE A 418 16.71 -16.19 20.91
CA PHE A 418 17.11 -15.45 19.72
C PHE A 418 16.25 -15.88 18.54
N GLY A 419 15.78 -14.90 17.78
CA GLY A 419 14.86 -15.13 16.68
C GLY A 419 15.32 -14.57 15.35
N LEU A 420 16.59 -14.72 15.00
CA LEU A 420 17.07 -14.08 13.79
C LEU A 420 16.76 -14.89 12.54
N ALA A 421 17.35 -16.07 12.40
CA ALA A 421 17.22 -16.85 11.17
C ALA A 421 16.95 -18.30 11.50
N SER A 422 16.40 -19.00 10.51
CA SER A 422 16.17 -20.43 10.60
C SER A 422 16.13 -20.99 9.18
N TYR A 423 16.44 -22.27 9.06
CA TYR A 423 16.39 -22.94 7.77
C TYR A 423 15.80 -24.32 7.96
N PHE A 424 15.01 -24.77 6.98
CA PHE A 424 14.60 -26.16 6.98
C PHE A 424 14.41 -26.61 5.54
N TYR A 425 14.52 -27.92 5.35
CA TYR A 425 14.45 -28.54 4.03
C TYR A 425 13.30 -29.53 4.01
N ALA A 426 12.32 -29.29 3.15
CA ALA A 426 11.16 -30.16 3.00
C ALA A 426 10.53 -29.90 1.65
N LYS A 427 9.73 -30.85 1.18
CA LYS A 427 9.06 -30.72 -0.11
C LYS A 427 7.57 -30.49 -0.01
N ASP A 428 6.91 -31.05 1.01
CA ASP A 428 5.46 -30.94 1.12
C ASP A 428 5.05 -29.51 1.43
N MET A 429 4.07 -29.00 0.68
CA MET A 429 3.62 -27.63 0.85
C MET A 429 3.00 -27.39 2.23
N ALA A 430 2.17 -28.32 2.69
CA ALA A 430 1.56 -28.17 4.00
C ALA A 430 2.61 -28.13 5.09
N ARG A 431 3.59 -29.04 5.03
CA ARG A 431 4.67 -29.05 6.01
C ARG A 431 5.48 -27.77 5.94
N ILE A 432 5.75 -27.28 4.73
CA ILE A 432 6.56 -26.07 4.58
C ILE A 432 5.86 -24.88 5.21
N TRP A 433 4.58 -24.69 4.90
CA TRP A 433 3.82 -23.59 5.47
C TRP A 433 3.74 -23.72 6.99
N ARG A 434 3.45 -24.92 7.48
CA ARG A 434 3.27 -25.14 8.91
C ARG A 434 4.55 -24.85 9.67
N VAL A 435 5.67 -25.41 9.22
CA VAL A 435 6.94 -25.22 9.92
C VAL A 435 7.41 -23.77 9.80
N ALA A 436 7.24 -23.17 8.62
CA ALA A 436 7.70 -21.79 8.45
C ALA A 436 6.90 -20.83 9.31
N GLU A 437 5.61 -21.10 9.51
CA GLU A 437 4.82 -20.26 10.41
C GLU A 437 5.10 -20.57 11.87
N ALA A 438 5.45 -21.81 12.20
CA ALA A 438 5.70 -22.16 13.59
C ALA A 438 7.06 -21.69 14.09
N LEU A 439 8.06 -21.66 13.21
CA LEU A 439 9.40 -21.25 13.62
C LEU A 439 9.41 -19.79 14.06
N GLU A 440 10.04 -19.53 15.19
CA GLU A 440 10.06 -18.20 15.79
C GLU A 440 11.34 -17.51 15.37
N ALA A 441 11.32 -16.87 14.20
CA ALA A 441 12.48 -16.20 13.67
C ALA A 441 12.03 -15.04 12.80
N GLY A 442 12.90 -14.04 12.67
CA GLY A 442 12.63 -12.95 11.74
C GLY A 442 12.67 -13.39 10.29
N MET A 443 13.56 -14.33 9.96
CA MET A 443 13.79 -14.77 8.59
C MET A 443 13.85 -16.29 8.54
N VAL A 444 13.17 -16.89 7.57
CA VAL A 444 13.13 -18.33 7.41
C VAL A 444 13.54 -18.67 5.98
N GLY A 445 14.57 -19.49 5.84
CA GLY A 445 15.00 -19.93 4.53
C GLY A 445 14.59 -21.36 4.25
N VAL A 446 13.63 -21.55 3.35
CA VAL A 446 13.07 -22.86 3.05
C VAL A 446 13.78 -23.39 1.82
N ASN A 447 14.43 -24.55 1.96
CA ASN A 447 15.15 -25.23 0.89
C ASN A 447 16.28 -24.38 0.32
N THR A 448 16.76 -23.41 1.08
CA THR A 448 17.89 -22.59 0.65
C THR A 448 18.62 -22.06 1.87
N GLY A 449 19.95 -22.07 1.80
CA GLY A 449 20.80 -21.52 2.82
C GLY A 449 21.21 -20.09 2.60
N MET A 450 20.79 -19.50 1.49
CA MET A 450 21.07 -18.11 1.16
C MET A 450 19.78 -17.31 1.26
N ILE A 451 19.78 -16.26 2.08
CA ILE A 451 18.61 -15.42 2.27
C ILE A 451 18.92 -13.93 2.14
N ALA A 452 20.18 -13.55 1.98
CA ALA A 452 20.52 -12.13 1.89
C ALA A 452 19.85 -11.51 0.67
N ASN A 453 19.17 -10.39 0.88
CA ASN A 453 18.39 -9.76 -0.17
C ASN A 453 18.04 -8.34 0.27
N GLU A 454 18.38 -7.36 -0.56
CA GLU A 454 18.04 -5.98 -0.26
C GLU A 454 16.56 -5.68 -0.46
N MET A 455 15.83 -6.58 -1.12
CA MET A 455 14.39 -6.41 -1.33
C MET A 455 13.56 -7.11 -0.27
N ALA A 456 14.18 -7.84 0.66
CA ALA A 456 13.48 -8.55 1.72
C ALA A 456 13.72 -7.89 3.07
N PRO A 457 12.75 -8.02 4.01
CA PRO A 457 12.92 -7.39 5.33
C PRO A 457 13.87 -8.14 6.24
N PHE A 458 15.15 -7.85 6.14
CA PHE A 458 16.14 -8.48 7.00
C PHE A 458 16.01 -7.99 8.43
N GLY A 459 15.96 -8.90 9.37
CA GLY A 459 15.83 -8.56 10.77
C GLY A 459 15.30 -9.72 11.57
N GLY A 460 15.37 -9.57 12.89
CA GLY A 460 15.01 -10.64 13.81
C GLY A 460 13.91 -10.23 14.77
N ILE A 461 13.48 -11.22 15.55
CA ILE A 461 12.46 -11.04 16.58
C ILE A 461 13.04 -11.48 17.92
N LYS A 462 12.27 -11.24 18.98
CA LYS A 462 12.63 -11.60 20.36
C LYS A 462 13.87 -10.80 20.75
N GLN A 463 14.91 -11.43 21.31
CA GLN A 463 16.11 -10.71 21.70
C GLN A 463 17.01 -10.36 20.53
N SER A 464 16.75 -10.90 19.34
CA SER A 464 17.59 -10.66 18.19
C SER A 464 17.50 -9.23 17.68
N GLY A 465 16.56 -8.44 18.17
CA GLY A 465 16.54 -7.02 17.90
C GLY A 465 15.19 -6.56 17.39
N THR A 466 15.15 -5.30 16.99
CA THR A 466 13.96 -4.65 16.48
C THR A 466 14.29 -3.93 15.18
N GLY A 467 13.28 -3.79 14.33
CA GLY A 467 13.44 -3.11 13.06
C GLY A 467 13.84 -4.05 11.93
N ARG A 468 13.81 -3.52 10.73
CA ARG A 468 14.11 -4.29 9.52
C ARG A 468 15.04 -3.51 8.62
N GLU A 469 15.78 -4.25 7.79
CA GLU A 469 16.72 -3.68 6.84
C GLU A 469 16.33 -4.14 5.44
N GLY A 470 16.30 -3.20 4.50
CA GLY A 470 15.92 -3.51 3.14
C GLY A 470 14.41 -3.53 2.97
N SER A 471 13.99 -3.92 1.76
CA SER A 471 12.59 -4.03 1.38
C SER A 471 11.88 -2.69 1.48
N LYS A 472 10.55 -2.71 1.38
CA LYS A 472 9.75 -1.51 1.54
C LYS A 472 9.57 -1.10 3.00
N TYR A 473 9.96 -1.95 3.94
CA TYR A 473 9.87 -1.63 5.36
C TYR A 473 11.15 -1.07 5.94
N GLY A 474 12.25 -1.08 5.19
CA GLY A 474 13.52 -0.63 5.72
C GLY A 474 13.63 0.87 5.94
N ILE A 475 12.79 1.65 5.26
CA ILE A 475 12.85 3.10 5.42
C ILE A 475 11.85 3.62 6.45
N GLU A 476 11.01 2.75 7.00
CA GLU A 476 9.99 3.20 7.95
C GLU A 476 10.61 3.75 9.23
N GLY A 477 11.68 3.11 9.72
CA GLY A 477 12.29 3.53 10.96
C GLY A 477 12.95 4.89 10.91
N PHE A 478 13.30 5.35 9.71
CA PHE A 478 13.96 6.64 9.54
C PHE A 478 12.99 7.77 9.28
N LEU A 479 11.69 7.49 9.22
CA LEU A 479 10.69 8.52 8.97
C LEU A 479 9.76 8.62 10.16
N GLU A 480 9.24 9.83 10.37
CA GLU A 480 8.24 10.09 11.39
C GLU A 480 6.97 10.59 10.70
N LEU A 481 5.82 10.13 11.21
CA LEU A 481 4.54 10.54 10.67
C LEU A 481 4.15 11.91 11.21
N LYS A 482 3.39 12.64 10.41
CA LYS A 482 2.83 13.93 10.82
C LYS A 482 1.39 13.97 10.34
N TYR A 483 0.45 13.92 11.28
CA TYR A 483 -0.97 13.97 10.97
C TYR A 483 -1.38 15.44 10.98
N VAL A 484 -1.77 15.95 9.83
CA VAL A 484 -2.21 17.33 9.65
C VAL A 484 -3.71 17.31 9.41
N ALA A 485 -4.45 18.04 10.22
CA ALA A 485 -5.90 18.18 10.08
C ALA A 485 -6.18 19.58 9.58
N LEU A 486 -6.65 19.69 8.34
CA LEU A 486 -6.88 20.97 7.67
C LEU A 486 -8.35 21.31 7.81
N GLY A 487 -8.66 22.24 8.71
CA GLY A 487 -10.01 22.71 8.92
C GLY A 487 -10.30 23.99 8.17
N GLY A 488 -11.48 24.53 8.41
CA GLY A 488 -11.92 25.76 7.75
C GLY A 488 -12.12 25.63 6.27
N MET A 489 -12.72 24.53 5.82
CA MET A 489 -12.95 24.31 4.39
C MET A 489 -14.20 25.04 3.91
N ALA B 8 -45.05 -18.26 2.45
CA ALA B 8 -44.64 -18.61 3.79
C ALA B 8 -43.47 -17.74 4.24
N LEU B 9 -43.67 -16.43 4.22
CA LEU B 9 -42.62 -15.46 4.51
C LEU B 9 -42.88 -14.80 5.84
N LYS B 10 -41.84 -14.76 6.70
CA LYS B 10 -41.96 -14.03 7.96
C LYS B 10 -42.22 -12.55 7.70
N ASP B 11 -41.58 -11.98 6.69
CA ASP B 11 -41.82 -10.60 6.27
C ASP B 11 -42.37 -10.60 4.85
N PRO B 12 -43.69 -10.45 4.67
CA PRO B 12 -44.24 -10.48 3.30
C PRO B 12 -43.87 -9.26 2.47
N ALA B 13 -43.39 -8.19 3.09
CA ALA B 13 -42.97 -7.02 2.32
C ALA B 13 -41.70 -7.29 1.52
N LEU B 14 -40.99 -8.38 1.80
CA LEU B 14 -39.80 -8.72 1.01
C LEU B 14 -40.16 -9.25 -0.36
N LEU B 15 -41.40 -9.69 -0.56
CA LEU B 15 -41.90 -10.05 -1.89
C LEU B 15 -42.70 -8.87 -2.42
N THR B 16 -42.24 -8.29 -3.51
CA THR B 16 -42.87 -7.11 -4.08
C THR B 16 -43.03 -7.28 -5.58
N ASP B 17 -44.00 -6.56 -6.12
CA ASP B 17 -44.36 -6.65 -7.54
C ASP B 17 -44.06 -5.36 -8.29
N LYS B 18 -43.23 -4.49 -7.72
CA LYS B 18 -42.97 -3.18 -8.28
C LYS B 18 -41.47 -2.96 -8.40
N ALA B 19 -41.09 -2.09 -9.33
CA ALA B 19 -39.70 -1.70 -9.51
C ALA B 19 -39.36 -0.52 -8.61
N PHE B 20 -38.07 -0.38 -8.32
CA PHE B 20 -37.56 0.65 -7.42
C PHE B 20 -36.88 1.73 -8.26
N VAL B 21 -37.55 2.88 -8.39
CA VAL B 21 -37.08 3.97 -9.23
C VAL B 21 -37.17 5.26 -8.43
N ALA B 22 -36.07 6.03 -8.39
CA ALA B 22 -35.99 7.28 -7.64
C ALA B 22 -36.36 7.10 -6.18
N GLY B 23 -36.04 5.93 -5.62
CA GLY B 23 -36.37 5.66 -4.25
C GLY B 23 -37.83 5.37 -3.98
N ALA B 24 -38.64 5.17 -5.01
CA ALA B 24 -40.06 4.90 -4.86
C ALA B 24 -40.42 3.61 -5.59
N TRP B 25 -41.53 3.02 -5.18
CA TRP B 25 -42.00 1.80 -5.80
C TRP B 25 -43.01 2.15 -6.87
N ILE B 26 -42.70 1.79 -8.12
CA ILE B 26 -43.51 2.15 -9.26
C ILE B 26 -43.78 0.91 -10.11
N GLY B 27 -44.85 1.00 -10.90
CA GLY B 27 -45.13 0.03 -11.94
C GLY B 27 -44.96 0.64 -13.32
N ALA B 28 -45.10 -0.20 -14.32
CA ALA B 28 -45.02 0.27 -15.69
C ALA B 28 -46.21 1.18 -15.99
N PRO B 29 -45.99 2.36 -16.58
CA PRO B 29 -47.10 3.27 -16.87
C PRO B 29 -48.01 2.80 -18.00
N ASP B 30 -47.64 1.73 -18.71
CA ASP B 30 -48.49 1.14 -19.73
C ASP B 30 -49.12 -0.17 -19.29
N GLY B 31 -48.95 -0.56 -18.02
CA GLY B 31 -49.52 -1.79 -17.52
C GLY B 31 -48.80 -3.04 -17.94
N LYS B 32 -47.77 -2.94 -18.78
CA LYS B 32 -47.04 -4.12 -19.21
C LYS B 32 -46.27 -4.71 -18.04
N SER B 33 -46.08 -6.02 -18.08
CA SER B 33 -45.41 -6.71 -16.98
C SER B 33 -44.77 -7.99 -17.50
N ILE B 34 -43.88 -8.52 -16.68
CA ILE B 34 -43.18 -9.78 -16.94
C ILE B 34 -43.51 -10.73 -15.80
N ALA B 35 -43.97 -11.93 -16.14
CA ALA B 35 -44.28 -12.93 -15.14
C ALA B 35 -43.01 -13.60 -14.63
N VAL B 36 -43.04 -14.01 -13.37
CA VAL B 36 -41.97 -14.80 -12.78
C VAL B 36 -42.55 -16.14 -12.37
N THR B 37 -41.91 -17.23 -12.81
CA THR B 37 -42.42 -18.56 -12.60
C THR B 37 -41.41 -19.42 -11.84
N ASP B 38 -41.93 -20.37 -11.08
CA ASP B 38 -41.08 -21.29 -10.33
C ASP B 38 -40.53 -22.36 -11.26
N PRO B 39 -39.21 -22.53 -11.35
CA PRO B 39 -38.66 -23.52 -12.29
C PRO B 39 -39.05 -24.96 -11.96
N PHE B 40 -39.43 -25.26 -10.73
CA PHE B 40 -39.75 -26.64 -10.36
C PHE B 40 -40.99 -27.13 -11.09
N ASP B 41 -42.06 -26.33 -11.11
CA ASP B 41 -43.30 -26.76 -11.75
C ASP B 41 -43.96 -25.67 -12.57
N GLY B 42 -43.26 -24.58 -12.89
CA GLY B 42 -43.85 -23.53 -13.69
C GLY B 42 -44.87 -22.67 -12.99
N ALA B 43 -44.99 -22.77 -11.67
CA ALA B 43 -45.99 -22.01 -10.94
C ALA B 43 -45.68 -20.52 -10.98
N LEU B 44 -46.72 -19.72 -11.17
CA LEU B 44 -46.54 -18.28 -11.25
C LEU B 44 -46.34 -17.68 -9.87
N ILE B 45 -45.42 -16.72 -9.77
CA ILE B 45 -45.08 -16.06 -8.52
C ILE B 45 -45.63 -14.63 -8.48
N ALA B 46 -45.19 -13.78 -9.40
CA ALA B 46 -45.64 -12.40 -9.43
C ALA B 46 -45.33 -11.78 -10.79
N ASN B 47 -45.96 -10.65 -11.05
CA ASN B 47 -45.75 -9.88 -12.28
C ASN B 47 -44.98 -8.61 -11.95
N VAL B 48 -43.73 -8.55 -12.38
CA VAL B 48 -42.89 -7.37 -12.16
C VAL B 48 -43.10 -6.41 -13.32
N PRO B 49 -42.87 -5.10 -13.13
CA PRO B 49 -43.06 -4.15 -14.24
C PRO B 49 -42.09 -4.38 -15.38
N ASP B 50 -42.56 -4.08 -16.58
CA ASP B 50 -41.73 -4.07 -17.79
C ASP B 50 -41.53 -2.61 -18.16
N LEU B 51 -40.36 -2.07 -17.83
CA LEU B 51 -40.11 -0.65 -17.92
C LEU B 51 -39.44 -0.31 -19.25
N GLY B 52 -39.91 0.78 -19.87
CA GLY B 52 -39.37 1.23 -21.13
C GLY B 52 -38.13 2.08 -20.94
N GLN B 53 -37.68 2.68 -22.05
CA GLN B 53 -36.47 3.49 -22.01
CA GLN B 53 -36.47 3.49 -22.01
C GLN B 53 -36.69 4.84 -21.37
N ALA B 54 -37.91 5.38 -21.41
CA ALA B 54 -38.16 6.69 -20.81
C ALA B 54 -38.13 6.63 -19.29
N VAL B 55 -38.76 5.60 -18.71
CA VAL B 55 -38.73 5.44 -17.26
C VAL B 55 -37.30 5.18 -16.80
N VAL B 56 -36.54 4.40 -17.56
CA VAL B 56 -35.14 4.16 -17.21
C VAL B 56 -34.34 5.46 -17.31
N ALA B 57 -34.65 6.31 -18.29
CA ALA B 57 -33.97 7.59 -18.39
C ALA B 57 -34.26 8.47 -17.17
N GLN B 58 -35.51 8.50 -16.74
CA GLN B 58 -35.85 9.25 -15.53
C GLN B 58 -35.15 8.66 -14.30
N ALA B 59 -35.05 7.34 -14.24
CA ALA B 59 -34.34 6.70 -13.14
C ALA B 59 -32.86 7.08 -13.15
N ILE B 60 -32.26 7.17 -14.33
CA ILE B 60 -30.85 7.55 -14.43
C ILE B 60 -30.66 8.99 -13.99
N ASP B 61 -31.58 9.88 -14.35
CA ASP B 61 -31.50 11.27 -13.90
C ASP B 61 -31.59 11.35 -12.37
N ALA B 62 -32.53 10.60 -11.79
CA ALA B 62 -32.65 10.58 -10.34
C ALA B 62 -31.38 10.03 -9.69
N ALA B 63 -30.81 8.98 -10.28
CA ALA B 63 -29.57 8.42 -9.75
C ALA B 63 -28.43 9.43 -9.83
N ALA B 64 -28.41 10.25 -10.89
CA ALA B 64 -27.37 11.28 -11.00
C ALA B 64 -27.49 12.31 -9.90
N GLU B 65 -28.71 12.81 -9.65
CA GLU B 65 -28.89 13.77 -8.56
C GLU B 65 -28.54 13.14 -7.21
N ALA B 66 -28.98 11.90 -6.99
CA ALA B 66 -28.69 11.21 -5.74
C ALA B 66 -27.19 11.01 -5.56
N GLN B 67 -26.48 10.67 -6.63
CA GLN B 67 -25.04 10.52 -6.54
C GLN B 67 -24.38 11.85 -6.19
N LYS B 68 -24.88 12.95 -6.77
CA LYS B 68 -24.34 14.26 -6.41
C LYS B 68 -24.51 14.52 -4.92
N LEU B 69 -25.65 14.13 -4.35
CA LEU B 69 -25.85 14.32 -2.91
C LEU B 69 -25.13 13.30 -2.05
N TRP B 70 -24.80 12.13 -2.60
CA TRP B 70 -24.31 10.99 -1.84
C TRP B 70 -22.79 10.95 -1.72
N GLU B 71 -22.09 11.54 -2.68
CA GLU B 71 -20.63 11.65 -2.58
C GLU B 71 -20.19 12.70 -1.58
N ARG B 72 -21.09 13.62 -1.20
CA ARG B 72 -20.77 14.64 -0.23
C ARG B 72 -20.88 14.16 1.21
N ARG B 73 -21.52 13.02 1.44
CA ARG B 73 -21.56 12.45 2.78
C ARG B 73 -20.20 11.91 3.16
N THR B 74 -19.93 11.87 4.47
CA THR B 74 -18.67 11.34 4.94
C THR B 74 -18.59 9.83 4.70
N ALA B 75 -17.37 9.31 4.67
CA ALA B 75 -17.18 7.88 4.50
C ALA B 75 -17.78 7.10 5.66
N LYS B 76 -17.80 7.68 6.86
CA LYS B 76 -18.40 7.03 8.00
C LYS B 76 -19.90 6.84 7.81
N GLU B 77 -20.59 7.85 7.29
CA GLU B 77 -22.04 7.75 7.08
C GLU B 77 -22.37 6.68 6.04
N ARG B 78 -21.64 6.67 4.92
CA ARG B 78 -21.89 5.68 3.89
C ARG B 78 -21.56 4.27 4.39
N ALA B 79 -20.49 4.13 5.16
CA ALA B 79 -20.16 2.83 5.74
C ALA B 79 -21.24 2.38 6.72
N GLN B 80 -21.78 3.32 7.51
CA GLN B 80 -22.85 2.97 8.44
C GLN B 80 -24.10 2.52 7.71
N VAL B 81 -24.44 3.19 6.60
CA VAL B 81 -25.58 2.77 5.80
C VAL B 81 -25.35 1.37 5.23
N LEU B 82 -24.15 1.12 4.71
CA LEU B 82 -23.85 -0.19 4.13
C LEU B 82 -23.87 -1.29 5.20
N LYS B 83 -23.37 -0.98 6.40
CA LYS B 83 -23.39 -1.95 7.49
C LYS B 83 -24.82 -2.23 7.94
N ARG B 84 -25.67 -1.20 8.00
CA ARG B 84 -27.08 -1.42 8.29
C ARG B 84 -27.73 -2.31 7.25
N TRP B 85 -27.40 -2.08 5.97
CA TRP B 85 -27.93 -2.94 4.90
C TRP B 85 -27.48 -4.38 5.09
N TYR B 86 -26.20 -4.58 5.42
CA TYR B 86 -25.71 -5.93 5.67
C TYR B 86 -26.42 -6.59 6.84
N ASP B 87 -26.63 -5.84 7.93
CA ASP B 87 -27.30 -6.38 9.10
C ASP B 87 -28.73 -6.78 8.77
N LEU B 88 -29.44 -5.95 8.02
CA LEU B 88 -30.80 -6.28 7.61
C LEU B 88 -30.83 -7.49 6.69
N ILE B 89 -29.84 -7.62 5.80
CA ILE B 89 -29.81 -8.78 4.91
C ILE B 89 -29.59 -10.06 5.70
N VAL B 90 -28.66 -10.03 6.67
CA VAL B 90 -28.41 -11.24 7.47
C VAL B 90 -29.61 -11.56 8.35
N GLU B 91 -30.28 -10.54 8.89
CA GLU B 91 -31.43 -10.76 9.74
C GLU B 91 -32.57 -11.44 8.99
N ASN B 92 -32.80 -11.05 7.73
CA ASN B 92 -33.87 -11.62 6.91
C ASN B 92 -33.35 -12.67 5.94
N ALA B 93 -32.35 -13.46 6.34
CA ALA B 93 -31.73 -14.39 5.40
C ALA B 93 -32.68 -15.53 5.03
N ASP B 94 -33.58 -15.92 5.93
CA ASP B 94 -34.47 -17.05 5.63
C ASP B 94 -35.53 -16.67 4.60
N ASP B 95 -36.13 -15.49 4.73
CA ASP B 95 -37.10 -15.04 3.73
C ASP B 95 -36.43 -14.83 2.38
N LEU B 96 -35.23 -14.25 2.38
CA LEU B 96 -34.49 -14.04 1.14
C LEU B 96 -34.14 -15.38 0.50
N ALA B 97 -33.73 -16.36 1.30
CA ALA B 97 -33.42 -17.68 0.79
C ALA B 97 -34.66 -18.35 0.20
N LEU B 98 -35.81 -18.19 0.86
CA LEU B 98 -37.04 -18.76 0.32
C LEU B 98 -37.42 -18.13 -1.01
N ILE B 99 -37.31 -16.80 -1.11
CA ILE B 99 -37.59 -16.13 -2.37
C ILE B 99 -36.63 -16.60 -3.46
N LEU B 100 -35.35 -16.74 -3.11
CA LEU B 100 -34.35 -17.15 -4.08
C LEU B 100 -34.61 -18.56 -4.58
N THR B 101 -34.94 -19.48 -3.66
CA THR B 101 -35.24 -20.86 -4.05
C THR B 101 -36.50 -20.92 -4.90
N THR B 102 -37.52 -20.13 -4.56
CA THR B 102 -38.74 -20.10 -5.35
C THR B 102 -38.48 -19.62 -6.77
N GLU B 103 -37.68 -18.56 -6.92
CA GLU B 103 -37.49 -17.97 -8.24
C GLU B 103 -36.48 -18.73 -9.09
N GLN B 104 -35.39 -19.19 -8.48
CA GLN B 104 -34.27 -19.79 -9.20
C GLN B 104 -34.26 -21.31 -9.17
N GLY B 105 -34.66 -21.90 -8.05
CA GLY B 105 -34.78 -23.35 -7.96
C GLY B 105 -33.70 -24.07 -7.18
N LYS B 106 -32.66 -23.37 -6.74
CA LYS B 106 -31.58 -24.01 -6.02
C LYS B 106 -32.06 -24.45 -4.63
N PRO B 107 -31.42 -25.46 -4.04
CA PRO B 107 -31.83 -25.93 -2.71
C PRO B 107 -31.76 -24.82 -1.67
N LEU B 108 -32.69 -24.88 -0.71
CA LEU B 108 -32.85 -23.79 0.24
C LEU B 108 -31.57 -23.55 1.05
N ALA B 109 -30.84 -24.61 1.37
CA ALA B 109 -29.57 -24.46 2.07
C ALA B 109 -28.58 -23.67 1.21
N GLU B 110 -28.52 -23.97 -0.09
CA GLU B 110 -27.64 -23.22 -0.98
C GLU B 110 -28.09 -21.76 -1.09
N ALA B 111 -29.40 -21.52 -1.12
CA ALA B 111 -29.89 -20.15 -1.18
C ALA B 111 -29.49 -19.36 0.06
N ARG B 112 -29.62 -19.97 1.24
CA ARG B 112 -29.21 -19.28 2.46
C ARG B 112 -27.71 -19.04 2.50
N GLY B 113 -26.93 -20.05 2.11
CA GLY B 113 -25.49 -19.86 2.03
C GLY B 113 -25.11 -18.74 1.10
N GLU B 114 -25.79 -18.65 -0.05
CA GLU B 114 -25.56 -17.55 -0.97
C GLU B 114 -25.86 -16.20 -0.32
N VAL B 115 -27.00 -16.10 0.36
CA VAL B 115 -27.40 -14.82 0.95
C VAL B 115 -26.37 -14.36 1.96
N VAL B 116 -25.94 -15.26 2.85
CA VAL B 116 -24.98 -14.88 3.89
C VAL B 116 -23.61 -14.57 3.28
N SER B 117 -23.07 -15.50 2.50
CA SER B 117 -21.72 -15.36 1.97
C SER B 117 -21.61 -14.24 0.96
N ASN B 118 -22.73 -13.68 0.48
CA ASN B 118 -22.65 -12.53 -0.38
C ASN B 118 -23.08 -11.22 0.29
N ALA B 119 -23.79 -11.28 1.42
CA ALA B 119 -23.87 -10.10 2.26
C ALA B 119 -22.51 -9.77 2.87
N ALA B 120 -21.65 -10.78 2.99
CA ALA B 120 -20.27 -10.52 3.38
C ALA B 120 -19.61 -9.46 2.49
N TYR B 121 -19.96 -9.42 1.20
CA TYR B 121 -19.41 -8.40 0.32
C TYR B 121 -19.82 -7.00 0.76
N LEU B 122 -21.09 -6.83 1.12
CA LEU B 122 -21.56 -5.55 1.61
C LEU B 122 -20.82 -5.13 2.87
N GLU B 123 -20.59 -6.09 3.77
CA GLU B 123 -19.83 -5.78 4.98
C GLU B 123 -18.40 -5.34 4.65
N TRP B 124 -17.74 -6.10 3.77
CA TRP B 124 -16.36 -5.79 3.41
C TRP B 124 -16.24 -4.42 2.77
N PHE B 125 -17.16 -4.06 1.89
CA PHE B 125 -17.05 -2.77 1.24
C PHE B 125 -17.53 -1.63 2.12
N ALA B 126 -18.38 -1.90 3.12
CA ALA B 126 -18.60 -0.91 4.16
C ALA B 126 -17.31 -0.59 4.89
N GLU B 127 -16.51 -1.62 5.17
CA GLU B 127 -15.20 -1.35 5.76
C GLU B 127 -14.28 -0.60 4.79
N GLU B 128 -14.31 -0.96 3.51
CA GLU B 128 -13.46 -0.32 2.51
C GLU B 128 -13.85 1.14 2.25
N ALA B 129 -15.09 1.53 2.54
CA ALA B 129 -15.54 2.90 2.29
C ALA B 129 -14.70 3.91 3.06
N LYS B 130 -14.19 3.54 4.23
CA LYS B 130 -13.41 4.43 5.07
CA LYS B 130 -13.41 4.43 5.06
C LYS B 130 -11.92 4.35 4.79
N ARG B 131 -11.51 3.55 3.81
CA ARG B 131 -10.09 3.37 3.50
C ARG B 131 -9.75 3.84 2.08
N ILE B 132 -10.56 4.72 1.50
CA ILE B 132 -10.27 5.31 0.20
C ILE B 132 -9.27 6.44 0.43
N ASP B 133 -7.99 6.14 0.34
CA ASP B 133 -6.93 7.05 0.72
C ASP B 133 -6.26 7.64 -0.51
N GLY B 134 -6.01 8.95 -0.47
CA GLY B 134 -5.20 9.60 -1.48
C GLY B 134 -3.72 9.42 -1.19
N ASP B 135 -2.91 10.10 -1.99
CA ASP B 135 -1.47 10.03 -1.84
C ASP B 135 -0.89 11.44 -1.82
N ILE B 136 0.23 11.58 -1.13
CA ILE B 136 1.02 12.80 -1.15
C ILE B 136 2.37 12.44 -1.75
N ILE B 137 2.56 12.76 -3.02
CA ILE B 137 3.76 12.37 -3.76
C ILE B 137 4.82 13.45 -3.57
N PRO B 138 6.10 13.08 -3.47
CA PRO B 138 7.15 14.11 -3.42
C PRO B 138 7.10 15.00 -4.66
N GLY B 139 7.32 16.28 -4.45
CA GLY B 139 7.22 17.24 -5.52
C GLY B 139 8.42 17.24 -6.42
N PRO B 140 8.28 17.90 -7.58
CA PRO B 140 9.42 18.07 -8.48
C PRO B 140 10.36 19.19 -8.05
N ASN B 141 9.90 20.12 -7.24
CA ASN B 141 10.74 21.20 -6.73
C ASN B 141 10.11 21.71 -5.44
N ALA B 142 10.82 22.61 -4.77
CA ALA B 142 10.39 23.11 -3.47
C ALA B 142 9.09 23.90 -3.56
N GLY B 143 8.77 24.45 -4.72
CA GLY B 143 7.58 25.28 -4.86
C GLY B 143 6.30 24.54 -5.18
N GLN B 144 6.29 23.21 -5.17
CA GLN B 144 5.13 22.45 -5.60
C GLN B 144 4.97 21.19 -4.77
N ARG B 145 3.73 20.83 -4.48
CA ARG B 145 3.37 19.55 -3.88
C ARG B 145 2.43 18.81 -4.81
N ILE B 146 2.27 17.52 -4.57
CA ILE B 146 1.43 16.67 -5.42
C ILE B 146 0.49 15.87 -4.54
N MET B 147 -0.81 16.03 -4.77
CA MET B 147 -1.84 15.20 -4.16
C MET B 147 -2.46 14.31 -5.22
N VAL B 148 -2.81 13.09 -4.83
CA VAL B 148 -3.59 12.20 -5.68
C VAL B 148 -4.85 11.86 -4.92
N LEU B 149 -5.97 12.43 -5.37
CA LEU B 149 -7.27 12.17 -4.76
C LEU B 149 -7.97 11.06 -5.52
N LYS B 150 -8.81 10.31 -4.80
CA LYS B 150 -9.65 9.29 -5.40
C LYS B 150 -11.10 9.74 -5.26
N GLN B 151 -11.82 9.81 -6.37
CA GLN B 151 -13.17 10.35 -6.35
C GLN B 151 -14.14 9.39 -7.03
N PRO B 152 -15.40 9.40 -6.63
CA PRO B 152 -16.37 8.49 -7.26
C PRO B 152 -16.54 8.78 -8.74
N VAL B 153 -16.63 7.70 -9.53
CA VAL B 153 -16.70 7.86 -10.98
C VAL B 153 -18.01 8.50 -11.39
N GLY B 154 -19.11 8.16 -10.71
CA GLY B 154 -20.39 8.76 -11.00
C GLY B 154 -21.57 7.82 -10.82
N VAL B 155 -22.45 7.76 -11.80
CA VAL B 155 -23.57 6.83 -11.77
C VAL B 155 -23.15 5.53 -12.46
N CYS B 156 -23.34 4.41 -11.77
CA CYS B 156 -22.98 3.10 -12.27
C CYS B 156 -24.25 2.32 -12.60
N ALA B 157 -24.18 1.53 -13.67
CA ALA B 157 -25.28 0.66 -14.06
C ALA B 157 -24.82 -0.78 -13.96
N ALA B 158 -25.61 -1.60 -13.26
CA ALA B 158 -25.29 -3.00 -13.06
C ALA B 158 -26.28 -3.88 -13.80
N ILE B 159 -25.78 -4.93 -14.42
CA ILE B 159 -26.60 -5.94 -15.08
C ILE B 159 -26.22 -7.29 -14.50
N THR B 160 -27.17 -7.99 -13.91
CA THR B 160 -26.89 -9.24 -13.24
C THR B 160 -27.62 -10.40 -13.91
N PRO B 161 -27.09 -11.61 -13.81
CA PRO B 161 -27.76 -12.76 -14.44
C PRO B 161 -28.72 -13.48 -13.51
N TRP B 162 -29.39 -14.50 -14.02
CA TRP B 162 -30.19 -15.40 -13.21
C TRP B 162 -29.35 -16.36 -12.39
N ASN B 163 -28.06 -16.45 -12.69
CA ASN B 163 -27.20 -17.45 -12.06
C ASN B 163 -27.19 -17.31 -10.55
N PHE B 164 -27.02 -16.09 -10.06
CA PHE B 164 -27.05 -15.80 -8.64
C PHE B 164 -27.98 -14.60 -8.47
N PRO B 165 -29.28 -14.85 -8.23
CA PRO B 165 -30.23 -13.74 -8.15
C PRO B 165 -29.90 -12.73 -7.06
N ASN B 166 -29.21 -13.13 -6.00
CA ASN B 166 -28.81 -12.23 -4.94
C ASN B 166 -27.30 -12.05 -4.85
N GLY B 167 -26.54 -13.09 -5.17
CA GLY B 167 -25.10 -13.04 -4.93
C GLY B 167 -24.38 -11.97 -5.72
N MET B 168 -24.72 -11.82 -7.00
CA MET B 168 -24.03 -10.86 -7.85
C MET B 168 -24.42 -9.41 -7.59
N ILE B 169 -25.52 -9.19 -6.87
CA ILE B 169 -25.99 -7.82 -6.66
C ILE B 169 -25.21 -7.13 -5.55
N THR B 170 -24.92 -7.85 -4.48
CA THR B 170 -24.20 -7.24 -3.36
C THR B 170 -22.78 -6.87 -3.76
N ARG B 171 -22.10 -7.74 -4.51
CA ARG B 171 -20.72 -7.47 -4.90
C ARG B 171 -20.61 -6.38 -5.95
N LYS B 172 -21.73 -5.92 -6.52
CA LYS B 172 -21.74 -4.75 -7.38
C LYS B 172 -22.21 -3.49 -6.67
N ALA B 173 -23.20 -3.61 -5.79
CA ALA B 173 -23.74 -2.46 -5.09
C ALA B 173 -22.83 -1.98 -3.96
N GLY B 174 -22.16 -2.91 -3.27
CA GLY B 174 -21.28 -2.57 -2.18
C GLY B 174 -20.16 -1.62 -2.57
N PRO B 175 -19.30 -2.04 -3.50
CA PRO B 175 -18.20 -1.14 -3.91
C PRO B 175 -18.69 0.16 -4.52
N ALA B 176 -19.77 0.12 -5.29
CA ALA B 176 -20.29 1.34 -5.90
C ALA B 176 -20.76 2.32 -4.84
N LEU B 177 -21.49 1.84 -3.84
CA LEU B 177 -21.99 2.74 -2.80
C LEU B 177 -20.87 3.20 -1.89
N ALA B 178 -19.94 2.30 -1.57
CA ALA B 178 -18.82 2.65 -0.70
C ALA B 178 -17.96 3.74 -1.34
N ALA B 179 -17.68 3.62 -2.64
CA ALA B 179 -16.92 4.65 -3.34
C ALA B 179 -17.65 5.98 -3.39
N GLY B 180 -18.96 5.98 -3.15
CA GLY B 180 -19.76 7.18 -3.32
C GLY B 180 -20.51 7.24 -4.62
N CYS B 181 -20.52 6.17 -5.41
CA CYS B 181 -21.26 6.10 -6.65
C CYS B 181 -22.68 5.63 -6.41
N SER B 182 -23.58 6.00 -7.32
CA SER B 182 -24.94 5.50 -7.31
CA SER B 182 -24.93 5.49 -7.30
C SER B 182 -25.06 4.32 -8.27
N MET B 183 -25.99 3.43 -7.98
CA MET B 183 -26.20 2.23 -8.78
C MET B 183 -27.63 2.17 -9.27
N ILE B 184 -27.80 1.80 -10.53
CA ILE B 184 -29.09 1.43 -11.09
C ILE B 184 -28.92 0.03 -11.68
N LEU B 185 -29.66 -0.92 -11.14
CA LEU B 185 -29.47 -2.32 -11.45
C LEU B 185 -30.63 -2.84 -12.28
N LYS B 186 -30.30 -3.61 -13.33
CA LYS B 186 -31.30 -4.34 -14.10
C LYS B 186 -31.07 -5.83 -13.89
N PRO B 187 -31.82 -6.48 -13.00
CA PRO B 187 -31.63 -7.90 -12.78
C PRO B 187 -32.21 -8.72 -13.93
N ALA B 188 -31.84 -10.00 -13.95
CA ALA B 188 -32.35 -10.91 -14.96
C ALA B 188 -33.86 -11.04 -14.84
N SER B 189 -34.53 -11.13 -15.99
CA SER B 189 -36.00 -11.23 -15.98
C SER B 189 -36.47 -12.54 -15.38
N GLN B 190 -35.66 -13.59 -15.47
CA GLN B 190 -36.04 -14.87 -14.89
C GLN B 190 -36.16 -14.78 -13.37
N THR B 191 -35.24 -14.08 -12.72
CA THR B 191 -35.18 -14.02 -11.26
C THR B 191 -35.00 -12.58 -10.79
N PRO B 192 -36.03 -11.75 -10.91
CA PRO B 192 -35.93 -10.35 -10.47
C PRO B 192 -36.33 -10.09 -9.02
N LEU B 193 -36.82 -11.10 -8.30
CA LEU B 193 -37.41 -10.87 -6.98
C LEU B 193 -36.36 -10.65 -5.91
N SER B 194 -35.20 -11.31 -6.00
CA SER B 194 -34.14 -11.11 -5.03
C SER B 194 -33.64 -9.67 -5.05
N ALA B 195 -33.51 -9.10 -6.25
CA ALA B 195 -33.08 -7.71 -6.36
C ALA B 195 -34.09 -6.77 -5.70
N LEU B 196 -35.38 -7.01 -5.91
CA LEU B 196 -36.40 -6.15 -5.32
C LEU B 196 -36.44 -6.30 -3.80
N ALA B 197 -36.22 -7.51 -3.30
CA ALA B 197 -36.16 -7.70 -1.85
C ALA B 197 -34.96 -6.96 -1.26
N LEU B 198 -33.80 -7.04 -1.91
CA LEU B 198 -32.65 -6.28 -1.46
C LEU B 198 -32.92 -4.79 -1.54
N ALA B 199 -33.72 -4.35 -2.51
CA ALA B 199 -34.09 -2.94 -2.58
C ALA B 199 -34.98 -2.53 -1.42
N VAL B 200 -35.91 -3.41 -1.02
CA VAL B 200 -36.72 -3.14 0.17
C VAL B 200 -35.83 -2.98 1.38
N LEU B 201 -34.87 -3.89 1.54
CA LEU B 201 -33.96 -3.82 2.69
C LEU B 201 -33.09 -2.57 2.62
N ALA B 202 -32.64 -2.19 1.42
CA ALA B 202 -31.80 -1.00 1.27
C ALA B 202 -32.57 0.26 1.65
N GLU B 203 -33.83 0.37 1.21
CA GLU B 203 -34.66 1.48 1.65
C GLU B 203 -34.85 1.46 3.16
N ARG B 204 -35.04 0.27 3.73
CA ARG B 204 -35.16 0.16 5.18
C ARG B 204 -33.85 0.50 5.89
N ALA B 205 -32.72 0.31 5.22
CA ALA B 205 -31.41 0.55 5.82
C ALA B 205 -30.99 2.02 5.77
N GLY B 206 -31.77 2.88 5.14
CA GLY B 206 -31.41 4.27 5.05
C GLY B 206 -30.65 4.66 3.80
N VAL B 207 -30.62 3.81 2.77
CA VAL B 207 -30.04 4.24 1.50
C VAL B 207 -30.88 5.40 0.95
N PRO B 208 -30.28 6.53 0.63
CA PRO B 208 -31.07 7.68 0.17
C PRO B 208 -31.75 7.41 -1.17
N LYS B 209 -32.82 8.16 -1.41
CA LYS B 209 -33.60 8.02 -2.62
C LYS B 209 -32.74 8.25 -3.86
N GLY B 210 -32.73 7.27 -4.76
CA GLY B 210 -32.00 7.36 -6.00
C GLY B 210 -30.64 6.71 -5.99
N VAL B 211 -30.04 6.50 -4.81
CA VAL B 211 -28.71 5.93 -4.75
C VAL B 211 -28.73 4.47 -5.19
N PHE B 212 -29.78 3.75 -4.84
CA PHE B 212 -29.98 2.38 -5.28
C PHE B 212 -31.29 2.31 -6.04
N SER B 213 -31.26 1.69 -7.22
CA SER B 213 -32.42 1.56 -8.08
C SER B 213 -32.42 0.19 -8.74
N VAL B 214 -33.58 -0.43 -8.81
CA VAL B 214 -33.77 -1.71 -9.48
C VAL B 214 -34.82 -1.51 -10.57
N VAL B 215 -34.46 -1.80 -11.81
CA VAL B 215 -35.36 -1.63 -12.94
C VAL B 215 -35.49 -2.97 -13.66
N THR B 216 -36.72 -3.33 -13.99
CA THR B 216 -37.01 -4.56 -14.71
C THR B 216 -37.61 -4.23 -16.07
N GLY B 217 -37.44 -5.12 -17.02
CA GLY B 217 -38.00 -4.93 -18.34
C GLY B 217 -37.18 -5.69 -19.37
N GLU B 218 -37.47 -5.39 -20.63
CA GLU B 218 -36.75 -6.01 -21.73
C GLU B 218 -35.27 -5.65 -21.66
N ALA B 219 -34.42 -6.67 -21.80
CA ALA B 219 -32.99 -6.50 -21.53
C ALA B 219 -32.34 -5.57 -22.54
N LYS B 220 -32.60 -5.76 -23.83
CA LYS B 220 -31.90 -4.98 -24.86
C LYS B 220 -32.18 -3.49 -24.79
N PRO B 221 -33.43 -3.02 -24.69
CA PRO B 221 -33.63 -1.55 -24.59
C PRO B 221 -33.00 -0.93 -23.35
N ILE B 222 -33.03 -1.63 -22.20
CA ILE B 222 -32.42 -1.08 -21.01
C ILE B 222 -30.90 -1.06 -21.14
N GLY B 223 -30.32 -2.10 -21.74
CA GLY B 223 -28.89 -2.09 -22.00
C GLY B 223 -28.49 -0.99 -22.95
N LEU B 224 -29.30 -0.73 -23.97
CA LEU B 224 -29.04 0.38 -24.87
C LEU B 224 -29.10 1.72 -24.14
N GLU B 225 -30.10 1.88 -23.26
CA GLU B 225 -30.20 3.10 -22.48
C GLU B 225 -28.99 3.28 -21.57
N PHE B 226 -28.52 2.18 -20.97
CA PHE B 226 -27.33 2.23 -20.13
C PHE B 226 -26.11 2.64 -20.94
N CYS B 227 -25.97 2.09 -22.15
CA CYS B 227 -24.78 2.34 -22.95
C CYS B 227 -24.78 3.71 -23.59
N HIS B 228 -25.95 4.30 -23.87
CA HIS B 228 -26.04 5.54 -24.61
C HIS B 228 -26.36 6.75 -23.74
N ASN B 229 -26.62 6.57 -22.45
CA ASN B 229 -26.88 7.71 -21.59
C ASN B 229 -25.56 8.33 -21.14
N PRO B 230 -25.32 9.61 -21.43
CA PRO B 230 -24.05 10.23 -21.00
C PRO B 230 -23.87 10.27 -19.49
N ARG B 231 -24.95 10.20 -18.71
CA ARG B 231 -24.87 10.26 -17.27
C ARG B 231 -24.53 8.92 -16.63
N ILE B 232 -24.36 7.87 -17.41
CA ILE B 232 -23.90 6.57 -16.91
C ILE B 232 -22.39 6.54 -17.10
N ALA B 233 -21.65 6.73 -16.01
CA ALA B 233 -20.20 6.75 -16.09
C ALA B 233 -19.62 5.35 -16.28
N LYS B 234 -20.15 4.38 -15.54
CA LYS B 234 -19.57 3.04 -15.50
C LYS B 234 -20.69 2.01 -15.63
N ILE B 235 -20.36 0.88 -16.25
CA ILE B 235 -21.29 -0.24 -16.40
C ILE B 235 -20.59 -1.50 -15.92
N THR B 236 -21.20 -2.18 -14.94
CA THR B 236 -20.73 -3.48 -14.48
C THR B 236 -21.68 -4.54 -15.00
N PHE B 237 -21.14 -5.58 -15.63
CA PHE B 237 -21.93 -6.61 -16.25
C PHE B 237 -21.43 -7.99 -15.84
N THR B 238 -22.37 -8.87 -15.53
CA THR B 238 -22.10 -10.28 -15.31
C THR B 238 -23.07 -11.08 -16.16
N GLY B 239 -22.54 -12.02 -16.93
CA GLY B 239 -23.38 -12.78 -17.83
C GLY B 239 -22.55 -13.52 -18.86
N SER B 240 -23.18 -13.79 -20.00
CA SER B 240 -22.54 -14.54 -21.07
C SER B 240 -21.55 -13.68 -21.84
N THR B 241 -20.67 -14.35 -22.59
CA THR B 241 -19.66 -13.64 -23.37
C THR B 241 -20.29 -12.82 -24.49
N GLY B 242 -21.33 -13.34 -25.13
CA GLY B 242 -21.94 -12.64 -26.26
C GLY B 242 -22.57 -11.33 -25.84
N VAL B 243 -23.32 -11.33 -24.75
CA VAL B 243 -23.93 -10.10 -24.27
C VAL B 243 -22.86 -9.12 -23.80
N GLY B 244 -21.77 -9.61 -23.22
CA GLY B 244 -20.67 -8.74 -22.87
C GLY B 244 -20.04 -8.07 -24.07
N ARG B 245 -19.83 -8.83 -25.14
CA ARG B 245 -19.31 -8.25 -26.38
C ARG B 245 -20.27 -7.23 -26.96
N TRP B 246 -21.57 -7.53 -26.95
CA TRP B 246 -22.56 -6.56 -27.43
C TRP B 246 -22.53 -5.29 -26.61
N LEU B 247 -22.43 -5.41 -25.28
CA LEU B 247 -22.37 -4.22 -24.42
C LEU B 247 -21.12 -3.41 -24.70
N MET B 248 -19.98 -4.08 -24.86
CA MET B 248 -18.73 -3.36 -25.06
C MET B 248 -18.73 -2.67 -26.42
N LYS B 249 -19.36 -3.28 -27.43
CA LYS B 249 -19.51 -2.61 -28.71
C LYS B 249 -20.45 -1.42 -28.62
N GLU B 250 -21.53 -1.54 -27.86
CA GLU B 250 -22.51 -0.47 -27.75
C GLU B 250 -22.03 0.67 -26.86
N ALA B 251 -21.17 0.39 -25.89
CA ALA B 251 -20.64 1.41 -25.02
C ALA B 251 -19.43 2.13 -25.59
N ALA B 252 -18.97 1.74 -26.79
CA ALA B 252 -17.77 2.31 -27.37
C ALA B 252 -17.95 3.79 -27.70
N GLY B 253 -19.12 4.18 -28.21
CA GLY B 253 -19.34 5.55 -28.60
C GLY B 253 -19.28 6.54 -27.47
N GLY B 254 -19.37 6.09 -26.23
CA GLY B 254 -19.36 7.00 -25.10
C GLY B 254 -18.13 6.86 -24.22
N ILE B 255 -17.22 5.96 -24.59
CA ILE B 255 -16.03 5.65 -23.80
C ILE B 255 -16.44 5.44 -22.35
N LYS B 256 -17.20 4.39 -22.10
CA LYS B 256 -17.70 4.08 -20.76
C LYS B 256 -16.81 3.04 -20.12
N ARG B 257 -16.52 3.23 -18.84
CA ARG B 257 -15.80 2.21 -18.09
C ARG B 257 -16.64 0.94 -18.00
N LEU B 258 -16.07 -0.19 -18.40
CA LEU B 258 -16.79 -1.45 -18.46
C LEU B 258 -16.05 -2.49 -17.64
N SER B 259 -16.73 -3.08 -16.69
CA SER B 259 -16.24 -4.22 -15.94
C SER B 259 -17.10 -5.42 -16.30
N LEU B 260 -16.47 -6.50 -16.75
CA LEU B 260 -17.17 -7.65 -17.27
C LEU B 260 -16.72 -8.91 -16.55
N GLU B 261 -17.67 -9.72 -16.11
CA GLU B 261 -17.42 -11.07 -15.66
C GLU B 261 -18.19 -12.00 -16.59
N LEU B 262 -17.47 -12.70 -17.46
CA LEU B 262 -18.06 -13.56 -18.47
C LEU B 262 -17.78 -15.02 -18.14
N GLY B 263 -18.19 -15.90 -19.05
CA GLY B 263 -18.11 -17.31 -18.78
C GLY B 263 -16.69 -17.83 -18.74
N GLY B 264 -16.53 -19.00 -18.11
CA GLY B 264 -15.25 -19.67 -18.03
C GLY B 264 -15.37 -21.13 -18.40
N ASN B 265 -14.21 -21.76 -18.61
CA ASN B 265 -14.11 -23.19 -18.90
C ASN B 265 -13.08 -23.74 -17.93
N ALA B 266 -13.52 -24.09 -16.72
CA ALA B 266 -12.60 -24.33 -15.61
C ALA B 266 -12.06 -25.75 -15.64
N PRO B 267 -10.75 -25.94 -15.76
CA PRO B 267 -10.18 -27.28 -15.64
C PRO B 267 -10.04 -27.71 -14.18
N PHE B 268 -10.00 -29.03 -14.00
CA PHE B 268 -9.89 -29.65 -12.68
C PHE B 268 -8.87 -30.78 -12.81
N ILE B 269 -7.67 -30.57 -12.31
CA ILE B 269 -6.55 -31.48 -12.49
C ILE B 269 -6.30 -32.26 -11.20
N VAL B 270 -6.10 -33.57 -11.33
CA VAL B 270 -5.77 -34.43 -10.20
C VAL B 270 -4.45 -35.12 -10.53
N PHE B 271 -3.39 -34.73 -9.82
CA PHE B 271 -2.07 -35.31 -10.03
C PHE B 271 -1.91 -36.58 -9.19
N ASP B 272 -0.88 -37.36 -9.53
CA ASP B 272 -0.65 -38.62 -8.83
C ASP B 272 -0.16 -38.43 -7.39
N ASP B 273 0.26 -37.22 -7.02
CA ASP B 273 0.70 -36.92 -5.65
C ASP B 273 -0.38 -36.18 -4.86
N ALA B 274 -1.64 -36.33 -5.24
CA ALA B 274 -2.75 -35.63 -4.62
C ALA B 274 -3.44 -36.49 -3.57
N ASP B 275 -4.25 -35.82 -2.75
CA ASP B 275 -5.11 -36.50 -1.79
C ASP B 275 -6.42 -36.85 -2.49
N LEU B 276 -6.61 -38.13 -2.76
CA LEU B 276 -7.71 -38.56 -3.64
C LEU B 276 -9.07 -38.26 -3.04
N ASP B 277 -9.25 -38.51 -1.74
CA ASP B 277 -10.52 -38.20 -1.10
C ASP B 277 -10.79 -36.70 -1.14
N ALA B 278 -9.77 -35.88 -0.88
CA ALA B 278 -9.92 -34.45 -0.98
C ALA B 278 -10.24 -34.03 -2.41
N ALA B 279 -9.60 -34.69 -3.39
CA ALA B 279 -9.87 -34.36 -4.79
C ALA B 279 -11.32 -34.67 -5.17
N VAL B 280 -11.84 -35.81 -4.69
CA VAL B 280 -13.22 -36.17 -5.00
C VAL B 280 -14.20 -35.21 -4.33
N GLU B 281 -13.93 -34.85 -3.06
CA GLU B 281 -14.79 -33.88 -2.40
C GLU B 281 -14.76 -32.53 -3.11
N GLY B 282 -13.57 -32.09 -3.53
CA GLY B 282 -13.46 -30.84 -4.25
C GLY B 282 -14.17 -30.87 -5.59
N ALA B 283 -14.07 -31.99 -6.31
CA ALA B 283 -14.80 -32.12 -7.56
C ALA B 283 -16.31 -32.10 -7.33
N MET B 284 -16.76 -32.75 -6.26
CA MET B 284 -18.18 -32.75 -5.96
C MET B 284 -18.69 -31.35 -5.66
N ILE B 285 -17.94 -30.56 -4.89
CA ILE B 285 -18.44 -29.22 -4.58
C ILE B 285 -18.25 -28.26 -5.75
N SER B 286 -17.18 -28.42 -6.54
CA SER B 286 -16.91 -27.51 -7.64
CA SER B 286 -16.92 -27.50 -7.63
C SER B 286 -17.84 -27.75 -8.83
N LYS B 287 -18.12 -29.02 -9.14
CA LYS B 287 -18.90 -29.33 -10.32
C LYS B 287 -20.40 -29.22 -10.06
N PHE B 288 -20.89 -29.88 -9.02
CA PHE B 288 -22.32 -30.11 -8.87
C PHE B 288 -23.04 -29.05 -8.04
N ARG B 289 -22.33 -28.06 -7.53
CA ARG B 289 -22.99 -26.95 -6.86
C ARG B 289 -23.85 -26.17 -7.86
N ASN B 290 -25.05 -25.79 -7.41
CA ASN B 290 -26.03 -25.10 -8.25
C ASN B 290 -26.38 -25.93 -9.48
N ALA B 291 -26.30 -27.26 -9.36
CA ALA B 291 -26.52 -28.18 -10.47
C ALA B 291 -25.60 -27.85 -11.65
N GLY B 292 -24.37 -27.44 -11.34
CA GLY B 292 -23.43 -27.08 -12.39
C GLY B 292 -23.65 -25.73 -13.03
N GLN B 293 -24.58 -24.93 -12.50
CA GLN B 293 -24.86 -23.61 -13.04
C GLN B 293 -24.13 -22.58 -12.17
N THR B 294 -22.84 -22.46 -12.39
CA THR B 294 -22.00 -21.48 -11.72
C THR B 294 -20.87 -21.11 -12.67
N CYS B 295 -20.48 -19.84 -12.67
CA CYS B 295 -19.40 -19.39 -13.54
C CYS B 295 -18.07 -20.00 -13.14
N VAL B 296 -17.92 -20.44 -11.89
CA VAL B 296 -16.69 -21.07 -11.42
C VAL B 296 -16.78 -22.58 -11.41
N CYS B 297 -17.92 -23.15 -11.80
CA CYS B 297 -18.07 -24.59 -11.81
C CYS B 297 -17.02 -25.25 -12.68
N ALA B 298 -16.49 -26.37 -12.21
CA ALA B 298 -15.57 -27.15 -13.02
C ALA B 298 -16.29 -27.61 -14.28
N ASN B 299 -15.56 -27.64 -15.40
CA ASN B 299 -16.11 -28.09 -16.66
C ASN B 299 -15.34 -29.22 -17.30
N ARG B 300 -14.05 -29.37 -16.98
CA ARG B 300 -13.23 -30.48 -17.45
C ARG B 300 -12.46 -31.02 -16.26
N ILE B 301 -12.43 -32.34 -16.11
CA ILE B 301 -11.75 -32.98 -14.99
C ILE B 301 -10.61 -33.81 -15.55
N TYR B 302 -9.38 -33.37 -15.32
CA TYR B 302 -8.19 -34.07 -15.79
C TYR B 302 -7.61 -34.89 -14.65
N VAL B 303 -7.28 -36.15 -14.94
CA VAL B 303 -6.71 -37.05 -13.96
C VAL B 303 -5.47 -37.71 -14.57
N GLN B 304 -4.42 -37.83 -13.78
CA GLN B 304 -3.23 -38.54 -14.24
C GLN B 304 -3.56 -40.02 -14.42
N GLU B 305 -2.78 -40.67 -15.30
CA GLU B 305 -3.11 -42.03 -15.73
C GLU B 305 -3.04 -43.03 -14.58
N SER B 306 -2.17 -42.77 -13.60
CA SER B 306 -1.96 -43.74 -12.52
C SER B 306 -2.96 -43.61 -11.39
N VAL B 307 -3.92 -42.69 -11.48
CA VAL B 307 -4.81 -42.37 -10.37
C VAL B 307 -6.26 -42.35 -10.86
N ALA B 308 -6.43 -42.38 -12.19
CA ALA B 308 -7.73 -42.12 -12.79
C ALA B 308 -8.79 -43.12 -12.33
N ALA B 309 -8.43 -44.40 -12.24
CA ALA B 309 -9.42 -45.42 -11.88
C ALA B 309 -9.96 -45.20 -10.47
N ALA B 310 -9.07 -45.02 -9.50
CA ALA B 310 -9.51 -44.82 -8.12
C ALA B 310 -10.31 -43.53 -7.98
N PHE B 311 -9.86 -42.46 -8.66
CA PHE B 311 -10.59 -41.21 -8.61
C PHE B 311 -12.00 -41.38 -9.17
N THR B 312 -12.14 -42.07 -10.30
CA THR B 312 -13.47 -42.22 -10.88
C THR B 312 -14.34 -43.14 -10.05
N GLU B 313 -13.75 -44.14 -9.38
CA GLU B 313 -14.54 -44.99 -8.50
C GLU B 313 -15.10 -44.21 -7.33
N ARG B 314 -14.24 -43.42 -6.65
CA ARG B 314 -14.73 -42.61 -5.53
C ARG B 314 -15.72 -41.56 -6.01
N LEU B 315 -15.47 -40.98 -7.19
CA LEU B 315 -16.38 -39.98 -7.75
C LEU B 315 -17.75 -40.57 -8.03
N LEU B 316 -17.80 -41.79 -8.59
CA LEU B 316 -19.07 -42.45 -8.82
C LEU B 316 -19.78 -42.75 -7.51
N ALA B 317 -19.03 -43.20 -6.50
CA ALA B 317 -19.63 -43.45 -5.19
C ALA B 317 -20.24 -42.18 -4.61
N LYS B 318 -19.59 -41.04 -4.81
CA LYS B 318 -20.14 -39.79 -4.30
C LYS B 318 -21.30 -39.26 -5.13
N VAL B 319 -21.27 -39.48 -6.45
CA VAL B 319 -22.35 -39.01 -7.31
C VAL B 319 -23.61 -39.85 -7.09
N SER B 320 -23.45 -41.12 -6.71
CA SER B 320 -24.60 -41.95 -6.39
C SER B 320 -25.44 -41.35 -5.28
N GLY B 321 -24.83 -40.59 -4.37
CA GLY B 321 -25.53 -40.00 -3.25
C GLY B 321 -26.29 -38.72 -3.54
N LEU B 322 -26.21 -38.19 -4.76
CA LEU B 322 -26.92 -36.97 -5.10
C LEU B 322 -28.41 -37.23 -5.22
N SER B 323 -29.22 -36.29 -4.74
CA SER B 323 -30.66 -36.43 -4.71
C SER B 323 -31.31 -35.21 -5.34
N LEU B 324 -32.14 -35.45 -6.35
CA LEU B 324 -32.86 -34.39 -7.05
C LEU B 324 -34.24 -34.18 -6.44
N GLY B 325 -34.86 -33.07 -6.81
CA GLY B 325 -36.19 -32.75 -6.34
C GLY B 325 -36.33 -31.26 -6.11
N ARG B 326 -37.42 -30.90 -5.44
CA ARG B 326 -37.69 -29.50 -5.12
C ARG B 326 -36.68 -28.96 -4.12
N GLY B 327 -36.34 -27.69 -4.28
CA GLY B 327 -35.33 -27.07 -3.43
C GLY B 327 -35.72 -27.03 -1.97
N THR B 328 -37.02 -26.84 -1.68
CA THR B 328 -37.51 -26.77 -0.31
C THR B 328 -37.72 -28.15 0.31
N ASP B 329 -37.14 -29.20 -0.26
CA ASP B 329 -37.28 -30.55 0.25
C ASP B 329 -36.00 -30.97 0.95
N ALA B 330 -36.14 -31.53 2.15
CA ALA B 330 -34.98 -31.96 2.92
C ALA B 330 -34.27 -33.10 2.20
N GLY B 331 -32.94 -33.03 2.19
CA GLY B 331 -32.13 -34.03 1.52
C GLY B 331 -31.92 -33.82 0.04
N VAL B 332 -32.47 -32.76 -0.53
CA VAL B 332 -32.34 -32.49 -1.96
C VAL B 332 -31.05 -31.70 -2.19
N SER B 333 -30.18 -32.22 -3.04
CA SER B 333 -28.92 -31.58 -3.38
C SER B 333 -28.95 -30.89 -4.73
N GLN B 334 -29.80 -31.33 -5.65
CA GLN B 334 -29.82 -30.84 -7.02
C GLN B 334 -31.21 -30.34 -7.37
N GLY B 335 -31.28 -29.13 -7.89
CA GLY B 335 -32.51 -28.57 -8.38
C GLY B 335 -32.58 -28.64 -9.90
N PRO B 336 -33.68 -28.16 -10.47
CA PRO B 336 -33.81 -28.20 -11.94
C PRO B 336 -32.93 -27.16 -12.60
N LEU B 337 -32.59 -27.44 -13.86
CA LEU B 337 -31.90 -26.45 -14.68
C LEU B 337 -32.81 -25.26 -14.94
N ILE B 338 -32.21 -24.16 -15.40
CA ILE B 338 -32.93 -22.90 -15.48
C ILE B 338 -34.07 -22.99 -16.50
N ASP B 339 -33.85 -23.73 -17.59
CA ASP B 339 -34.83 -23.81 -18.66
C ASP B 339 -34.51 -25.02 -19.52
N GLU B 340 -35.26 -25.17 -20.61
CA GLU B 340 -35.07 -26.31 -21.50
C GLU B 340 -33.82 -26.20 -22.35
N LYS B 341 -33.34 -24.98 -22.60
CA LYS B 341 -32.12 -24.80 -23.37
C LYS B 341 -30.92 -25.43 -22.66
N ALA B 342 -30.86 -25.33 -21.34
CA ALA B 342 -29.80 -25.98 -20.59
C ALA B 342 -29.84 -27.49 -20.76
N VAL B 343 -31.05 -28.06 -20.70
CA VAL B 343 -31.18 -29.51 -20.91
C VAL B 343 -30.73 -29.88 -22.31
N ALA B 344 -31.12 -29.08 -23.31
CA ALA B 344 -30.73 -29.38 -24.69
C ALA B 344 -29.21 -29.33 -24.86
N LYS B 345 -28.57 -28.31 -24.27
CA LYS B 345 -27.12 -28.21 -24.37
C LYS B 345 -26.43 -29.36 -23.66
N MET B 346 -26.91 -29.75 -22.49
CA MET B 346 -26.31 -30.87 -21.77
C MET B 346 -26.47 -32.16 -22.57
N GLU B 347 -27.64 -32.38 -23.17
CA GLU B 347 -27.85 -33.54 -24.02
C GLU B 347 -26.93 -33.53 -25.22
N GLU B 348 -26.73 -32.34 -25.82
CA GLU B 348 -25.83 -32.24 -26.96
C GLU B 348 -24.40 -32.59 -26.57
N HIS B 349 -23.95 -32.11 -25.41
CA HIS B 349 -22.61 -32.43 -24.95
C HIS B 349 -22.46 -33.93 -24.68
N ILE B 350 -23.47 -34.54 -24.05
CA ILE B 350 -23.42 -35.98 -23.78
C ILE B 350 -23.40 -36.77 -25.09
N ALA B 351 -24.22 -36.34 -26.06
CA ALA B 351 -24.26 -37.04 -27.34
C ALA B 351 -22.94 -36.94 -28.08
N ASP B 352 -22.33 -35.74 -28.09
CA ASP B 352 -21.02 -35.58 -28.71
C ASP B 352 -19.96 -36.43 -28.01
N ALA B 353 -20.02 -36.48 -26.68
CA ALA B 353 -19.08 -37.33 -25.95
C ALA B 353 -19.24 -38.79 -26.32
N MET B 354 -20.49 -39.26 -26.41
CA MET B 354 -20.74 -40.66 -26.76
C MET B 354 -20.28 -40.96 -28.18
N ALA B 355 -20.55 -40.05 -29.12
CA ALA B 355 -20.21 -40.30 -30.52
C ALA B 355 -18.69 -40.22 -30.75
N ASN B 356 -18.00 -39.34 -30.03
CA ASN B 356 -16.59 -39.12 -30.27
C ASN B 356 -15.69 -40.13 -29.55
N GLY B 357 -16.26 -41.05 -28.78
CA GLY B 357 -15.46 -42.10 -28.17
C GLY B 357 -15.63 -42.26 -26.68
N GLY B 358 -16.26 -41.28 -26.03
CA GLY B 358 -16.41 -41.33 -24.59
C GLY B 358 -17.49 -42.30 -24.13
N THR B 359 -17.41 -42.65 -22.86
CA THR B 359 -18.33 -43.61 -22.24
C THR B 359 -19.02 -42.96 -21.05
N VAL B 360 -20.35 -42.98 -21.05
CA VAL B 360 -21.13 -42.48 -19.92
C VAL B 360 -21.08 -43.52 -18.82
N LEU B 361 -20.45 -43.17 -17.70
CA LEU B 361 -20.37 -44.09 -16.57
C LEU B 361 -21.60 -44.02 -15.69
N THR B 362 -22.17 -42.82 -15.53
CA THR B 362 -23.37 -42.66 -14.72
C THR B 362 -24.23 -41.55 -15.30
N GLY B 363 -25.54 -41.71 -15.16
CA GLY B 363 -26.47 -40.70 -15.66
C GLY B 363 -26.55 -40.73 -17.18
N GLY B 364 -26.65 -39.55 -17.78
CA GLY B 364 -26.72 -39.43 -19.22
C GLY B 364 -28.09 -39.19 -19.79
N LYS B 365 -29.10 -38.92 -18.95
CA LYS B 365 -30.45 -38.72 -19.43
C LYS B 365 -31.22 -37.89 -18.40
N ARG B 366 -32.36 -37.37 -18.82
CA ARG B 366 -33.23 -36.62 -17.92
C ARG B 366 -33.74 -37.53 -16.81
N SER B 367 -33.90 -36.97 -15.62
CA SER B 367 -34.38 -37.75 -14.50
C SER B 367 -35.88 -38.01 -14.61
N VAL B 368 -36.36 -38.98 -13.84
CA VAL B 368 -37.77 -39.36 -13.88
C VAL B 368 -38.67 -38.26 -13.36
N LEU B 369 -38.12 -37.27 -12.65
CA LEU B 369 -38.91 -36.15 -12.18
C LEU B 369 -39.50 -35.33 -13.31
N GLY B 370 -38.92 -35.40 -14.50
CA GLY B 370 -39.40 -34.63 -15.62
C GLY B 370 -39.02 -33.16 -15.52
N GLY B 371 -39.62 -32.37 -16.39
CA GLY B 371 -39.29 -30.97 -16.45
C GLY B 371 -37.84 -30.78 -16.85
N THR B 372 -37.15 -29.87 -16.16
CA THR B 372 -35.77 -29.52 -16.49
C THR B 372 -34.76 -30.23 -15.61
N PHE B 373 -35.18 -31.18 -14.80
CA PHE B 373 -34.25 -31.96 -14.01
C PHE B 373 -33.42 -32.87 -14.90
N PHE B 374 -32.16 -33.09 -14.50
CA PHE B 374 -31.25 -33.95 -15.26
C PHE B 374 -30.42 -34.78 -14.28
N GLU B 375 -30.21 -36.05 -14.63
CA GLU B 375 -29.39 -36.91 -13.80
C GLU B 375 -27.94 -36.44 -13.83
N PRO B 376 -27.27 -36.37 -12.67
CA PRO B 376 -25.84 -36.08 -12.67
C PRO B 376 -25.07 -37.12 -13.46
N THR B 377 -24.34 -36.65 -14.47
CA THR B 377 -23.70 -37.52 -15.45
C THR B 377 -22.19 -37.51 -15.25
N VAL B 378 -21.61 -38.69 -15.19
CA VAL B 378 -20.16 -38.88 -15.17
C VAL B 378 -19.79 -39.67 -16.41
N VAL B 379 -18.93 -39.08 -17.25
CA VAL B 379 -18.50 -39.65 -18.51
C VAL B 379 -16.98 -39.78 -18.50
N THR B 380 -16.49 -40.97 -18.82
CA THR B 380 -15.06 -41.22 -18.97
C THR B 380 -14.70 -41.30 -20.45
N GLY B 381 -13.41 -41.16 -20.73
CA GLY B 381 -12.92 -41.24 -22.08
C GLY B 381 -13.03 -39.96 -22.88
N VAL B 382 -13.32 -38.83 -22.23
CA VAL B 382 -13.44 -37.56 -22.94
C VAL B 382 -12.09 -37.15 -23.50
N THR B 383 -12.12 -36.46 -24.63
CA THR B 383 -10.93 -35.96 -25.31
C THR B 383 -11.02 -34.45 -25.49
N GLN B 384 -9.97 -33.88 -26.08
CA GLN B 384 -9.89 -32.44 -26.27
C GLN B 384 -10.64 -31.93 -27.49
N THR B 385 -11.04 -32.82 -28.40
CA THR B 385 -11.83 -32.43 -29.55
C THR B 385 -13.33 -32.35 -29.23
N MET B 386 -13.74 -32.87 -28.08
CA MET B 386 -15.14 -32.94 -27.73
C MET B 386 -15.71 -31.54 -27.50
N LYS B 387 -17.02 -31.41 -27.67
CA LYS B 387 -17.67 -30.12 -27.47
C LYS B 387 -17.50 -29.63 -26.04
N VAL B 388 -17.64 -30.53 -25.07
CA VAL B 388 -17.50 -30.15 -23.67
C VAL B 388 -16.08 -29.69 -23.34
N ALA B 389 -15.08 -30.15 -24.10
CA ALA B 389 -13.71 -29.75 -23.83
C ALA B 389 -13.45 -28.28 -24.12
N LYS B 390 -14.26 -27.66 -24.97
CA LYS B 390 -14.09 -26.25 -25.29
C LYS B 390 -15.31 -25.39 -24.98
N GLU B 391 -16.43 -25.99 -24.58
CA GLU B 391 -17.64 -25.25 -24.31
C GLU B 391 -18.12 -25.53 -22.89
N GLU B 392 -18.76 -24.54 -22.29
CA GLU B 392 -19.26 -24.65 -20.92
C GLU B 392 -20.67 -25.23 -20.94
N THR B 393 -20.87 -26.33 -20.20
CA THR B 393 -22.18 -26.98 -20.18
C THR B 393 -23.18 -26.18 -19.36
N PHE B 394 -22.77 -25.66 -18.21
CA PHE B 394 -23.68 -25.10 -17.21
C PHE B 394 -24.72 -26.12 -16.78
N ALA B 395 -24.27 -27.36 -16.58
CA ALA B 395 -25.15 -28.47 -16.25
C ALA B 395 -24.31 -29.56 -15.60
N PRO B 396 -24.93 -30.45 -14.81
CA PRO B 396 -24.13 -31.40 -14.00
C PRO B 396 -23.56 -32.59 -14.76
N LEU B 397 -22.52 -32.34 -15.54
CA LEU B 397 -21.80 -33.37 -16.27
C LEU B 397 -20.33 -33.35 -15.87
N ALA B 398 -19.78 -34.53 -15.59
CA ALA B 398 -18.39 -34.64 -15.14
C ALA B 398 -17.53 -35.34 -16.18
N PRO B 399 -17.02 -34.61 -17.18
CA PRO B 399 -16.15 -35.25 -18.17
C PRO B 399 -14.75 -35.47 -17.61
N ILE B 400 -14.25 -36.69 -17.78
CA ILE B 400 -12.97 -37.11 -17.25
C ILE B 400 -12.01 -37.35 -18.42
N ILE B 401 -10.98 -36.51 -18.49
CA ILE B 401 -9.89 -36.65 -19.45
C ILE B 401 -8.67 -37.13 -18.68
N SER B 402 -7.95 -38.08 -19.26
CA SER B 402 -6.75 -38.63 -18.65
C SER B 402 -5.51 -38.02 -19.29
N PHE B 403 -4.47 -37.82 -18.48
CA PHE B 403 -3.18 -37.36 -18.97
C PHE B 403 -2.07 -38.19 -18.34
N LYS B 404 -0.84 -37.88 -18.70
CA LYS B 404 0.30 -38.67 -18.23
C LYS B 404 1.38 -37.79 -17.61
N HIS B 405 1.51 -36.55 -18.07
CA HIS B 405 2.57 -35.65 -17.61
C HIS B 405 2.00 -34.28 -17.28
N GLU B 406 2.72 -33.57 -16.41
CA GLU B 406 2.26 -32.28 -15.93
C GLU B 406 2.20 -31.24 -17.06
N ASN B 407 3.20 -31.25 -17.94
CA ASN B 407 3.21 -30.26 -19.02
C ASN B 407 2.12 -30.53 -20.04
N ASP B 408 1.77 -31.79 -20.27
CA ASP B 408 0.65 -32.10 -21.16
C ASP B 408 -0.66 -31.54 -20.62
N VAL B 409 -0.91 -31.74 -19.32
CA VAL B 409 -2.14 -31.21 -18.74
C VAL B 409 -2.10 -29.70 -18.68
N ILE B 410 -0.93 -29.09 -18.56
CA ILE B 410 -0.84 -27.64 -18.60
C ILE B 410 -1.19 -27.12 -19.99
N ALA B 411 -0.71 -27.81 -21.03
CA ALA B 411 -1.05 -27.44 -22.40
C ALA B 411 -2.55 -27.61 -22.65
N MET B 412 -3.15 -28.68 -22.12
CA MET B 412 -4.57 -28.93 -22.36
C MET B 412 -5.46 -27.97 -21.58
N ALA B 413 -5.08 -27.66 -20.34
CA ALA B 413 -5.90 -26.78 -19.51
C ALA B 413 -5.91 -25.35 -20.04
N ASN B 414 -4.80 -24.88 -20.60
CA ASN B 414 -4.73 -23.55 -21.18
C ASN B 414 -5.26 -23.50 -22.60
N ASP B 415 -5.69 -24.63 -23.15
CA ASP B 415 -6.22 -24.70 -24.52
C ASP B 415 -7.69 -24.25 -24.51
N SER B 416 -7.87 -22.95 -24.28
CA SER B 416 -9.18 -22.34 -24.17
C SER B 416 -9.01 -20.84 -24.14
N GLU B 417 -10.04 -20.12 -24.59
CA GLU B 417 -10.04 -18.66 -24.60
C GLU B 417 -10.59 -18.06 -23.31
N PHE B 418 -11.02 -18.89 -22.36
CA PHE B 418 -11.62 -18.43 -21.12
C PHE B 418 -10.64 -18.65 -19.97
N GLY B 419 -10.50 -17.64 -19.12
CA GLY B 419 -9.54 -17.66 -18.04
C GLY B 419 -10.13 -17.37 -16.67
N LEU B 420 -11.29 -17.95 -16.36
CA LEU B 420 -11.94 -17.59 -15.11
C LEU B 420 -11.37 -18.36 -13.92
N ALA B 421 -11.55 -19.68 -13.88
CA ALA B 421 -11.17 -20.46 -12.72
C ALA B 421 -10.46 -21.73 -13.15
N SER B 422 -9.70 -22.29 -12.22
CA SER B 422 -9.03 -23.58 -12.42
C SER B 422 -8.79 -24.19 -11.05
N TYR B 423 -8.68 -25.51 -11.03
CA TYR B 423 -8.41 -26.24 -9.81
C TYR B 423 -7.41 -27.34 -10.10
N PHE B 424 -6.51 -27.59 -9.16
CA PHE B 424 -5.68 -28.78 -9.25
C PHE B 424 -5.34 -29.26 -7.85
N TYR B 425 -5.03 -30.55 -7.77
CA TYR B 425 -4.74 -31.22 -6.51
C TYR B 425 -3.34 -31.80 -6.55
N ALA B 426 -2.47 -31.32 -5.66
CA ALA B 426 -1.10 -31.80 -5.57
C ALA B 426 -0.57 -31.45 -4.18
N LYS B 427 0.50 -32.14 -3.79
CA LYS B 427 1.10 -31.91 -2.48
C LYS B 427 2.45 -31.21 -2.55
N ASP B 428 3.24 -31.45 -3.59
CA ASP B 428 4.58 -30.89 -3.67
C ASP B 428 4.51 -29.38 -3.86
N MET B 429 5.30 -28.64 -3.06
CA MET B 429 5.28 -27.19 -3.12
C MET B 429 5.77 -26.66 -4.47
N ALA B 430 6.85 -27.24 -4.99
CA ALA B 430 7.36 -26.80 -6.28
C ALA B 430 6.34 -27.01 -7.38
N ARG B 431 5.70 -28.19 -7.40
CA ARG B 431 4.66 -28.46 -8.39
C ARG B 431 3.49 -27.51 -8.22
N ILE B 432 3.09 -27.23 -6.99
CA ILE B 432 1.94 -26.35 -6.75
C ILE B 432 2.24 -24.95 -7.29
N TRP B 433 3.39 -24.39 -6.93
CA TRP B 433 3.75 -23.07 -7.40
C TRP B 433 3.85 -23.04 -8.92
N ARG B 434 4.50 -24.05 -9.51
CA ARG B 434 4.72 -24.08 -10.95
C ARG B 434 3.40 -24.15 -11.71
N VAL B 435 2.52 -25.07 -11.31
CA VAL B 435 1.25 -25.23 -12.02
C VAL B 435 0.35 -24.03 -11.78
N ALA B 436 0.32 -23.49 -10.56
CA ALA B 436 -0.54 -22.35 -10.28
C ALA B 436 -0.09 -21.12 -11.05
N GLU B 437 1.22 -20.95 -11.25
CA GLU B 437 1.69 -19.84 -12.06
C GLU B 437 1.50 -20.10 -13.55
N ALA B 438 1.55 -21.36 -13.99
CA ALA B 438 1.41 -21.66 -15.41
C ALA B 438 -0.04 -21.60 -15.88
N LEU B 439 -0.99 -21.95 -15.01
CA LEU B 439 -2.39 -21.96 -15.40
C LEU B 439 -2.86 -20.55 -15.73
N GLU B 440 -3.56 -20.41 -16.84
CA GLU B 440 -4.01 -19.11 -17.33
C GLU B 440 -5.44 -18.89 -16.89
N ALA B 441 -5.59 -18.38 -15.67
CA ALA B 441 -6.91 -18.15 -15.10
C ALA B 441 -6.83 -16.98 -14.13
N GLY B 442 -7.97 -16.33 -13.92
CA GLY B 442 -8.05 -15.28 -12.91
C GLY B 442 -7.93 -15.83 -11.50
N MET B 443 -8.48 -17.03 -11.25
CA MET B 443 -8.53 -17.63 -9.93
C MET B 443 -8.12 -19.09 -10.02
N VAL B 444 -7.27 -19.51 -9.08
CA VAL B 444 -6.77 -20.88 -9.03
C VAL B 444 -7.04 -21.44 -7.64
N GLY B 445 -7.74 -22.55 -7.58
CA GLY B 445 -8.00 -23.22 -6.32
C GLY B 445 -7.16 -24.45 -6.14
N VAL B 446 -6.16 -24.40 -5.26
CA VAL B 446 -5.23 -25.49 -5.05
C VAL B 446 -5.71 -26.32 -3.88
N ASN B 447 -5.95 -27.61 -4.13
CA ASN B 447 -6.42 -28.57 -3.13
C ASN B 447 -7.75 -28.16 -2.49
N THR B 448 -8.53 -27.33 -3.18
CA THR B 448 -9.85 -26.95 -2.70
C THR B 448 -10.72 -26.59 -3.89
N GLY B 449 -11.98 -27.02 -3.83
CA GLY B 449 -12.98 -26.69 -4.82
C GLY B 449 -13.81 -25.48 -4.49
N MET B 450 -13.59 -24.87 -3.33
CA MET B 450 -14.29 -23.68 -2.90
C MET B 450 -13.32 -22.51 -2.91
N ILE B 451 -13.66 -21.45 -3.64
CA ILE B 451 -12.82 -20.27 -3.75
C ILE B 451 -13.58 -18.98 -3.51
N ALA B 452 -14.89 -19.02 -3.33
CA ALA B 452 -15.66 -17.80 -3.13
C ALA B 452 -15.21 -17.10 -1.85
N ASN B 453 -14.92 -15.81 -1.97
CA ASN B 453 -14.36 -15.04 -0.86
C ASN B 453 -14.49 -13.56 -1.18
N GLU B 454 -15.11 -12.81 -0.27
CA GLU B 454 -15.23 -11.37 -0.45
C GLU B 454 -13.91 -10.64 -0.21
N MET B 455 -12.93 -11.30 0.38
CA MET B 455 -11.62 -10.72 0.62
C MET B 455 -10.61 -11.02 -0.50
N ALA B 456 -10.99 -11.84 -1.48
CA ALA B 456 -10.12 -12.21 -2.58
C ALA B 456 -10.56 -11.55 -3.87
N PRO B 457 -9.62 -11.28 -4.80
CA PRO B 457 -10.00 -10.63 -6.07
C PRO B 457 -10.67 -11.57 -7.05
N PHE B 458 -11.98 -11.71 -6.95
CA PHE B 458 -12.73 -12.55 -7.87
C PHE B 458 -12.78 -11.93 -9.25
N GLY B 459 -12.46 -12.70 -10.27
CA GLY B 459 -12.46 -12.22 -11.63
C GLY B 459 -11.60 -13.09 -12.51
N GLY B 460 -11.73 -12.87 -13.83
CA GLY B 460 -11.07 -13.69 -14.81
C GLY B 460 -10.16 -12.87 -15.73
N ILE B 461 -9.45 -13.61 -16.58
CA ILE B 461 -8.56 -13.03 -17.58
C ILE B 461 -8.99 -13.52 -18.96
N LYS B 462 -8.34 -12.97 -19.98
CA LYS B 462 -8.58 -13.32 -21.39
C LYS B 462 -10.02 -12.92 -21.73
N GLN B 463 -10.81 -13.79 -22.35
CA GLN B 463 -12.19 -13.46 -22.71
C GLN B 463 -13.14 -13.51 -21.52
N SER B 464 -12.69 -14.04 -20.38
CA SER B 464 -13.56 -14.16 -19.22
C SER B 464 -13.92 -12.83 -18.59
N GLY B 465 -13.29 -11.75 -19.00
CA GLY B 465 -13.71 -10.42 -18.62
C GLY B 465 -12.58 -9.60 -18.06
N THR B 466 -12.93 -8.42 -17.56
CA THR B 466 -11.99 -7.47 -16.99
C THR B 466 -12.51 -7.00 -15.63
N GLY B 467 -11.59 -6.62 -14.76
CA GLY B 467 -11.94 -6.13 -13.44
C GLY B 467 -12.01 -7.24 -12.41
N ARG B 468 -12.13 -6.82 -11.15
CA ARG B 468 -12.15 -7.75 -10.03
C ARG B 468 -13.28 -7.37 -9.08
N GLU B 469 -13.72 -8.37 -8.32
CA GLU B 469 -14.78 -8.20 -7.33
C GLU B 469 -14.26 -8.63 -5.97
N GLY B 470 -14.52 -7.81 -4.96
CA GLY B 470 -14.03 -8.09 -3.63
C GLY B 470 -12.59 -7.65 -3.43
N SER B 471 -12.06 -7.98 -2.25
CA SER B 471 -10.69 -7.67 -1.86
C SER B 471 -10.43 -6.17 -1.85
N LYS B 472 -9.17 -5.78 -1.75
CA LYS B 472 -8.80 -4.38 -1.78
C LYS B 472 -8.77 -3.82 -3.20
N TYR B 473 -8.88 -4.67 -4.22
CA TYR B 473 -8.91 -4.22 -5.60
C TYR B 473 -10.32 -4.05 -6.15
N GLY B 474 -11.35 -4.47 -5.42
CA GLY B 474 -12.70 -4.41 -5.93
C GLY B 474 -13.27 -3.00 -6.03
N ILE B 475 -12.73 -2.05 -5.27
CA ILE B 475 -13.24 -0.68 -5.32
C ILE B 475 -12.47 0.20 -6.29
N GLU B 476 -11.40 -0.31 -6.91
CA GLU B 476 -10.59 0.52 -7.80
C GLU B 476 -11.37 0.94 -9.03
N GLY B 477 -12.18 0.04 -9.59
CA GLY B 477 -12.92 0.34 -10.80
C GLY B 477 -13.97 1.41 -10.64
N PHE B 478 -14.44 1.65 -9.43
CA PHE B 478 -15.47 2.64 -9.17
C PHE B 478 -14.90 4.00 -8.78
N LEU B 479 -13.58 4.14 -8.73
CA LEU B 479 -12.95 5.40 -8.40
C LEU B 479 -12.11 5.89 -9.56
N GLU B 480 -11.99 7.21 -9.67
CA GLU B 480 -11.14 7.86 -10.65
C GLU B 480 -10.09 8.68 -9.92
N LEU B 481 -8.87 8.64 -10.43
CA LEU B 481 -7.78 9.39 -9.84
C LEU B 481 -7.85 10.86 -10.27
N LYS B 482 -7.34 11.73 -9.40
CA LYS B 482 -7.23 13.15 -9.69
C LYS B 482 -5.87 13.60 -9.19
N TYR B 483 -4.97 13.91 -10.12
CA TYR B 483 -3.64 14.40 -9.80
C TYR B 483 -3.72 15.92 -9.69
N VAL B 484 -3.48 16.43 -8.48
CA VAL B 484 -3.51 17.85 -8.20
C VAL B 484 -2.07 18.29 -7.93
N ALA B 485 -1.61 19.29 -8.68
CA ALA B 485 -0.28 19.86 -8.50
C ALA B 485 -0.45 21.24 -7.88
N LEU B 486 -0.03 21.38 -6.63
CA LEU B 486 -0.21 22.61 -5.87
C LEU B 486 1.09 23.42 -5.95
N GLY B 487 1.07 24.46 -6.78
CA GLY B 487 2.21 25.34 -6.93
C GLY B 487 2.08 26.59 -6.08
N GLY B 488 3.04 27.49 -6.27
CA GLY B 488 3.08 28.73 -5.51
C GLY B 488 3.33 28.56 -4.03
N MET B 489 4.25 27.67 -3.66
CA MET B 489 4.56 27.41 -2.26
C MET B 489 5.51 28.47 -1.71
N ALA C 8 -26.63 4.85 40.45
CA ALA C 8 -27.70 5.07 39.50
C ALA C 8 -27.35 4.49 38.14
N LEU C 9 -27.06 3.19 38.11
CA LEU C 9 -26.59 2.52 36.91
C LEU C 9 -27.69 1.60 36.37
N LYS C 10 -27.95 1.69 35.07
CA LYS C 10 -28.88 0.78 34.44
C LYS C 10 -28.38 -0.66 34.54
N ASP C 11 -27.08 -0.87 34.39
CA ASP C 11 -26.46 -2.18 34.59
C ASP C 11 -25.47 -2.09 35.74
N PRO C 12 -25.85 -2.56 36.94
CA PRO C 12 -24.93 -2.45 38.08
C PRO C 12 -23.72 -3.38 37.98
N ALA C 13 -23.76 -4.37 37.09
CA ALA C 13 -22.60 -5.24 36.91
C ALA C 13 -21.43 -4.53 36.26
N LEU C 14 -21.65 -3.34 35.69
CA LEU C 14 -20.55 -2.58 35.10
C LEU C 14 -19.67 -1.95 36.16
N LEU C 15 -20.15 -1.83 37.40
CA LEU C 15 -19.34 -1.40 38.52
C LEU C 15 -18.91 -2.65 39.29
N THR C 16 -17.61 -2.91 39.33
CA THR C 16 -17.08 -4.11 39.95
C THR C 16 -15.91 -3.75 40.85
N ASP C 17 -15.67 -4.62 41.83
CA ASP C 17 -14.64 -4.39 42.84
C ASP C 17 -13.52 -5.41 42.75
N LYS C 18 -13.41 -6.10 41.62
CA LYS C 18 -12.45 -7.19 41.45
C LYS C 18 -11.65 -6.98 40.19
N ALA C 19 -10.45 -7.54 40.17
CA ALA C 19 -9.59 -7.52 39.00
C ALA C 19 -9.91 -8.69 38.08
N PHE C 20 -9.52 -8.53 36.81
CA PHE C 20 -9.80 -9.51 35.77
C PHE C 20 -8.50 -10.23 35.42
N VAL C 21 -8.37 -11.48 35.87
CA VAL C 21 -7.15 -12.26 35.69
C VAL C 21 -7.54 -13.64 35.19
N ALA C 22 -6.89 -14.07 34.10
CA ALA C 22 -7.16 -15.37 33.47
C ALA C 22 -8.62 -15.52 33.10
N GLY C 23 -9.27 -14.41 32.73
CA GLY C 23 -10.68 -14.45 32.39
C GLY C 23 -11.62 -14.63 33.56
N ALA C 24 -11.14 -14.48 34.79
CA ALA C 24 -11.97 -14.63 35.97
C ALA C 24 -11.83 -13.40 36.85
N TRP C 25 -12.84 -13.18 37.68
CA TRP C 25 -12.84 -12.05 38.60
C TRP C 25 -12.27 -12.49 39.93
N ILE C 26 -11.15 -11.87 40.32
CA ILE C 26 -10.42 -12.26 41.51
C ILE C 26 -10.16 -11.01 42.36
N GLY C 27 -9.90 -11.25 43.64
CA GLY C 27 -9.40 -10.24 44.55
C GLY C 27 -7.98 -10.55 44.98
N ALA C 28 -7.41 -9.62 45.72
CA ALA C 28 -6.07 -9.83 46.26
C ALA C 28 -6.09 -10.96 47.27
N PRO C 29 -5.17 -11.92 47.19
CA PRO C 29 -5.16 -13.04 48.14
C PRO C 29 -4.70 -12.65 49.54
N ASP C 30 -4.22 -11.43 49.74
CA ASP C 30 -3.86 -10.94 51.06
C ASP C 30 -4.86 -9.94 51.60
N GLY C 31 -5.97 -9.71 50.92
CA GLY C 31 -6.99 -8.78 51.37
C GLY C 31 -6.65 -7.32 51.15
N LYS C 32 -5.45 -7.01 50.66
CA LYS C 32 -5.08 -5.63 50.41
C LYS C 32 -5.93 -5.05 49.27
N SER C 33 -6.16 -3.74 49.34
CA SER C 33 -7.00 -3.09 48.34
C SER C 33 -6.62 -1.63 48.25
N ILE C 34 -7.08 -1.01 47.16
CA ILE C 34 -6.89 0.41 46.89
C ILE C 34 -8.27 1.05 46.78
N ALA C 35 -8.49 2.11 47.53
CA ALA C 35 -9.77 2.81 47.47
C ALA C 35 -9.82 3.72 46.25
N VAL C 36 -11.03 3.90 45.72
CA VAL C 36 -11.29 4.83 44.63
C VAL C 36 -12.24 5.89 45.16
N THR C 37 -11.88 7.15 45.00
CA THR C 37 -12.65 8.26 45.55
C THR C 37 -13.08 9.22 44.45
N ASP C 38 -14.22 9.87 44.68
CA ASP C 38 -14.74 10.85 43.74
C ASP C 38 -13.99 12.16 43.89
N PRO C 39 -13.38 12.69 42.82
CA PRO C 39 -12.61 13.93 42.97
C PRO C 39 -13.44 15.14 43.37
N PHE C 40 -14.76 15.12 43.16
CA PHE C 40 -15.57 16.28 43.47
C PHE C 40 -15.62 16.55 44.97
N ASP C 41 -15.85 15.50 45.77
CA ASP C 41 -15.95 15.68 47.21
C ASP C 41 -15.24 14.59 48.01
N GLY C 42 -14.38 13.79 47.38
CA GLY C 42 -13.66 12.76 48.11
C GLY C 42 -14.48 11.56 48.50
N ALA C 43 -15.69 11.42 47.98
CA ALA C 43 -16.55 10.31 48.36
C ALA C 43 -15.98 8.99 47.88
N LEU C 44 -16.06 7.97 48.73
CA LEU C 44 -15.52 6.67 48.39
C LEU C 44 -16.46 5.92 47.44
N ILE C 45 -15.88 5.25 46.45
CA ILE C 45 -16.64 4.51 45.45
C ILE C 45 -16.52 3.01 45.67
N ALA C 46 -15.31 2.45 45.61
CA ALA C 46 -15.11 1.03 45.79
C ALA C 46 -13.65 0.75 46.08
N ASN C 47 -13.38 -0.47 46.56
CA ASN C 47 -12.04 -0.93 46.86
C ASN C 47 -11.63 -1.98 45.83
N VAL C 48 -10.72 -1.62 44.95
CA VAL C 48 -10.22 -2.56 43.94
C VAL C 48 -9.06 -3.35 44.52
N PRO C 49 -8.77 -4.55 44.03
CA PRO C 49 -7.66 -5.33 44.58
C PRO C 49 -6.31 -4.67 44.34
N ASP C 50 -5.40 -4.89 45.28
CA ASP C 50 -4.00 -4.48 45.16
C ASP C 50 -3.19 -5.76 44.93
N LEU C 51 -2.84 -6.01 43.67
CA LEU C 51 -2.25 -7.28 43.27
C LEU C 51 -0.73 -7.21 43.29
N GLY C 52 -0.11 -8.27 43.82
CA GLY C 52 1.33 -8.35 43.89
C GLY C 52 1.94 -8.85 42.60
N GLN C 53 3.23 -9.13 42.66
CA GLN C 53 3.96 -9.57 41.47
CA GLN C 53 3.96 -9.57 41.47
C GLN C 53 3.67 -11.02 41.12
N ALA C 54 3.32 -11.85 42.11
CA ALA C 54 3.05 -13.26 41.82
C ALA C 54 1.74 -13.44 41.07
N VAL C 55 0.69 -12.72 41.49
CA VAL C 55 -0.58 -12.79 40.78
C VAL C 55 -0.43 -12.24 39.38
N VAL C 56 0.35 -11.16 39.22
CA VAL C 56 0.60 -10.63 37.88
C VAL C 56 1.37 -11.63 37.03
N ALA C 57 2.31 -12.36 37.64
CA ALA C 57 3.04 -13.39 36.90
C ALA C 57 2.10 -14.48 36.41
N GLN C 58 1.19 -14.92 37.27
CA GLN C 58 0.20 -15.92 36.86
C GLN C 58 -0.70 -15.37 35.76
N ALA C 59 -1.07 -14.09 35.85
CA ALA C 59 -1.87 -13.47 34.81
C ALA C 59 -1.12 -13.44 33.48
N ILE C 60 0.19 -13.17 33.52
CA ILE C 60 0.99 -13.14 32.31
C ILE C 60 1.08 -14.53 31.69
N ASP C 61 1.23 -15.56 32.52
CA ASP C 61 1.24 -16.93 31.99
C ASP C 61 -0.09 -17.29 31.33
N ALA C 62 -1.20 -16.91 31.97
CA ALA C 62 -2.51 -17.15 31.36
C ALA C 62 -2.66 -16.40 30.05
N ALA C 63 -2.18 -15.15 30.02
CA ALA C 63 -2.24 -14.37 28.78
C ALA C 63 -1.41 -15.01 27.68
N ALA C 64 -0.27 -15.62 28.05
CA ALA C 64 0.56 -16.29 27.05
C ALA C 64 -0.17 -17.49 26.45
N GLU C 65 -0.78 -18.33 27.30
CA GLU C 65 -1.54 -19.46 26.76
C GLU C 65 -2.71 -18.99 25.92
N ALA C 66 -3.43 -17.96 26.38
CA ALA C 66 -4.55 -17.44 25.63
C ALA C 66 -4.12 -16.87 24.29
N GLN C 67 -2.98 -16.18 24.26
CA GLN C 67 -2.46 -15.66 23.00
C GLN C 67 -2.12 -16.81 22.05
N LYS C 68 -1.55 -17.89 22.58
CA LYS C 68 -1.27 -19.05 21.74
C LYS C 68 -2.55 -19.58 21.10
N LEU C 69 -3.64 -19.61 21.87
CA LEU C 69 -4.91 -20.08 21.32
C LEU C 69 -5.62 -19.05 20.45
N TRP C 70 -5.32 -17.77 20.61
CA TRP C 70 -6.06 -16.67 20.01
C TRP C 70 -5.51 -16.25 18.66
N GLU C 71 -4.23 -16.47 18.41
CA GLU C 71 -3.65 -16.19 17.10
C GLU C 71 -4.03 -17.24 16.07
N ARG C 72 -4.50 -18.40 16.52
CA ARG C 72 -4.92 -19.46 15.59
C ARG C 72 -6.33 -19.25 15.07
N ARG C 73 -7.11 -18.38 15.70
CA ARG C 73 -8.44 -18.06 15.17
C ARG C 73 -8.32 -17.24 13.90
N THR C 74 -9.33 -17.34 13.04
CA THR C 74 -9.33 -16.58 11.82
C THR C 74 -9.50 -15.09 12.11
N ALA C 75 -9.08 -14.26 11.16
CA ALA C 75 -9.23 -12.82 11.31
C ALA C 75 -10.70 -12.42 11.39
N LYS C 76 -11.58 -13.19 10.72
CA LYS C 76 -13.00 -12.90 10.79
C LYS C 76 -13.54 -13.09 12.20
N GLU C 77 -13.13 -14.16 12.89
CA GLU C 77 -13.61 -14.41 14.25
C GLU C 77 -13.14 -13.33 15.21
N ARG C 78 -11.87 -12.94 15.13
CA ARG C 78 -11.35 -11.90 16.00
C ARG C 78 -12.02 -10.55 15.71
N ALA C 79 -12.24 -10.25 14.43
CA ALA C 79 -12.96 -9.03 14.08
C ALA C 79 -14.39 -9.06 14.59
N GLN C 80 -15.05 -10.22 14.53
CA GLN C 80 -16.41 -10.32 15.05
C GLN C 80 -16.44 -10.10 16.56
N VAL C 81 -15.46 -10.65 17.27
CA VAL C 81 -15.38 -10.43 18.71
C VAL C 81 -15.17 -8.95 19.02
N LEU C 82 -14.26 -8.31 18.28
CA LEU C 82 -13.99 -6.89 18.52
C LEU C 82 -15.21 -6.03 18.19
N LYS C 83 -15.94 -6.37 17.13
CA LYS C 83 -17.15 -5.63 16.78
C LYS C 83 -18.23 -5.83 17.82
N ARG C 84 -18.38 -7.04 18.36
CA ARG C 84 -19.31 -7.26 19.46
C ARG C 84 -18.93 -6.42 20.68
N TRP C 85 -17.63 -6.34 20.98
CA TRP C 85 -17.17 -5.51 22.08
C TRP C 85 -17.52 -4.05 21.84
N TYR C 86 -17.31 -3.56 20.61
CA TYR C 86 -17.66 -2.18 20.28
C TYR C 86 -19.16 -1.93 20.43
N ASP C 87 -19.98 -2.88 19.96
CA ASP C 87 -21.42 -2.73 20.06
C ASP C 87 -21.88 -2.68 21.51
N LEU C 88 -21.31 -3.55 22.35
CA LEU C 88 -21.64 -3.53 23.77
C LEU C 88 -21.19 -2.24 24.44
N ILE C 89 -20.03 -1.71 24.05
CA ILE C 89 -19.56 -0.46 24.63
C ILE C 89 -20.49 0.69 24.27
N VAL C 90 -20.91 0.76 23.00
CA VAL C 90 -21.81 1.84 22.59
C VAL C 90 -23.18 1.69 23.24
N GLU C 91 -23.65 0.44 23.39
CA GLU C 91 -24.95 0.21 24.00
C GLU C 91 -24.98 0.68 25.46
N ASN C 92 -23.90 0.45 26.19
CA ASN C 92 -23.82 0.83 27.61
C ASN C 92 -23.04 2.12 27.80
N ALA C 93 -23.15 3.06 26.88
CA ALA C 93 -22.33 4.27 26.95
C ALA C 93 -22.73 5.16 28.13
N ASP C 94 -24.00 5.15 28.53
CA ASP C 94 -24.44 6.03 29.62
C ASP C 94 -23.91 5.55 30.96
N ASP C 95 -23.97 4.25 31.23
CA ASP C 95 -23.41 3.72 32.47
C ASP C 95 -21.90 3.92 32.51
N LEU C 96 -21.22 3.68 31.40
CA LEU C 96 -19.78 3.89 31.33
C LEU C 96 -19.44 5.36 31.56
N ALA C 97 -20.22 6.27 30.97
CA ALA C 97 -19.98 7.69 31.17
C ALA C 97 -20.20 8.09 32.63
N LEU C 98 -21.22 7.51 33.27
CA LEU C 98 -21.45 7.82 34.68
C LEU C 98 -20.31 7.33 35.55
N ILE C 99 -19.82 6.12 35.30
CA ILE C 99 -18.67 5.60 36.04
C ILE C 99 -17.45 6.49 35.82
N LEU C 100 -17.22 6.89 34.57
CA LEU C 100 -16.06 7.71 34.26
C LEU C 100 -16.13 9.07 34.94
N THR C 101 -17.31 9.70 34.93
CA THR C 101 -17.47 11.00 35.59
C THR C 101 -17.31 10.86 37.11
N THR C 102 -17.84 9.78 37.68
CA THR C 102 -17.68 9.55 39.11
C THR C 102 -16.21 9.39 39.50
N GLU C 103 -15.46 8.62 38.71
CA GLU C 103 -14.08 8.32 39.11
C GLU C 103 -13.11 9.44 38.77
N GLN C 104 -13.29 10.08 37.61
CA GLN C 104 -12.34 11.06 37.10
C GLN C 104 -12.77 12.50 37.31
N GLY C 105 -14.07 12.79 37.21
CA GLY C 105 -14.59 14.11 37.50
C GLY C 105 -14.98 14.96 36.31
N LYS C 106 -14.71 14.51 35.09
CA LYS C 106 -15.04 15.29 33.92
C LYS C 106 -16.56 15.35 33.73
N PRO C 107 -17.06 16.39 33.05
CA PRO C 107 -18.50 16.51 32.83
C PRO C 107 -19.07 15.31 32.09
N LEU C 108 -20.31 14.97 32.43
CA LEU C 108 -20.91 13.73 31.93
C LEU C 108 -20.98 13.71 30.40
N ALA C 109 -21.23 14.88 29.79
CA ALA C 109 -21.23 14.96 28.33
C ALA C 109 -19.86 14.61 27.76
N GLU C 110 -18.79 15.13 28.39
CA GLU C 110 -17.44 14.79 27.96
C GLU C 110 -17.15 13.30 28.16
N ALA C 111 -17.63 12.72 29.26
CA ALA C 111 -17.42 11.30 29.49
C ALA C 111 -18.10 10.46 28.42
N ARG C 112 -19.34 10.81 28.04
CA ARG C 112 -20.02 10.07 27.00
C ARG C 112 -19.34 10.24 25.65
N GLY C 113 -18.93 11.47 25.33
CA GLY C 113 -18.19 11.69 24.10
C GLY C 113 -16.92 10.87 24.05
N GLU C 114 -16.20 10.78 25.18
CA GLU C 114 -15.02 9.96 25.25
C GLU C 114 -15.34 8.50 24.97
N VAL C 115 -16.40 7.98 25.61
CA VAL C 115 -16.73 6.57 25.47
C VAL C 115 -17.04 6.24 24.00
N VAL C 116 -17.85 7.07 23.36
CA VAL C 116 -18.22 6.79 21.96
C VAL C 116 -17.01 6.96 21.03
N SER C 117 -16.37 8.13 21.10
CA SER C 117 -15.28 8.44 20.17
C SER C 117 -14.06 7.57 20.39
N ASN C 118 -13.99 6.81 21.49
CA ASN C 118 -12.91 5.87 21.66
C ASN C 118 -13.32 4.42 21.48
N ALA C 119 -14.61 4.09 21.57
CA ALA C 119 -15.05 2.81 21.02
C ALA C 119 -14.90 2.76 19.51
N ALA C 120 -14.89 3.94 18.88
CA ALA C 120 -14.56 4.01 17.46
C ALA C 120 -13.23 3.32 17.15
N TYR C 121 -12.26 3.39 18.07
CA TYR C 121 -10.99 2.71 17.87
C TYR C 121 -11.16 1.20 17.79
N LEU C 122 -11.98 0.64 18.67
CA LEU C 122 -12.27 -0.79 18.64
C LEU C 122 -12.91 -1.17 17.32
N GLU C 123 -13.85 -0.35 16.84
CA GLU C 123 -14.48 -0.64 15.54
C GLU C 123 -13.45 -0.61 14.41
N TRP C 124 -12.60 0.42 14.39
CA TRP C 124 -11.61 0.56 13.33
C TRP C 124 -10.65 -0.61 13.31
N PHE C 125 -10.19 -1.05 14.48
CA PHE C 125 -9.24 -2.14 14.49
C PHE C 125 -9.90 -3.50 14.29
N ALA C 126 -11.20 -3.63 14.58
CA ALA C 126 -11.92 -4.81 14.11
C ALA C 126 -11.90 -4.87 12.59
N GLU C 127 -12.07 -3.72 11.93
CA GLU C 127 -11.93 -3.72 10.47
C GLU C 127 -10.50 -4.04 10.04
N GLU C 128 -9.51 -3.49 10.75
CA GLU C 128 -8.10 -3.73 10.40
C GLU C 128 -7.66 -5.17 10.62
N ALA C 129 -8.35 -5.91 11.49
CA ALA C 129 -7.96 -7.29 11.77
C ALA C 129 -7.98 -8.15 10.52
N LYS C 130 -8.86 -7.85 9.57
CA LYS C 130 -9.00 -8.62 8.35
CA LYS C 130 -9.00 -8.63 8.35
C LYS C 130 -8.13 -8.11 7.22
N ARG C 131 -7.33 -7.08 7.46
CA ARG C 131 -6.49 -6.47 6.43
C ARG C 131 -5.01 -6.61 6.74
N ILE C 132 -4.62 -7.57 7.58
CA ILE C 132 -3.21 -7.83 7.87
C ILE C 132 -2.68 -8.68 6.72
N ASP C 133 -2.13 -8.03 5.70
CA ASP C 133 -1.74 -8.67 4.46
C ASP C 133 -0.24 -8.86 4.40
N GLY C 134 0.19 -10.03 3.96
CA GLY C 134 1.58 -10.27 3.64
C GLY C 134 1.93 -9.75 2.26
N ASP C 135 3.15 -10.05 1.84
CA ASP C 135 3.64 -9.62 0.55
C ASP C 135 4.26 -10.79 -0.19
N ILE C 136 4.17 -10.74 -1.52
CA ILE C 136 4.87 -11.70 -2.38
C ILE C 136 5.87 -10.88 -3.18
N ILE C 137 7.14 -10.96 -2.79
CA ILE C 137 8.19 -10.13 -3.39
C ILE C 137 8.78 -10.90 -4.57
N PRO C 138 9.15 -10.24 -5.66
CA PRO C 138 9.84 -10.93 -6.75
C PRO C 138 11.12 -11.59 -6.25
N GLY C 139 11.39 -12.78 -6.75
CA GLY C 139 12.52 -13.56 -6.29
C GLY C 139 13.82 -13.09 -6.89
N PRO C 140 14.92 -13.56 -6.31
CA PRO C 140 16.24 -13.27 -6.88
C PRO C 140 16.59 -14.14 -8.07
N ASN C 141 15.95 -15.30 -8.22
CA ASN C 141 16.16 -16.17 -9.37
C ASN C 141 14.91 -17.03 -9.53
N ALA C 142 14.89 -17.80 -10.61
CA ALA C 142 13.72 -18.60 -10.95
C ALA C 142 13.43 -19.68 -9.92
N GLY C 143 14.43 -20.12 -9.16
CA GLY C 143 14.27 -21.19 -8.22
C GLY C 143 13.79 -20.78 -6.84
N GLN C 144 13.43 -19.52 -6.63
CA GLN C 144 13.09 -19.04 -5.29
C GLN C 144 11.96 -18.03 -5.36
N ARG C 145 11.07 -18.07 -4.37
CA ARG C 145 10.06 -17.05 -4.15
C ARG C 145 10.24 -16.45 -2.77
N ILE C 146 9.62 -15.29 -2.54
CA ILE C 146 9.76 -14.58 -1.28
C ILE C 146 8.38 -14.21 -0.76
N MET C 147 8.06 -14.68 0.44
CA MET C 147 6.87 -14.26 1.15
C MET C 147 7.27 -13.41 2.34
N VAL C 148 6.44 -12.41 2.66
CA VAL C 148 6.60 -11.64 3.87
C VAL C 148 5.30 -11.78 4.66
N LEU C 149 5.34 -12.55 5.73
CA LEU C 149 4.19 -12.75 6.60
C LEU C 149 4.24 -11.76 7.75
N LYS C 150 3.06 -11.39 8.24
CA LYS C 150 2.93 -10.54 9.42
C LYS C 150 2.30 -11.38 10.53
N GLN C 151 2.96 -11.46 11.67
CA GLN C 151 2.50 -12.34 12.73
C GLN C 151 2.40 -11.58 14.04
N PRO C 152 1.51 -12.00 14.94
CA PRO C 152 1.38 -11.29 16.23
C PRO C 152 2.66 -11.37 17.04
N VAL C 153 3.01 -10.26 17.68
CA VAL C 153 4.27 -10.18 18.42
C VAL C 153 4.21 -11.07 19.65
N GLY C 154 3.07 -11.16 20.31
CA GLY C 154 2.92 -12.03 21.46
C GLY C 154 2.00 -11.46 22.53
N VAL C 155 2.43 -11.52 23.78
CA VAL C 155 1.67 -10.92 24.88
C VAL C 155 2.10 -9.48 25.06
N CYS C 156 1.12 -8.58 25.05
CA CYS C 156 1.37 -7.15 25.21
C CYS C 156 0.89 -6.70 26.58
N ALA C 157 1.61 -5.75 27.16
CA ALA C 157 1.24 -5.16 28.44
C ALA C 157 0.97 -3.68 28.23
N ALA C 158 -0.19 -3.22 28.70
CA ALA C 158 -0.60 -1.84 28.55
C ALA C 158 -0.63 -1.16 29.91
N ILE C 159 -0.16 0.08 29.95
CA ILE C 159 -0.23 0.92 31.14
C ILE C 159 -0.93 2.21 30.73
N THR C 160 -2.03 2.52 31.39
CA THR C 160 -2.83 3.69 31.02
C THR C 160 -2.87 4.69 32.16
N PRO C 161 -3.05 5.98 31.85
CA PRO C 161 -3.12 6.98 32.92
C PRO C 161 -4.53 7.24 33.40
N TRP C 162 -4.65 8.14 34.38
CA TRP C 162 -5.94 8.64 34.84
C TRP C 162 -6.53 9.65 33.86
N ASN C 163 -5.75 10.13 32.91
CA ASN C 163 -6.18 11.21 32.04
C ASN C 163 -7.44 10.84 31.28
N PHE C 164 -7.45 9.64 30.69
CA PHE C 164 -8.61 9.12 29.97
C PHE C 164 -8.84 7.71 30.49
N PRO C 165 -9.67 7.56 31.54
CA PRO C 165 -9.86 6.23 32.14
C PRO C 165 -10.37 5.18 31.16
N ASN C 166 -11.10 5.60 30.12
CA ASN C 166 -11.61 4.67 29.12
C ASN C 166 -10.97 4.89 27.75
N GLY C 167 -10.62 6.14 27.41
CA GLY C 167 -10.20 6.44 26.06
C GLY C 167 -8.93 5.73 25.65
N MET C 168 -7.93 5.70 26.53
CA MET C 168 -6.64 5.12 26.20
C MET C 168 -6.65 3.60 26.18
N ILE C 169 -7.68 2.96 26.74
CA ILE C 169 -7.70 1.52 26.83
C ILE C 169 -8.13 0.89 25.51
N THR C 170 -9.12 1.48 24.84
CA THR C 170 -9.60 0.92 23.58
C THR C 170 -8.54 1.01 22.50
N ARG C 171 -7.84 2.14 22.42
CA ARG C 171 -6.82 2.32 21.39
C ARG C 171 -5.58 1.48 21.63
N LYS C 172 -5.46 0.83 22.79
CA LYS C 172 -4.40 -0.14 23.02
C LYS C 172 -4.88 -1.58 22.87
N ALA C 173 -6.11 -1.87 23.33
CA ALA C 173 -6.63 -3.23 23.26
C ALA C 173 -7.08 -3.61 21.86
N GLY C 174 -7.62 -2.67 21.09
CA GLY C 174 -8.08 -2.94 19.75
C GLY C 174 -7.01 -3.46 18.83
N PRO C 175 -5.94 -2.68 18.61
CA PRO C 175 -4.88 -3.17 17.72
C PRO C 175 -4.22 -4.44 18.22
N ALA C 176 -4.03 -4.57 19.54
CA ALA C 176 -3.41 -5.77 20.08
C ALA C 176 -4.27 -7.00 19.81
N LEU C 177 -5.57 -6.91 20.04
CA LEU C 177 -6.44 -8.05 19.82
C LEU C 177 -6.61 -8.35 18.33
N ALA C 178 -6.73 -7.29 17.52
CA ALA C 178 -6.88 -7.47 16.08
C ALA C 178 -5.67 -8.17 15.48
N ALA C 179 -4.46 -7.76 15.89
CA ALA C 179 -3.26 -8.42 15.41
C ALA C 179 -3.17 -9.87 15.84
N GLY C 180 -3.94 -10.28 16.85
CA GLY C 180 -3.82 -11.59 17.44
C GLY C 180 -3.02 -11.65 18.71
N CYS C 181 -2.63 -10.51 19.27
CA CYS C 181 -1.91 -10.44 20.52
C CYS C 181 -2.87 -10.41 21.70
N SER C 182 -2.37 -10.86 22.85
CA SER C 182 -3.11 -10.74 24.10
CA SER C 182 -3.12 -10.73 24.08
C SER C 182 -2.65 -9.50 24.87
N MET C 183 -3.55 -8.95 25.66
CA MET C 183 -3.29 -7.75 26.41
C MET C 183 -3.50 -7.99 27.90
N ILE C 184 -2.58 -7.49 28.71
CA ILE C 184 -2.76 -7.39 30.16
C ILE C 184 -2.55 -5.93 30.52
N LEU C 185 -3.60 -5.30 31.04
CA LEU C 185 -3.62 -3.86 31.25
C LEU C 185 -3.56 -3.55 32.74
N LYS C 186 -2.72 -2.58 33.09
CA LYS C 186 -2.69 -2.02 34.44
C LYS C 186 -3.17 -0.58 34.38
N PRO C 187 -4.43 -0.31 34.70
CA PRO C 187 -4.93 1.07 34.66
C PRO C 187 -4.42 1.87 35.84
N ALA C 188 -4.57 3.19 35.73
CA ALA C 188 -4.17 4.07 36.82
C ALA C 188 -4.97 3.78 38.08
N SER C 189 -4.30 3.87 39.23
CA SER C 189 -4.97 3.55 40.49
C SER C 189 -6.04 4.58 40.82
N GLN C 190 -5.90 5.81 40.33
CA GLN C 190 -6.91 6.84 40.59
C GLN C 190 -8.24 6.47 39.94
N THR C 191 -8.21 5.95 38.72
CA THR C 191 -9.42 5.68 37.95
C THR C 191 -9.36 4.28 37.34
N PRO C 192 -9.48 3.23 38.15
CA PRO C 192 -9.44 1.86 37.62
C PRO C 192 -10.79 1.28 37.21
N LEU C 193 -11.90 1.99 37.44
CA LEU C 193 -13.22 1.40 37.28
C LEU C 193 -13.64 1.30 35.81
N SER C 194 -13.22 2.25 34.98
CA SER C 194 -13.55 2.19 33.56
C SER C 194 -12.92 0.96 32.91
N ALA C 195 -11.68 0.65 33.28
CA ALA C 195 -11.02 -0.54 32.75
C ALA C 195 -11.78 -1.81 33.14
N LEU C 196 -12.22 -1.89 34.40
CA LEU C 196 -12.94 -3.08 34.85
C LEU C 196 -14.30 -3.19 34.17
N ALA C 197 -14.96 -2.06 33.93
CA ALA C 197 -16.23 -2.10 33.20
C ALA C 197 -16.02 -2.58 31.77
N LEU C 198 -14.98 -2.08 31.10
CA LEU C 198 -14.66 -2.57 29.77
C LEU C 198 -14.31 -4.05 29.79
N ALA C 199 -13.70 -4.53 30.89
CA ALA C 199 -13.42 -5.95 31.01
C ALA C 199 -14.70 -6.76 31.14
N VAL C 200 -15.68 -6.25 31.89
CA VAL C 200 -16.99 -6.90 31.98
C VAL C 200 -17.59 -7.02 30.59
N LEU C 201 -17.57 -5.92 29.84
CA LEU C 201 -18.13 -5.92 28.48
C LEU C 201 -17.36 -6.87 27.56
N ALA C 202 -16.03 -6.92 27.70
CA ALA C 202 -15.21 -7.79 26.87
C ALA C 202 -15.53 -9.26 27.14
N GLU C 203 -15.68 -9.63 28.42
CA GLU C 203 -16.12 -10.98 28.74
C GLU C 203 -17.50 -11.25 28.17
N ARG C 204 -18.40 -10.26 28.25
CA ARG C 204 -19.72 -10.42 27.66
C ARG C 204 -19.67 -10.52 26.14
N ALA C 205 -18.65 -9.92 25.52
CA ALA C 205 -18.53 -9.90 24.07
C ALA C 205 -17.92 -11.17 23.50
N GLY C 206 -17.48 -12.09 24.34
CA GLY C 206 -16.87 -13.30 23.85
C GLY C 206 -15.37 -13.27 23.74
N VAL C 207 -14.70 -12.29 24.34
CA VAL C 207 -13.23 -12.35 24.39
C VAL C 207 -12.82 -13.57 25.19
N PRO C 208 -11.97 -14.44 24.66
CA PRO C 208 -11.62 -15.67 25.38
C PRO C 208 -10.83 -15.39 26.64
N LYS C 209 -10.89 -16.35 27.57
CA LYS C 209 -10.23 -16.21 28.85
C LYS C 209 -8.73 -16.01 28.68
N GLY C 210 -8.22 -14.93 29.26
CA GLY C 210 -6.81 -14.62 29.23
C GLY C 210 -6.40 -13.64 28.15
N VAL C 211 -7.21 -13.48 27.10
CA VAL C 211 -6.84 -12.57 26.02
C VAL C 211 -6.86 -11.13 26.49
N PHE C 212 -7.81 -10.78 27.33
CA PHE C 212 -7.88 -9.47 27.94
C PHE C 212 -7.82 -9.62 29.45
N SER C 213 -6.96 -8.84 30.09
CA SER C 213 -6.76 -8.90 31.53
C SER C 213 -6.57 -7.49 32.06
N VAL C 214 -7.18 -7.20 33.20
CA VAL C 214 -7.03 -5.93 33.89
C VAL C 214 -6.50 -6.22 35.28
N VAL C 215 -5.35 -5.64 35.63
CA VAL C 215 -4.73 -5.87 36.93
C VAL C 215 -4.53 -4.52 37.60
N THR C 216 -4.87 -4.45 38.89
CA THR C 216 -4.71 -3.24 39.68
C THR C 216 -3.71 -3.51 40.80
N GLY C 217 -3.07 -2.45 41.26
CA GLY C 217 -2.12 -2.57 42.35
C GLY C 217 -1.09 -1.48 42.27
N GLU C 218 -0.05 -1.63 43.09
CA GLU C 218 1.05 -0.67 43.10
C GLU C 218 1.72 -0.62 41.73
N ALA C 219 1.94 0.60 41.24
CA ALA C 219 2.38 0.77 39.85
C ALA C 219 3.78 0.21 39.63
N LYS C 220 4.72 0.54 40.51
CA LYS C 220 6.11 0.16 40.28
C LYS C 220 6.34 -1.34 40.25
N PRO C 221 5.83 -2.14 41.20
CA PRO C 221 6.05 -3.60 41.09
C PRO C 221 5.43 -4.22 39.84
N ILE C 222 4.25 -3.77 39.43
CA ILE C 222 3.63 -4.30 38.22
C ILE C 222 4.41 -3.89 36.98
N GLY C 223 4.91 -2.65 36.95
CA GLY C 223 5.75 -2.24 35.85
C GLY C 223 7.04 -3.03 35.78
N LEU C 224 7.63 -3.33 36.94
CA LEU C 224 8.82 -4.17 36.97
C LEU C 224 8.52 -5.57 36.46
N GLU C 225 7.38 -6.13 36.86
CA GLU C 225 6.99 -7.45 36.37
C GLU C 225 6.78 -7.44 34.85
N PHE C 226 6.18 -6.37 34.34
CA PHE C 226 5.99 -6.23 32.91
C PHE C 226 7.32 -6.16 32.18
N CYS C 227 8.27 -5.40 32.74
CA CYS C 227 9.55 -5.19 32.07
C CYS C 227 10.47 -6.40 32.16
N HIS C 228 10.35 -7.21 33.20
CA HIS C 228 11.28 -8.30 33.43
C HIS C 228 10.72 -9.67 33.09
N ASN C 229 9.46 -9.78 32.72
CA ASN C 229 8.91 -11.07 32.35
C ASN C 229 9.27 -11.38 30.90
N PRO C 230 9.96 -12.48 30.62
CA PRO C 230 10.31 -12.79 29.22
C PRO C 230 9.10 -13.04 28.33
N ARG C 231 7.95 -13.38 28.89
CA ARG C 231 6.76 -13.65 28.10
C ARG C 231 5.99 -12.39 27.71
N ILE C 232 6.46 -11.21 28.13
CA ILE C 232 5.88 -9.95 27.70
C ILE C 232 6.69 -9.48 26.50
N ALA C 233 6.13 -9.63 25.29
CA ALA C 233 6.84 -9.25 24.09
C ALA C 233 6.87 -7.74 23.90
N LYS C 234 5.75 -7.07 24.16
CA LYS C 234 5.60 -5.66 23.86
C LYS C 234 4.96 -4.95 25.05
N ILE C 235 5.32 -3.69 25.25
CA ILE C 235 4.75 -2.86 26.30
C ILE C 235 4.30 -1.55 25.67
N THR C 236 3.02 -1.22 25.82
CA THR C 236 2.48 0.06 25.41
C THR C 236 2.22 0.90 26.64
N PHE C 237 2.73 2.12 26.64
CA PHE C 237 2.62 3.00 27.80
C PHE C 237 2.13 4.38 27.39
N THR C 238 1.21 4.92 28.19
CA THR C 238 0.77 6.29 28.08
C THR C 238 0.86 6.93 29.45
N GLY C 239 1.50 8.08 29.52
CA GLY C 239 1.70 8.72 30.81
C GLY C 239 2.75 9.82 30.72
N SER C 240 3.38 10.08 31.85
CA SER C 240 4.37 11.14 31.94
C SER C 240 5.70 10.71 31.33
N THR C 241 6.54 11.71 31.03
CA THR C 241 7.84 11.43 30.44
C THR C 241 8.75 10.66 31.39
N GLY C 242 8.71 10.99 32.68
CA GLY C 242 9.60 10.33 33.63
C GLY C 242 9.32 8.85 33.77
N VAL C 243 8.05 8.48 33.87
CA VAL C 243 7.71 7.06 33.98
C VAL C 243 8.04 6.35 32.67
N GLY C 244 7.88 7.02 31.53
CA GLY C 244 8.29 6.41 30.27
C GLY C 244 9.78 6.14 30.21
N ARG C 245 10.59 7.09 30.68
CA ARG C 245 12.03 6.89 30.73
C ARG C 245 12.39 5.74 31.68
N TRP C 246 11.73 5.68 32.83
CA TRP C 246 11.96 4.58 33.76
C TRP C 246 11.62 3.25 33.13
N LEU C 247 10.49 3.17 32.42
CA LEU C 247 10.10 1.93 31.76
C LEU C 247 11.10 1.54 30.70
N MET C 248 11.55 2.51 29.90
CA MET C 248 12.48 2.20 28.81
C MET C 248 13.82 1.75 29.36
N LYS C 249 14.25 2.32 30.49
CA LYS C 249 15.47 1.86 31.13
C LYS C 249 15.30 0.46 31.69
N GLU C 250 14.13 0.16 32.28
CA GLU C 250 13.91 -1.14 32.90
C GLU C 250 13.66 -2.24 31.87
N ALA C 251 13.13 -1.89 30.70
CA ALA C 251 12.88 -2.87 29.66
C ALA C 251 14.10 -3.13 28.78
N ALA C 252 15.22 -2.45 29.04
CA ALA C 252 16.38 -2.58 28.19
C ALA C 252 16.99 -3.97 28.27
N GLY C 253 17.02 -4.57 29.45
CA GLY C 253 17.64 -5.86 29.62
C GLY C 253 16.96 -6.98 28.85
N GLY C 254 15.73 -6.77 28.40
CA GLY C 254 15.01 -7.81 27.70
C GLY C 254 14.75 -7.49 26.24
N ILE C 255 15.22 -6.32 25.78
CA ILE C 255 14.98 -5.84 24.42
C ILE C 255 13.50 -5.99 24.10
N LYS C 256 12.67 -5.24 24.81
CA LYS C 256 11.22 -5.30 24.64
C LYS C 256 10.78 -4.17 23.73
N ARG C 257 9.85 -4.47 22.83
CA ARG C 257 9.25 -3.43 22.01
C ARG C 257 8.47 -2.47 22.90
N LEU C 258 8.76 -1.18 22.78
CA LEU C 258 8.15 -0.17 23.63
C LEU C 258 7.50 0.89 22.76
N SER C 259 6.22 1.12 22.98
CA SER C 259 5.48 2.21 22.37
C SER C 259 5.09 3.18 23.48
N LEU C 260 5.46 4.44 23.33
CA LEU C 260 5.29 5.43 24.38
C LEU C 260 4.54 6.63 23.84
N GLU C 261 3.53 7.07 24.57
CA GLU C 261 2.89 8.36 24.35
C GLU C 261 3.10 9.18 25.62
N LEU C 262 3.98 10.18 25.54
CA LEU C 262 4.36 11.00 26.67
C LEU C 262 3.81 12.40 26.51
N GLY C 263 4.17 13.27 27.44
CA GLY C 263 3.59 14.60 27.46
C GLY C 263 4.04 15.47 26.30
N GLY C 264 3.26 16.52 26.06
CA GLY C 264 3.56 17.48 25.03
C GLY C 264 3.43 18.90 25.54
N ASN C 265 3.95 19.84 24.75
CA ASN C 265 3.86 21.27 25.03
C ASN C 265 3.32 21.92 23.76
N ALA C 266 2.00 21.93 23.61
CA ALA C 266 1.39 22.23 22.32
C ALA C 266 1.27 23.73 22.10
N PRO C 267 1.89 24.28 21.06
CA PRO C 267 1.67 25.69 20.72
C PRO C 267 0.37 25.90 19.97
N PHE C 268 -0.13 27.14 20.06
CA PHE C 268 -1.39 27.54 19.42
C PHE C 268 -1.15 28.91 18.79
N ILE C 269 -0.96 28.95 17.48
CA ILE C 269 -0.57 30.15 16.76
C ILE C 269 -1.78 30.74 16.04
N VAL C 270 -1.93 32.06 16.14
CA VAL C 270 -2.99 32.79 15.46
C VAL C 270 -2.32 33.84 14.58
N PHE C 271 -2.38 33.66 13.27
CA PHE C 271 -1.78 34.59 12.33
C PHE C 271 -2.76 35.70 11.99
N ASP C 272 -2.24 36.78 11.39
CA ASP C 272 -3.08 37.92 11.05
C ASP C 272 -4.04 37.63 9.90
N ASP C 273 -3.86 36.54 9.17
CA ASP C 273 -4.76 36.16 8.09
C ASP C 273 -5.71 35.04 8.51
N ALA C 274 -5.97 34.90 9.80
CA ALA C 274 -6.79 33.83 10.34
C ALA C 274 -8.23 34.30 10.55
N ASP C 275 -9.12 33.32 10.74
CA ASP C 275 -10.50 33.57 11.12
C ASP C 275 -10.56 33.67 12.64
N LEU C 276 -10.75 34.89 13.16
CA LEU C 276 -10.58 35.14 14.58
C LEU C 276 -11.61 34.39 15.42
N ASP C 277 -12.88 34.37 14.98
CA ASP C 277 -13.89 33.62 15.71
C ASP C 277 -13.57 32.14 15.72
N ALA C 278 -13.14 31.60 14.58
CA ALA C 278 -12.73 30.21 14.54
C ALA C 278 -11.53 29.96 15.44
N ALA C 279 -10.59 30.90 15.47
CA ALA C 279 -9.41 30.76 16.33
C ALA C 279 -9.81 30.72 17.80
N VAL C 280 -10.74 31.59 18.21
CA VAL C 280 -11.18 31.61 19.60
C VAL C 280 -11.93 30.33 19.96
N GLU C 281 -12.80 29.85 19.06
CA GLU C 281 -13.48 28.59 19.32
C GLU C 281 -12.50 27.43 19.41
N GLY C 282 -11.50 27.40 18.53
CA GLY C 282 -10.50 26.36 18.58
C GLY C 282 -9.66 26.41 19.85
N ALA C 283 -9.31 27.62 20.30
CA ALA C 283 -8.58 27.74 21.55
C ALA C 283 -9.43 27.28 22.72
N MET C 284 -10.72 27.60 22.71
CA MET C 284 -11.61 27.17 23.79
C MET C 284 -11.70 25.65 23.85
N ILE C 285 -11.83 24.99 22.70
CA ILE C 285 -11.95 23.53 22.77
C ILE C 285 -10.60 22.86 23.02
N SER C 286 -9.50 23.43 22.51
CA SER C 286 -8.19 22.81 22.66
CA SER C 286 -8.20 22.79 22.67
C SER C 286 -7.64 22.98 24.07
N LYS C 287 -7.84 24.17 24.67
CA LYS C 287 -7.25 24.44 25.97
C LYS C 287 -8.09 23.89 27.11
N PHE C 288 -9.38 24.23 27.13
CA PHE C 288 -10.19 24.04 28.33
C PHE C 288 -10.93 22.71 28.37
N ARG C 289 -10.80 21.86 27.35
CA ARG C 289 -11.37 20.53 27.42
C ARG C 289 -10.68 19.71 28.51
N ASN C 290 -11.47 18.96 29.26
CA ASN C 290 -10.99 18.17 30.40
C ASN C 290 -10.30 19.06 31.44
N ALA C 291 -10.74 20.32 31.52
CA ALA C 291 -10.12 21.33 32.39
C ALA C 291 -8.63 21.45 32.12
N GLY C 292 -8.24 21.34 30.86
CA GLY C 292 -6.84 21.42 30.50
C GLY C 292 -6.03 20.18 30.79
N GLN C 293 -6.66 19.09 31.20
CA GLN C 293 -5.97 17.84 31.49
C GLN C 293 -6.13 16.91 30.28
N THR C 294 -5.33 17.19 29.25
CA THR C 294 -5.29 16.37 28.05
C THR C 294 -3.88 16.48 27.48
N CYS C 295 -3.38 15.37 26.95
CA CYS C 295 -2.04 15.38 26.37
C CYS C 295 -1.96 16.26 25.12
N VAL C 296 -3.09 16.51 24.45
CA VAL C 296 -3.12 17.36 23.27
C VAL C 296 -3.58 18.78 23.59
N CYS C 297 -3.88 19.06 24.85
CA CYS C 297 -4.34 20.39 25.22
C CYS C 297 -3.30 21.45 24.85
N ALA C 298 -3.79 22.58 24.34
CA ALA C 298 -2.89 23.69 24.07
C ALA C 298 -2.24 24.14 25.37
N ASN C 299 -0.98 24.54 25.28
CA ASN C 299 -0.25 25.03 26.46
C ASN C 299 0.34 26.41 26.27
N ARG C 300 0.58 26.85 25.04
CA ARG C 300 1.05 28.20 24.75
C ARG C 300 0.22 28.74 23.59
N ILE C 301 -0.27 29.97 23.71
CA ILE C 301 -1.10 30.57 22.68
C ILE C 301 -0.35 31.76 22.11
N TYR C 302 0.12 31.63 20.87
CA TYR C 302 0.85 32.70 20.19
C TYR C 302 -0.10 33.45 19.27
N VAL C 303 -0.05 34.78 19.33
CA VAL C 303 -0.88 35.63 18.50
C VAL C 303 0.01 36.69 17.85
N GLN C 304 -0.25 36.96 16.58
CA GLN C 304 0.47 38.02 15.90
C GLN C 304 0.09 39.38 16.50
N GLU C 305 1.01 40.33 16.36
CA GLU C 305 0.87 41.61 17.07
C GLU C 305 -0.36 42.38 16.61
N SER C 306 -0.75 42.23 15.36
CA SER C 306 -1.84 43.03 14.79
C SER C 306 -3.22 42.45 15.09
N VAL C 307 -3.31 41.33 15.81
CA VAL C 307 -4.57 40.62 15.98
C VAL C 307 -4.77 40.29 17.45
N ALA C 308 -3.72 40.48 18.25
CA ALA C 308 -3.71 39.98 19.63
C ALA C 308 -4.82 40.57 20.48
N ALA C 309 -5.08 41.88 20.33
CA ALA C 309 -6.10 42.52 21.17
C ALA C 309 -7.49 41.94 20.91
N ALA C 310 -7.89 41.85 19.64
CA ALA C 310 -9.21 41.32 19.32
C ALA C 310 -9.33 39.85 19.73
N PHE C 311 -8.26 39.07 19.50
CA PHE C 311 -8.28 37.67 19.90
C PHE C 311 -8.46 37.54 21.41
N THR C 312 -7.74 38.35 22.20
CA THR C 312 -7.86 38.23 23.64
C THR C 312 -9.21 38.73 24.13
N GLU C 313 -9.79 39.73 23.47
CA GLU C 313 -11.12 40.19 23.86
C GLU C 313 -12.16 39.10 23.63
N ARG C 314 -12.15 38.48 22.45
CA ARG C 314 -13.11 37.40 22.19
C ARG C 314 -12.84 36.21 23.11
N LEU C 315 -11.57 35.92 23.37
CA LEU C 315 -11.22 34.82 24.26
C LEU C 315 -11.73 35.06 25.67
N LEU C 316 -11.60 36.29 26.17
CA LEU C 316 -12.14 36.61 27.49
C LEU C 316 -13.65 36.50 27.51
N ALA C 317 -14.32 36.96 26.44
CA ALA C 317 -15.76 36.83 26.37
C ALA C 317 -16.19 35.37 26.40
N LYS C 318 -15.43 34.49 25.77
CA LYS C 318 -15.78 33.07 25.78
C LYS C 318 -15.41 32.40 27.10
N VAL C 319 -14.33 32.82 27.75
CA VAL C 319 -13.93 32.22 29.03
C VAL C 319 -14.90 32.65 30.13
N SER C 320 -15.50 33.83 30.01
CA SER C 320 -16.50 34.26 30.99
C SER C 320 -17.66 33.29 31.07
N GLY C 321 -17.97 32.58 29.98
CA GLY C 321 -19.07 31.65 29.95
C GLY C 321 -18.81 30.28 30.53
N LEU C 322 -17.59 30.00 30.96
CA LEU C 322 -17.28 28.69 31.54
C LEU C 322 -17.89 28.57 32.93
N SER C 323 -18.41 27.38 33.23
CA SER C 323 -19.10 27.12 34.49
C SER C 323 -18.51 25.88 35.16
N LEU C 324 -18.07 26.04 36.40
CA LEU C 324 -17.49 24.97 37.18
C LEU C 324 -18.57 24.29 38.04
N GLY C 325 -18.22 23.14 38.57
CA GLY C 325 -19.11 22.40 39.44
C GLY C 325 -18.97 20.91 39.20
N ARG C 326 -19.93 20.17 39.76
CA ARG C 326 -19.95 18.72 39.61
C ARG C 326 -20.22 18.32 38.17
N GLY C 327 -19.59 17.22 37.75
CA GLY C 327 -19.72 16.77 36.37
C GLY C 327 -21.13 16.39 35.99
N THR C 328 -21.89 15.82 36.93
CA THR C 328 -23.26 15.40 36.68
C THR C 328 -24.26 16.56 36.78
N ASP C 329 -23.80 17.80 36.73
CA ASP C 329 -24.67 18.96 36.81
C ASP C 329 -24.82 19.59 35.44
N ALA C 330 -26.06 19.89 35.07
CA ALA C 330 -26.33 20.49 33.78
C ALA C 330 -25.72 21.88 33.68
N GLY C 331 -25.11 22.17 32.54
CA GLY C 331 -24.45 23.44 32.32
C GLY C 331 -23.03 23.54 32.84
N VAL C 332 -22.48 22.47 33.41
CA VAL C 332 -21.13 22.48 33.95
C VAL C 332 -20.16 22.11 32.83
N SER C 333 -19.19 22.99 32.59
CA SER C 333 -18.18 22.76 31.56
C SER C 333 -16.84 22.32 32.14
N GLN C 334 -16.54 22.67 33.38
CA GLN C 334 -15.25 22.41 33.99
C GLN C 334 -15.42 21.61 35.27
N GLY C 335 -14.67 20.52 35.38
CA GLY C 335 -14.64 19.74 36.60
C GLY C 335 -13.39 20.04 37.39
N PRO C 336 -13.24 19.39 38.54
CA PRO C 336 -12.06 19.62 39.37
C PRO C 336 -10.81 18.98 38.77
N LEU C 337 -9.66 19.54 39.14
CA LEU C 337 -8.40 18.92 38.78
C LEU C 337 -8.24 17.58 39.51
N ILE C 338 -7.30 16.77 39.03
CA ILE C 338 -7.21 15.39 39.50
C ILE C 338 -6.85 15.34 40.98
N ASP C 339 -6.02 16.27 41.44
CA ASP C 339 -5.54 16.26 42.82
C ASP C 339 -4.99 17.64 43.15
N GLU C 340 -4.42 17.75 44.35
CA GLU C 340 -3.88 19.03 44.80
C GLU C 340 -2.57 19.39 44.12
N LYS C 341 -1.82 18.40 43.63
CA LYS C 341 -0.58 18.69 42.94
C LYS C 341 -0.83 19.49 41.66
N ALA C 342 -1.92 19.20 40.96
CA ALA C 342 -2.27 19.98 39.78
C ALA C 342 -2.55 21.43 40.14
N VAL C 343 -3.28 21.64 41.24
CA VAL C 343 -3.55 23.00 41.69
C VAL C 343 -2.25 23.71 42.05
N ALA C 344 -1.34 23.01 42.74
CA ALA C 344 -0.07 23.62 43.12
C ALA C 344 0.75 23.99 41.89
N LYS C 345 0.80 23.12 40.89
CA LYS C 345 1.54 23.41 39.67
C LYS C 345 0.93 24.59 38.92
N MET C 346 -0.40 24.63 38.83
CA MET C 346 -1.05 25.75 38.14
C MET C 346 -0.79 27.06 38.87
N GLU C 347 -0.83 27.04 40.21
CA GLU C 347 -0.51 28.24 40.99
C GLU C 347 0.93 28.65 40.78
N GLU C 348 1.85 27.69 40.71
CA GLU C 348 3.25 28.02 40.47
C GLU C 348 3.45 28.67 39.11
N HIS C 349 2.77 28.15 38.09
CA HIS C 349 2.88 28.74 36.76
C HIS C 349 2.30 30.16 36.74
N ILE C 350 1.16 30.36 37.40
CA ILE C 350 0.57 31.70 37.45
C ILE C 350 1.48 32.66 38.21
N ALA C 351 2.08 32.20 39.31
CA ALA C 351 2.97 33.05 40.09
C ALA C 351 4.21 33.43 39.29
N ASP C 352 4.79 32.46 38.57
CA ASP C 352 5.95 32.76 37.73
C ASP C 352 5.59 33.73 36.62
N ALA C 353 4.40 33.56 36.02
CA ALA C 353 3.95 34.49 34.99
C ALA C 353 3.81 35.91 35.56
N MET C 354 3.21 36.03 36.75
CA MET C 354 3.04 37.35 37.35
C MET C 354 4.38 37.99 37.70
N ALA C 355 5.31 37.19 38.24
CA ALA C 355 6.60 37.75 38.66
C ALA C 355 7.47 38.12 37.47
N ASN C 356 7.39 37.35 36.38
CA ASN C 356 8.27 37.57 35.25
C ASN C 356 7.78 38.64 34.29
N GLY C 357 6.62 39.24 34.55
CA GLY C 357 6.18 40.36 33.74
C GLY C 357 4.77 40.23 33.18
N GLY C 358 4.19 39.03 33.25
CA GLY C 358 2.88 38.81 32.68
C GLY C 358 1.77 39.38 33.54
N THR C 359 0.60 39.50 32.92
CA THR C 359 -0.58 40.07 33.56
C THR C 359 -1.73 39.08 33.48
N VAL C 360 -2.31 38.74 34.63
CA VAL C 360 -3.48 37.87 34.68
C VAL C 360 -4.70 38.71 34.27
N LEU C 361 -5.30 38.37 33.13
CA LEU C 361 -6.49 39.07 32.67
C LEU C 361 -7.77 38.50 33.25
N THR C 362 -7.82 37.20 33.48
CA THR C 362 -9.00 36.59 34.08
C THR C 362 -8.59 35.41 34.92
N GLY C 363 -9.32 35.19 36.01
CA GLY C 363 -9.02 34.06 36.89
C GLY C 363 -7.77 34.31 37.70
N GLY C 364 -6.97 33.26 37.89
CA GLY C 364 -5.73 33.36 38.62
C GLY C 364 -5.77 32.85 40.05
N LYS C 365 -6.85 32.20 40.46
CA LYS C 365 -6.98 31.71 41.83
C LYS C 365 -7.97 30.56 41.85
N ARG C 366 -7.96 29.82 42.95
CA ARG C 366 -8.92 28.74 43.14
C ARG C 366 -10.34 29.29 43.19
N SER C 367 -11.29 28.52 42.65
CA SER C 367 -12.67 28.95 42.64
C SER C 367 -13.29 28.81 44.04
N VAL C 368 -14.42 29.49 44.23
CA VAL C 368 -15.11 29.47 45.52
C VAL C 368 -15.64 28.09 45.87
N LEU C 369 -15.75 27.19 44.89
CA LEU C 369 -16.20 25.83 45.16
C LEU C 369 -15.26 25.08 46.08
N GLY C 370 -14.01 25.50 46.17
CA GLY C 370 -13.05 24.82 47.01
C GLY C 370 -12.57 23.51 46.39
N GLY C 371 -11.88 22.74 47.21
CA GLY C 371 -11.30 21.49 46.72
C GLY C 371 -10.28 21.77 45.64
N THR C 372 -10.32 20.99 44.57
CA THR C 372 -9.34 21.07 43.49
C THR C 372 -9.85 21.88 42.30
N PHE C 373 -10.99 22.54 42.42
CA PHE C 373 -11.48 23.41 41.36
C PHE C 373 -10.58 24.64 41.23
N PHE C 374 -10.45 25.12 40.00
CA PHE C 374 -9.63 26.30 39.71
C PHE C 374 -10.32 27.16 38.67
N GLU C 375 -10.29 28.46 38.86
CA GLU C 375 -10.86 29.37 37.89
C GLU C 375 -10.08 29.33 36.57
N PRO C 376 -10.76 29.26 35.43
CA PRO C 376 -10.07 29.35 34.14
C PRO C 376 -9.32 30.68 34.04
N THR C 377 -8.02 30.60 33.84
CA THR C 377 -7.13 31.75 33.90
C THR C 377 -6.65 32.10 32.51
N VAL C 378 -6.76 33.39 32.17
CA VAL C 378 -6.21 33.94 30.94
C VAL C 378 -5.17 34.99 31.36
N VAL C 379 -3.94 34.80 30.92
CA VAL C 379 -2.81 35.67 31.26
C VAL C 379 -2.19 36.19 29.97
N THR C 380 -2.03 37.51 29.89
CA THR C 380 -1.34 38.14 28.78
C THR C 380 0.07 38.56 29.21
N GLY C 381 0.91 38.82 28.20
CA GLY C 381 2.27 39.25 28.46
C GLY C 381 3.25 38.13 28.74
N VAL C 382 2.87 36.88 28.49
CA VAL C 382 3.76 35.75 28.73
C VAL C 382 4.95 35.80 27.78
N THR C 383 6.09 35.33 28.24
CA THR C 383 7.32 35.29 27.46
C THR C 383 7.84 33.86 27.40
N GLN C 384 8.96 33.69 26.69
CA GLN C 384 9.54 32.38 26.47
C GLN C 384 10.41 31.89 27.63
N THR C 385 10.77 32.77 28.55
CA THR C 385 11.52 32.37 29.74
C THR C 385 10.62 31.84 30.85
N MET C 386 9.31 32.04 30.73
CA MET C 386 8.37 31.67 31.78
C MET C 386 8.31 30.16 31.92
N LYS C 387 7.91 29.71 33.12
CA LYS C 387 7.81 28.27 33.37
C LYS C 387 6.79 27.63 32.46
N VAL C 388 5.65 28.28 32.24
CA VAL C 388 4.61 27.74 31.38
C VAL C 388 5.07 27.63 29.93
N ALA C 389 6.04 28.45 29.52
CA ALA C 389 6.51 28.41 28.14
C ALA C 389 7.26 27.11 27.82
N LYS C 390 7.81 26.44 28.83
CA LYS C 390 8.54 25.21 28.62
C LYS C 390 7.98 24.02 29.37
N GLU C 391 6.98 24.22 30.24
CA GLU C 391 6.42 23.15 31.03
C GLU C 391 4.91 23.06 30.80
N GLU C 392 4.37 21.85 30.90
CA GLU C 392 2.96 21.60 30.67
C GLU C 392 2.21 21.77 31.99
N THR C 393 1.19 22.65 31.98
CA THR C 393 0.43 22.90 33.20
C THR C 393 -0.50 21.75 33.54
N PHE C 394 -1.17 21.18 32.53
CA PHE C 394 -2.27 20.24 32.75
C PHE C 394 -3.37 20.87 33.58
N ALA C 395 -3.68 22.13 33.31
CA ALA C 395 -4.65 22.89 34.08
C ALA C 395 -5.13 24.05 33.22
N PRO C 396 -6.33 24.60 33.50
CA PRO C 396 -6.93 25.59 32.59
C PRO C 396 -6.34 27.00 32.66
N LEU C 397 -5.15 27.16 32.09
CA LEU C 397 -4.48 28.45 32.00
C LEU C 397 -4.19 28.76 30.53
N ALA C 398 -4.50 29.99 30.11
CA ALA C 398 -4.31 30.39 28.73
C ALA C 398 -3.23 31.45 28.61
N PRO C 399 -1.95 31.06 28.54
CA PRO C 399 -0.89 32.06 28.37
C PRO C 399 -0.82 32.56 26.93
N ILE C 400 -0.79 33.88 26.78
CA ILE C 400 -0.80 34.54 25.47
C ILE C 400 0.56 35.20 25.27
N ILE C 401 1.29 34.70 24.28
CA ILE C 401 2.56 35.28 23.83
C ILE C 401 2.30 35.94 22.49
N SER C 402 2.86 37.13 22.31
CA SER C 402 2.71 37.88 21.07
C SER C 402 3.97 37.73 20.21
N PHE C 403 3.77 37.69 18.90
CA PHE C 403 4.88 37.68 17.96
C PHE C 403 4.59 38.66 16.83
N LYS C 404 5.53 38.76 15.89
CA LYS C 404 5.41 39.74 14.82
C LYS C 404 5.59 39.10 13.45
N HIS C 405 6.35 38.02 13.37
CA HIS C 405 6.67 37.38 12.09
C HIS C 405 6.52 35.86 12.19
N GLU C 406 6.27 35.25 11.03
CA GLU C 406 6.01 33.81 10.98
C GLU C 406 7.22 33.01 11.42
N ASN C 407 8.42 33.42 11.00
CA ASN C 407 9.61 32.66 11.35
C ASN C 407 9.94 32.77 12.83
N ASP C 408 9.64 33.93 13.44
CA ASP C 408 9.84 34.06 14.88
C ASP C 408 8.96 33.08 15.66
N VAL C 409 7.68 32.99 15.27
CA VAL C 409 6.79 32.08 15.96
C VAL C 409 7.16 30.63 15.66
N ILE C 410 7.72 30.37 14.48
CA ILE C 410 8.19 29.01 14.20
C ILE C 410 9.37 28.65 15.10
N ALA C 411 10.29 29.60 15.29
CA ALA C 411 11.41 29.38 16.20
C ALA C 411 10.93 29.18 17.63
N MET C 412 9.93 29.95 18.06
CA MET C 412 9.45 29.84 19.44
C MET C 412 8.65 28.57 19.67
N ALA C 413 7.83 28.17 18.70
CA ALA C 413 7.00 26.98 18.86
C ALA C 413 7.83 25.71 18.89
N ASN C 414 8.92 25.66 18.13
CA ASN C 414 9.81 24.50 18.14
C ASN C 414 10.81 24.54 19.28
N ASP C 415 10.80 25.58 20.10
CA ASP C 415 11.72 25.73 21.23
C ASP C 415 11.20 24.90 22.41
N SER C 416 11.27 23.59 22.24
CA SER C 416 10.77 22.63 23.23
C SER C 416 11.22 21.24 22.82
N GLU C 417 11.35 20.37 23.81
CA GLU C 417 11.74 18.98 23.58
C GLU C 417 10.56 18.06 23.33
N PHE C 418 9.33 18.58 23.37
CA PHE C 418 8.13 17.77 23.21
C PHE C 418 7.51 18.06 21.85
N GLY C 419 7.12 17.00 21.15
CA GLY C 419 6.60 17.11 19.80
C GLY C 419 5.24 16.46 19.60
N LEU C 420 4.31 16.65 20.53
CA LEU C 420 3.05 15.93 20.43
C LEU C 420 2.07 16.62 19.48
N ALA C 421 1.61 17.82 19.83
CA ALA C 421 0.56 18.48 19.06
C ALA C 421 0.91 19.94 18.87
N SER C 422 0.29 20.53 17.86
CA SER C 422 0.41 21.95 17.58
C SER C 422 -0.83 22.39 16.81
N TYR C 423 -1.16 23.67 16.92
CA TYR C 423 -2.29 24.23 16.21
C TYR C 423 -1.90 25.59 15.67
N PHE C 424 -2.38 25.93 14.48
CA PHE C 424 -2.26 27.30 14.01
C PHE C 424 -3.44 27.62 13.11
N TYR C 425 -3.72 28.91 13.00
CA TYR C 425 -4.86 29.41 12.25
C TYR C 425 -4.36 30.36 11.17
N ALA C 426 -4.63 30.00 9.91
CA ALA C 426 -4.23 30.80 8.76
C ALA C 426 -5.10 30.40 7.58
N LYS C 427 -5.15 31.27 6.59
CA LYS C 427 -5.95 31.01 5.39
C LYS C 427 -5.12 30.72 4.15
N ASP C 428 -3.95 31.32 4.02
CA ASP C 428 -3.14 31.16 2.82
C ASP C 428 -2.61 29.74 2.72
N MET C 429 -2.75 29.13 1.55
CA MET C 429 -2.33 27.75 1.35
C MET C 429 -0.81 27.59 1.50
N ALA C 430 -0.05 28.51 0.92
CA ALA C 430 1.41 28.43 1.03
C ALA C 430 1.85 28.54 2.49
N ARG C 431 1.27 29.48 3.23
CA ARG C 431 1.60 29.62 4.64
C ARG C 431 1.20 28.38 5.42
N ILE C 432 0.03 27.81 5.12
CA ILE C 432 -0.43 26.63 5.85
C ILE C 432 0.53 25.47 5.62
N TRP C 433 0.88 25.19 4.37
CA TRP C 433 1.80 24.11 4.08
C TRP C 433 3.15 24.35 4.73
N ARG C 434 3.67 25.58 4.62
CA ARG C 434 4.99 25.90 5.13
C ARG C 434 5.05 25.74 6.64
N VAL C 435 4.08 26.31 7.36
CA VAL C 435 4.09 26.23 8.82
C VAL C 435 3.82 24.81 9.29
N ALA C 436 2.90 24.10 8.63
CA ALA C 436 2.59 22.73 9.04
C ALA C 436 3.78 21.81 8.85
N GLU C 437 4.57 22.03 7.79
CA GLU C 437 5.77 21.23 7.60
C GLU C 437 6.90 21.66 8.53
N ALA C 438 6.96 22.94 8.89
CA ALA C 438 8.03 23.43 9.75
C ALA C 438 7.82 23.06 11.22
N LEU C 439 6.57 23.00 11.67
CA LEU C 439 6.29 22.69 13.07
C LEU C 439 6.75 21.28 13.40
N GLU C 440 7.43 21.13 14.53
CA GLU C 440 8.01 19.86 14.94
C GLU C 440 7.05 19.20 15.91
N ALA C 441 6.09 18.48 15.37
CA ALA C 441 5.08 17.80 16.18
C ALA C 441 4.60 16.57 15.46
N GLY C 442 4.10 15.60 16.24
CA GLY C 442 3.48 14.43 15.65
C GLY C 442 2.18 14.75 14.95
N MET C 443 1.41 15.69 15.48
CA MET C 443 0.08 16.05 14.99
C MET C 443 -0.06 17.56 14.90
N VAL C 444 -0.60 18.03 13.79
CA VAL C 444 -0.80 19.46 13.56
C VAL C 444 -2.25 19.71 13.20
N GLY C 445 -2.92 20.56 13.96
CA GLY C 445 -4.29 20.92 13.68
C GLY C 445 -4.41 22.29 13.07
N VAL C 446 -4.72 22.36 11.77
CA VAL C 446 -4.78 23.62 11.04
C VAL C 446 -6.23 24.09 11.02
N ASN C 447 -6.46 25.29 11.56
CA ASN C 447 -7.79 25.91 11.62
C ASN C 447 -8.80 25.07 12.40
N THR C 448 -8.32 24.17 13.27
CA THR C 448 -9.21 23.39 14.10
C THR C 448 -8.47 23.00 15.37
N GLY C 449 -9.18 23.06 16.50
CA GLY C 449 -8.69 22.64 17.78
C GLY C 449 -9.01 21.21 18.14
N MET C 450 -9.74 20.51 17.29
CA MET C 450 -10.11 19.12 17.49
C MET C 450 -9.35 18.27 16.47
N ILE C 451 -8.58 17.29 16.95
CA ILE C 451 -7.81 16.40 16.10
C ILE C 451 -8.00 14.94 16.42
N ALA C 452 -8.74 14.60 17.47
CA ALA C 452 -8.92 13.20 17.84
C ALA C 452 -9.63 12.45 16.72
N ASN C 453 -9.05 11.33 16.31
CA ASN C 453 -9.56 10.57 15.17
C ASN C 453 -8.95 9.18 15.19
N GLU C 454 -9.79 8.15 15.17
CA GLU C 454 -9.30 6.78 15.13
C GLU C 454 -8.74 6.40 13.77
N MET C 455 -8.99 7.19 12.74
CA MET C 455 -8.47 6.96 11.40
C MET C 455 -7.16 7.69 11.12
N ALA C 456 -6.70 8.53 12.06
CA ALA C 456 -5.47 9.29 11.90
C ALA C 456 -4.37 8.75 12.82
N PRO C 457 -3.09 8.90 12.42
CA PRO C 457 -1.99 8.38 13.25
C PRO C 457 -1.70 9.26 14.45
N PHE C 458 -2.40 9.02 15.55
CA PHE C 458 -2.16 9.77 16.78
C PHE C 458 -0.82 9.38 17.39
N GLY C 459 -0.02 10.37 17.73
CA GLY C 459 1.28 10.13 18.32
C GLY C 459 2.18 11.33 18.15
N GLY C 460 3.31 11.29 18.86
CA GLY C 460 4.23 12.40 18.91
C GLY C 460 5.63 12.03 18.44
N ILE C 461 6.47 13.05 18.36
CA ILE C 461 7.87 12.90 17.99
C ILE C 461 8.73 13.48 19.10
N LYS C 462 10.05 13.28 18.96
CA LYS C 462 11.06 13.78 19.91
C LYS C 462 10.83 13.07 21.25
N GLN C 463 10.79 13.79 22.37
CA GLN C 463 10.58 13.16 23.66
C GLN C 463 9.13 12.77 23.91
N SER C 464 8.21 13.20 23.06
CA SER C 464 6.79 12.90 23.27
C SER C 464 6.46 11.43 23.06
N GLY C 465 7.38 10.64 22.54
CA GLY C 465 7.22 9.21 22.50
C GLY C 465 7.45 8.64 21.13
N THR C 466 7.20 7.34 21.00
CA THR C 466 7.36 6.61 19.76
C THR C 466 6.10 5.81 19.47
N GLY C 467 5.85 5.55 18.19
CA GLY C 467 4.70 4.78 17.78
C GLY C 467 3.48 5.65 17.50
N ARG C 468 2.46 5.01 16.94
CA ARG C 468 1.25 5.70 16.56
C ARG C 468 0.03 4.89 17.00
N GLU C 469 -1.08 5.60 17.18
CA GLU C 469 -2.34 5.00 17.58
C GLU C 469 -3.40 5.33 16.54
N GLY C 470 -4.17 4.32 16.14
CA GLY C 470 -5.17 4.50 15.11
C GLY C 470 -4.60 4.43 13.71
N SER C 471 -5.47 4.70 12.74
CA SER C 471 -5.12 4.72 11.32
C SER C 471 -4.62 3.36 10.86
N LYS C 472 -4.05 3.31 9.64
CA LYS C 472 -3.48 2.07 9.13
C LYS C 472 -2.10 1.78 9.70
N TYR C 473 -1.50 2.72 10.43
CA TYR C 473 -0.20 2.52 11.06
C TYR C 473 -0.30 2.07 12.51
N GLY C 474 -1.49 2.06 13.10
CA GLY C 474 -1.62 1.73 14.50
C GLY C 474 -1.41 0.26 14.82
N ILE C 475 -1.57 -0.62 13.83
CA ILE C 475 -1.38 -2.05 14.07
C ILE C 475 0.02 -2.53 13.74
N GLU C 476 0.88 -1.65 13.20
CA GLU C 476 2.23 -2.08 12.81
C GLU C 476 3.06 -2.49 14.01
N GLY C 477 2.94 -1.77 15.12
CA GLY C 477 3.74 -2.06 16.29
C GLY C 477 3.44 -3.38 16.95
N PHE C 478 2.24 -3.93 16.72
CA PHE C 478 1.84 -5.19 17.31
C PHE C 478 2.13 -6.39 16.43
N LEU C 479 2.70 -6.18 15.25
CA LEU C 479 3.02 -7.26 14.33
C LEU C 479 4.52 -7.31 14.11
N GLU C 480 5.02 -8.51 13.84
CA GLU C 480 6.41 -8.75 13.48
C GLU C 480 6.45 -9.35 12.08
N LEU C 481 7.42 -8.91 11.29
CA LEU C 481 7.59 -9.44 9.96
C LEU C 481 8.31 -10.77 9.98
N LYS C 482 8.03 -11.60 8.99
CA LYS C 482 8.71 -12.87 8.81
C LYS C 482 9.00 -13.02 7.32
N TYR C 483 10.27 -12.92 6.95
CA TYR C 483 10.70 -13.08 5.57
C TYR C 483 10.97 -14.56 5.34
N VAL C 484 10.18 -15.18 4.48
CA VAL C 484 10.31 -16.58 4.12
C VAL C 484 10.82 -16.65 2.69
N ALA C 485 11.93 -17.35 2.50
CA ALA C 485 12.52 -17.57 1.18
C ALA C 485 12.28 -19.02 0.80
N LEU C 486 11.43 -19.25 -0.20
CA LEU C 486 11.03 -20.59 -0.60
C LEU C 486 11.88 -21.00 -1.81
N GLY C 487 12.86 -21.85 -1.56
CA GLY C 487 13.72 -22.37 -2.61
C GLY C 487 13.28 -23.72 -3.11
N GLY C 488 14.10 -24.29 -3.99
CA GLY C 488 13.79 -25.57 -4.59
C GLY C 488 12.58 -25.58 -5.50
N MET C 489 12.43 -24.54 -6.32
CA MET C 489 11.29 -24.45 -7.22
C MET C 489 11.51 -25.28 -8.49
N ALA D 8 23.21 16.25 -39.58
CA ALA D 8 24.17 16.72 -38.60
C ALA D 8 24.03 15.96 -37.29
N LEU D 9 24.17 14.63 -37.37
CA LEU D 9 23.95 13.75 -36.23
C LEU D 9 25.28 13.19 -35.77
N LYS D 10 25.52 13.25 -34.44
CA LYS D 10 26.71 12.63 -33.88
C LYS D 10 26.68 11.12 -34.11
N ASP D 11 25.52 10.50 -34.00
CA ASP D 11 25.34 9.08 -34.30
C ASP D 11 24.37 8.95 -35.46
N PRO D 12 24.85 8.72 -36.69
CA PRO D 12 23.92 8.62 -37.83
C PRO D 12 23.08 7.36 -37.81
N ALA D 13 23.44 6.36 -37.00
CA ALA D 13 22.61 5.16 -36.92
C ALA D 13 21.28 5.41 -36.22
N LEU D 14 21.13 6.55 -35.55
CA LEU D 14 19.86 6.88 -34.93
C LEU D 14 18.80 7.28 -35.94
N LEU D 15 19.21 7.64 -37.15
CA LEU D 15 18.28 7.88 -38.26
C LEU D 15 18.27 6.63 -39.12
N THR D 16 17.11 5.98 -39.20
CA THR D 16 16.99 4.73 -39.93
C THR D 16 15.75 4.77 -40.80
N ASP D 17 15.78 3.96 -41.86
CA ASP D 17 14.71 3.93 -42.86
C ASP D 17 13.98 2.60 -42.86
N LYS D 18 14.10 1.82 -41.79
CA LYS D 18 13.55 0.48 -41.73
C LYS D 18 12.72 0.32 -40.46
N ALA D 19 11.77 -0.60 -40.51
CA ALA D 19 10.95 -0.95 -39.36
C ALA D 19 11.64 -2.02 -38.53
N PHE D 20 11.26 -2.08 -37.25
CA PHE D 20 11.84 -3.01 -36.29
C PHE D 20 10.84 -4.12 -36.02
N VAL D 21 11.10 -5.31 -36.57
CA VAL D 21 10.19 -6.44 -36.48
C VAL D 21 10.99 -7.68 -36.07
N ALA D 22 10.53 -8.37 -35.03
CA ALA D 22 11.20 -9.56 -34.50
C ALA D 22 12.65 -9.27 -34.12
N GLY D 23 12.93 -8.05 -33.67
CA GLY D 23 14.28 -7.68 -33.31
C GLY D 23 15.21 -7.43 -34.47
N ALA D 24 14.69 -7.38 -35.70
CA ALA D 24 15.50 -7.16 -36.89
C ALA D 24 14.97 -5.96 -37.66
N TRP D 25 15.84 -5.38 -38.48
CA TRP D 25 15.47 -4.23 -39.28
C TRP D 25 15.05 -4.72 -40.66
N ILE D 26 13.79 -4.44 -41.01
CA ILE D 26 13.20 -4.93 -42.25
C ILE D 26 12.55 -3.78 -42.99
N GLY D 27 12.38 -3.98 -44.30
CA GLY D 27 11.57 -3.11 -45.12
C GLY D 27 10.30 -3.82 -45.58
N ALA D 28 9.46 -3.07 -46.26
CA ALA D 28 8.25 -3.64 -46.82
C ALA D 28 8.62 -4.63 -47.93
N PRO D 29 8.05 -5.84 -47.92
CA PRO D 29 8.38 -6.83 -48.95
C PRO D 29 7.81 -6.49 -50.32
N ASP D 30 6.96 -5.47 -50.44
CA ASP D 30 6.45 -5.02 -51.71
C ASP D 30 7.07 -3.70 -52.17
N GLY D 31 8.07 -3.20 -51.45
CA GLY D 31 8.73 -1.97 -51.81
C GLY D 31 7.96 -0.71 -51.48
N LYS D 32 6.73 -0.82 -50.98
CA LYS D 32 5.96 0.35 -50.64
C LYS D 32 6.58 1.07 -49.45
N SER D 33 6.38 2.39 -49.39
CA SER D 33 6.97 3.18 -48.35
C SER D 33 6.15 4.44 -48.13
N ILE D 34 6.41 5.08 -46.99
CA ILE D 34 5.79 6.34 -46.61
C ILE D 34 6.90 7.37 -46.43
N ALA D 35 6.77 8.51 -47.08
CA ALA D 35 7.76 9.57 -46.96
C ALA D 35 7.54 10.34 -45.66
N VAL D 36 8.63 10.85 -45.11
CA VAL D 36 8.59 11.73 -43.95
C VAL D 36 9.16 13.08 -44.37
N THR D 37 8.43 14.14 -44.11
CA THR D 37 8.79 15.48 -44.57
C THR D 37 8.92 16.43 -43.39
N ASP D 38 9.79 17.42 -43.55
CA ASP D 38 9.99 18.44 -42.52
C ASP D 38 8.86 19.45 -42.57
N PRO D 39 8.13 19.67 -41.48
CA PRO D 39 7.00 20.62 -41.53
C PRO D 39 7.40 22.05 -41.83
N PHE D 40 8.66 22.43 -41.60
CA PHE D 40 9.06 23.81 -41.80
C PHE D 40 9.00 24.20 -43.28
N ASP D 41 9.55 23.35 -44.15
CA ASP D 41 9.57 23.67 -45.58
C ASP D 41 9.22 22.48 -46.46
N GLY D 42 8.66 21.39 -45.92
CA GLY D 42 8.30 20.26 -46.74
C GLY D 42 9.45 19.41 -47.22
N ALA D 43 10.66 19.62 -46.70
CA ALA D 43 11.82 18.87 -47.15
C ALA D 43 11.70 17.40 -46.79
N LEU D 44 12.08 16.54 -47.71
CA LEU D 44 11.98 15.10 -47.49
C LEU D 44 13.12 14.62 -46.60
N ILE D 45 12.80 13.72 -45.67
CA ILE D 45 13.77 13.18 -44.72
C ILE D 45 14.13 11.74 -45.06
N ALA D 46 13.15 10.83 -45.05
CA ALA D 46 13.42 9.44 -45.36
C ALA D 46 12.11 8.73 -45.68
N ASN D 47 12.24 7.54 -46.27
CA ASN D 47 11.10 6.70 -46.63
C ASN D 47 11.06 5.50 -45.70
N VAL D 48 10.09 5.48 -44.79
CA VAL D 48 9.93 4.35 -43.87
C VAL D 48 9.06 3.28 -44.53
N PRO D 49 9.18 2.02 -44.13
CA PRO D 49 8.37 0.97 -44.76
C PRO D 49 6.88 1.16 -44.49
N ASP D 50 6.07 0.74 -45.45
CA ASP D 50 4.62 0.67 -45.31
C ASP D 50 4.26 -0.82 -45.20
N LEU D 51 4.01 -1.26 -43.98
CA LEU D 51 3.87 -2.69 -43.68
C LEU D 51 2.40 -3.10 -43.71
N GLY D 52 2.14 -4.25 -44.33
CA GLY D 52 0.80 -4.77 -44.44
C GLY D 52 0.40 -5.54 -43.19
N GLN D 53 -0.75 -6.21 -43.30
CA GLN D 53 -1.28 -6.95 -42.15
CA GLN D 53 -1.27 -6.95 -42.16
C GLN D 53 -0.54 -8.26 -41.92
N ALA D 54 0.04 -8.85 -42.97
CA ALA D 54 0.74 -10.13 -42.79
C ALA D 54 2.06 -9.94 -42.05
N VAL D 55 2.81 -8.90 -42.39
CA VAL D 55 4.05 -8.62 -41.67
C VAL D 55 3.75 -8.26 -40.22
N VAL D 56 2.68 -7.50 -39.99
CA VAL D 56 2.29 -7.19 -38.62
C VAL D 56 1.88 -8.44 -37.87
N ALA D 57 1.22 -9.38 -38.54
CA ALA D 57 0.86 -10.64 -37.89
C ALA D 57 2.10 -11.42 -37.49
N GLN D 58 3.10 -11.49 -38.38
CA GLN D 58 4.35 -12.15 -38.02
C GLN D 58 5.05 -11.44 -36.86
N ALA D 59 4.99 -10.10 -36.86
CA ALA D 59 5.57 -9.34 -35.75
C ALA D 59 4.87 -9.66 -34.44
N ILE D 60 3.55 -9.81 -34.48
CA ILE D 60 2.79 -10.13 -33.27
C ILE D 60 3.15 -11.52 -32.77
N ASP D 61 3.33 -12.48 -33.68
CA ASP D 61 3.75 -13.81 -33.27
C ASP D 61 5.14 -13.79 -32.62
N ALA D 62 6.06 -13.04 -33.21
CA ALA D 62 7.39 -12.90 -32.62
C ALA D 62 7.31 -12.25 -31.25
N ALA D 63 6.46 -11.21 -31.11
CA ALA D 63 6.29 -10.55 -29.82
C ALA D 63 5.70 -11.51 -28.79
N ALA D 64 4.83 -12.42 -29.21
CA ALA D 64 4.27 -13.40 -28.29
C ALA D 64 5.33 -14.34 -27.77
N GLU D 65 6.17 -14.88 -28.67
CA GLU D 65 7.25 -15.76 -28.23
C GLU D 65 8.23 -15.01 -27.32
N ALA D 66 8.57 -13.77 -27.70
CA ALA D 66 9.49 -12.98 -26.89
C ALA D 66 8.91 -12.69 -25.51
N GLN D 67 7.62 -12.41 -25.44
CA GLN D 67 6.98 -12.18 -24.15
C GLN D 67 7.03 -13.44 -23.30
N LYS D 68 6.82 -14.61 -23.93
CA LYS D 68 6.93 -15.85 -23.18
C LYS D 68 8.33 -16.01 -22.59
N LEU D 69 9.36 -15.63 -23.33
CA LEU D 69 10.73 -15.71 -22.81
C LEU D 69 11.08 -14.59 -21.84
N TRP D 70 10.38 -13.46 -21.91
CA TRP D 70 10.75 -12.23 -21.21
C TRP D 70 10.12 -12.12 -19.83
N GLU D 71 8.96 -12.75 -19.63
CA GLU D 71 8.35 -12.78 -18.30
C GLU D 71 9.06 -13.73 -17.35
N ARG D 72 9.86 -14.65 -17.89
CA ARG D 72 10.60 -15.58 -17.05
C ARG D 72 11.88 -14.98 -16.49
N ARG D 73 12.35 -13.86 -17.03
CA ARG D 73 13.51 -13.19 -16.46
C ARG D 73 13.15 -12.55 -15.13
N THR D 74 14.16 -12.39 -14.28
CA THR D 74 13.93 -11.77 -12.99
C THR D 74 13.61 -10.30 -13.16
N ALA D 75 12.97 -9.72 -12.15
CA ALA D 75 12.66 -8.29 -12.18
C ALA D 75 13.92 -7.45 -12.21
N LYS D 76 15.01 -7.95 -11.60
CA LYS D 76 16.27 -7.22 -11.63
C LYS D 76 16.83 -7.11 -13.04
N GLU D 77 16.76 -8.20 -13.81
CA GLU D 77 17.27 -8.18 -15.18
C GLU D 77 16.47 -7.23 -16.06
N ARG D 78 15.14 -7.27 -15.97
CA ARG D 78 14.32 -6.38 -16.76
C ARG D 78 14.53 -4.92 -16.34
N ALA D 79 14.67 -4.67 -15.05
CA ALA D 79 14.96 -3.31 -14.58
C ALA D 79 16.31 -2.84 -15.09
N GLN D 80 17.31 -3.74 -15.11
CA GLN D 80 18.63 -3.36 -15.61
C GLN D 80 18.57 -3.02 -17.10
N VAL D 81 17.81 -3.80 -17.87
CA VAL D 81 17.64 -3.50 -19.29
C VAL D 81 16.97 -2.14 -19.48
N LEU D 82 15.92 -1.88 -18.70
CA LEU D 82 15.22 -0.60 -18.83
C LEU D 82 16.10 0.57 -18.41
N LYS D 83 16.91 0.39 -17.37
CA LYS D 83 17.83 1.44 -16.95
C LYS D 83 18.91 1.68 -17.99
N ARG D 84 19.42 0.62 -18.63
CA ARG D 84 20.35 0.80 -19.73
C ARG D 84 19.71 1.58 -20.87
N TRP D 85 18.46 1.26 -21.19
CA TRP D 85 17.74 1.99 -22.23
C TRP D 85 17.61 3.47 -21.86
N TYR D 86 17.28 3.77 -20.61
CA TYR D 86 17.18 5.15 -20.16
C TYR D 86 18.52 5.87 -20.26
N ASP D 87 19.60 5.20 -19.87
CA ASP D 87 20.92 5.80 -19.93
C ASP D 87 21.32 6.11 -21.37
N LEU D 88 21.04 5.18 -22.29
CA LEU D 88 21.34 5.41 -23.70
C LEU D 88 20.50 6.55 -24.26
N ILE D 89 19.23 6.65 -23.84
CA ILE D 89 18.38 7.73 -24.33
C ILE D 89 18.91 9.08 -23.86
N VAL D 90 19.31 9.18 -22.59
CA VAL D 90 19.81 10.44 -22.07
C VAL D 90 21.16 10.79 -22.72
N GLU D 91 21.99 9.77 -22.96
CA GLU D 91 23.30 10.02 -23.58
C GLU D 91 23.16 10.58 -24.99
N ASN D 92 22.19 10.08 -25.77
CA ASN D 92 21.97 10.53 -27.14
C ASN D 92 20.83 11.52 -27.24
N ALA D 93 20.65 12.37 -26.23
CA ALA D 93 19.49 13.26 -26.23
C ALA D 93 19.57 14.32 -27.32
N ASP D 94 20.77 14.75 -27.70
CA ASP D 94 20.89 15.80 -28.71
C ASP D 94 20.52 15.29 -30.11
N ASP D 95 21.00 14.11 -30.47
CA ASP D 95 20.61 13.53 -31.76
C ASP D 95 19.12 13.24 -31.81
N LEU D 96 18.56 12.71 -30.72
CA LEU D 96 17.12 12.45 -30.66
C LEU D 96 16.33 13.75 -30.76
N ALA D 97 16.79 14.80 -30.10
CA ALA D 97 16.12 16.09 -30.19
C ALA D 97 16.19 16.65 -31.60
N LEU D 98 17.33 16.48 -32.27
CA LEU D 98 17.44 16.97 -33.65
C LEU D 98 16.48 16.21 -34.57
N ILE D 99 16.42 14.89 -34.43
CA ILE D 99 15.48 14.10 -35.23
C ILE D 99 14.04 14.53 -34.95
N LEU D 100 13.72 14.74 -33.68
CA LEU D 100 12.35 15.11 -33.32
C LEU D 100 11.99 16.48 -33.89
N THR D 101 12.90 17.45 -33.80
CA THR D 101 12.64 18.77 -34.36
C THR D 101 12.51 18.72 -35.88
N THR D 102 13.34 17.91 -36.53
CA THR D 102 13.25 17.76 -37.98
C THR D 102 11.90 17.18 -38.40
N GLU D 103 11.43 16.15 -37.69
CA GLU D 103 10.22 15.46 -38.12
C GLU D 103 8.95 16.19 -37.70
N GLN D 104 8.93 16.76 -36.49
CA GLN D 104 7.73 17.34 -35.92
C GLN D 104 7.68 18.86 -36.02
N GLY D 105 8.81 19.54 -35.86
CA GLY D 105 8.89 20.97 -36.05
C GLY D 105 9.01 21.80 -34.79
N LYS D 106 8.93 21.19 -33.61
CA LYS D 106 9.01 21.94 -32.38
C LYS D 106 10.42 22.46 -32.16
N PRO D 107 10.57 23.54 -31.40
CA PRO D 107 11.91 24.10 -31.15
C PRO D 107 12.83 23.08 -30.50
N LEU D 108 14.12 23.18 -30.84
CA LEU D 108 15.08 22.16 -30.44
C LEU D 108 15.18 22.05 -28.92
N ALA D 109 15.05 23.17 -28.21
CA ALA D 109 15.04 23.13 -26.75
C ALA D 109 13.86 22.32 -26.23
N GLU D 110 12.69 22.52 -26.83
CA GLU D 110 11.51 21.74 -26.44
C GLU D 110 11.70 20.26 -26.76
N ALA D 111 12.33 19.95 -27.91
CA ALA D 111 12.58 18.56 -28.26
C ALA D 111 13.50 17.90 -27.24
N ARG D 112 14.57 18.59 -26.84
CA ARG D 112 15.47 18.02 -25.84
C ARG D 112 14.77 17.86 -24.49
N GLY D 113 14.01 18.86 -24.07
CA GLY D 113 13.25 18.74 -22.84
C GLY D 113 12.30 17.55 -22.87
N GLU D 114 11.65 17.34 -24.02
CA GLU D 114 10.77 16.19 -24.17
C GLU D 114 11.55 14.89 -24.00
N VAL D 115 12.70 14.79 -24.67
CA VAL D 115 13.47 13.54 -24.63
C VAL D 115 13.87 13.22 -23.20
N VAL D 116 14.40 14.20 -22.47
CA VAL D 116 14.86 13.94 -21.10
C VAL D 116 13.67 13.65 -20.18
N SER D 117 12.68 14.55 -20.16
CA SER D 117 11.57 14.43 -19.23
C SER D 117 10.69 13.24 -19.53
N ASN D 118 10.85 12.59 -20.69
CA ASN D 118 10.11 11.37 -20.94
C ASN D 118 10.95 10.11 -20.89
N ALA D 119 12.29 10.22 -20.97
CA ALA D 119 13.12 9.10 -20.54
C ALA D 119 13.00 8.89 -19.03
N ALA D 120 12.64 9.95 -18.30
CA ALA D 120 12.32 9.79 -16.89
C ALA D 120 11.27 8.70 -16.65
N TYR D 121 10.32 8.53 -17.58
CA TYR D 121 9.33 7.48 -17.44
C TYR D 121 9.98 6.09 -17.48
N LEU D 122 10.92 5.90 -18.40
CA LEU D 122 11.64 4.63 -18.47
C LEU D 122 12.39 4.36 -17.18
N GLU D 123 13.03 5.39 -16.63
CA GLU D 123 13.73 5.22 -15.36
C GLU D 123 12.77 4.83 -14.24
N TRP D 124 11.64 5.53 -14.15
CA TRP D 124 10.67 5.27 -13.09
C TRP D 124 10.13 3.86 -13.18
N PHE D 125 9.81 3.39 -14.38
CA PHE D 125 9.25 2.06 -14.49
C PHE D 125 10.32 0.97 -14.40
N ALA D 126 11.58 1.28 -14.67
CA ALA D 126 12.65 0.36 -14.30
C ALA D 126 12.67 0.17 -12.79
N GLU D 127 12.47 1.25 -12.03
CA GLU D 127 12.36 1.09 -10.57
C GLU D 127 11.10 0.31 -10.19
N GLU D 128 9.98 0.58 -10.87
CA GLU D 128 8.73 -0.12 -10.56
C GLU D 128 8.76 -1.61 -10.90
N ALA D 129 9.64 -2.03 -11.81
CA ALA D 129 9.70 -3.43 -12.21
C ALA D 129 10.01 -4.34 -11.03
N LYS D 130 10.76 -3.85 -10.05
CA LYS D 130 11.15 -4.64 -8.89
CA LYS D 130 11.15 -4.64 -8.89
C LYS D 130 10.18 -4.51 -7.74
N ARG D 131 9.09 -3.78 -7.91
CA ARG D 131 8.12 -3.55 -6.84
C ARG D 131 6.75 -4.13 -7.18
N ILE D 132 6.68 -5.08 -8.11
CA ILE D 132 5.42 -5.75 -8.43
C ILE D 132 5.20 -6.82 -7.36
N ASP D 133 4.47 -6.46 -6.31
CA ASP D 133 4.33 -7.29 -5.12
C ASP D 133 2.96 -7.95 -5.09
N GLY D 134 2.94 -9.23 -4.75
CA GLY D 134 1.69 -9.92 -4.48
C GLY D 134 1.22 -9.66 -3.07
N ASP D 135 0.16 -10.36 -2.69
CA ASP D 135 -0.42 -10.20 -1.37
C ASP D 135 -0.62 -11.57 -0.73
N ILE D 136 -0.55 -11.61 0.59
CA ILE D 136 -0.89 -12.80 1.36
C ILE D 136 -2.09 -12.41 2.22
N ILE D 137 -3.28 -12.84 1.80
CA ILE D 137 -4.53 -12.44 2.46
C ILE D 137 -4.83 -13.45 3.56
N PRO D 138 -5.38 -13.02 4.70
CA PRO D 138 -5.80 -13.99 5.72
C PRO D 138 -6.81 -14.97 5.15
N GLY D 139 -6.68 -16.22 5.55
CA GLY D 139 -7.52 -17.27 5.01
C GLY D 139 -8.89 -17.29 5.63
N PRO D 140 -9.79 -18.04 4.99
CA PRO D 140 -11.13 -18.22 5.58
C PRO D 140 -11.17 -19.26 6.69
N ASN D 141 -10.19 -20.16 6.76
CA ASN D 141 -10.10 -21.14 7.82
C ASN D 141 -8.64 -21.58 7.93
N ALA D 142 -8.37 -22.39 8.95
CA ALA D 142 -6.99 -22.79 9.23
C ALA D 142 -6.39 -23.65 8.12
N GLY D 143 -7.22 -24.31 7.32
CA GLY D 143 -6.74 -25.20 6.30
C GLY D 143 -6.43 -24.55 4.96
N GLN D 144 -6.48 -23.23 4.86
CA GLN D 144 -6.33 -22.56 3.57
C GLN D 144 -5.58 -21.24 3.73
N ARG D 145 -4.74 -20.92 2.75
CA ARG D 145 -4.11 -19.63 2.64
C ARG D 145 -4.49 -19.01 1.30
N ILE D 146 -4.27 -17.70 1.17
CA ILE D 146 -4.64 -16.96 -0.03
C ILE D 146 -3.45 -16.14 -0.49
N MET D 147 -3.01 -16.39 -1.73
CA MET D 147 -2.02 -15.56 -2.39
C MET D 147 -2.68 -14.78 -3.52
N VAL D 148 -2.23 -13.55 -3.73
CA VAL D 148 -2.63 -12.77 -4.89
C VAL D 148 -1.37 -12.43 -5.66
N LEU D 149 -1.18 -13.08 -6.80
CA LEU D 149 -0.04 -12.84 -7.66
C LEU D 149 -0.40 -11.83 -8.74
N LYS D 150 0.59 -11.07 -9.17
CA LYS D 150 0.43 -10.13 -10.29
C LYS D 150 1.28 -10.64 -11.44
N GLN D 151 0.66 -10.83 -12.59
CA GLN D 151 1.37 -11.43 -13.72
C GLN D 151 1.19 -10.58 -14.97
N PRO D 152 2.16 -10.61 -15.88
CA PRO D 152 2.04 -9.80 -17.10
C PRO D 152 0.84 -10.22 -17.94
N VAL D 153 0.15 -9.22 -18.48
CA VAL D 153 -1.08 -9.49 -19.23
C VAL D 153 -0.76 -10.23 -20.53
N GLY D 154 0.34 -9.88 -21.18
CA GLY D 154 0.74 -10.57 -22.39
C GLY D 154 1.43 -9.67 -23.40
N VAL D 155 1.00 -9.73 -24.65
CA VAL D 155 1.54 -8.85 -25.69
C VAL D 155 0.67 -7.60 -25.76
N CYS D 156 1.31 -6.44 -25.68
CA CYS D 156 0.63 -5.16 -25.72
C CYS D 156 0.92 -4.47 -27.04
N ALA D 157 -0.07 -3.76 -27.57
CA ALA D 157 0.07 -2.98 -28.78
C ALA D 157 -0.13 -1.51 -28.44
N ALA D 158 0.82 -0.67 -28.86
CA ALA D 158 0.78 0.75 -28.60
C ALA D 158 0.58 1.52 -29.90
N ILE D 159 -0.26 2.54 -29.84
CA ILE D 159 -0.48 3.45 -30.95
C ILE D 159 -0.23 4.86 -30.45
N THR D 160 0.73 5.56 -31.06
CA THR D 160 1.11 6.88 -30.59
C THR D 160 0.82 7.93 -31.64
N PRO D 161 0.60 9.18 -31.23
CA PRO D 161 0.32 10.24 -32.20
C PRO D 161 1.57 10.98 -32.65
N TRP D 162 1.40 11.94 -33.56
CA TRP D 162 2.46 12.85 -33.95
C TRP D 162 2.72 13.92 -32.89
N ASN D 163 1.82 14.04 -31.90
CA ASN D 163 1.91 15.13 -30.95
C ASN D 163 3.23 15.11 -30.20
N PHE D 164 3.63 13.94 -29.71
CA PHE D 164 4.90 13.76 -29.02
C PHE D 164 5.55 12.54 -29.67
N PRO D 165 6.38 12.75 -30.69
CA PRO D 165 6.96 11.59 -31.39
C PRO D 165 7.79 10.70 -30.51
N ASN D 166 8.37 11.22 -29.42
CA ASN D 166 9.15 10.43 -28.50
C ASN D 166 8.50 10.33 -27.12
N GLY D 167 7.79 11.37 -26.69
CA GLY D 167 7.31 11.41 -25.32
C GLY D 167 6.32 10.31 -24.99
N MET D 168 5.38 10.04 -25.89
CA MET D 168 4.34 9.05 -25.61
C MET D 168 4.83 7.62 -25.72
N ILE D 169 6.00 7.39 -26.31
CA ILE D 169 6.48 6.03 -26.51
C ILE D 169 7.09 5.47 -25.24
N THR D 170 7.87 6.28 -24.52
CA THR D 170 8.51 5.80 -23.30
C THR D 170 7.49 5.47 -22.23
N ARG D 171 6.46 6.31 -22.07
CA ARG D 171 5.46 6.07 -21.04
C ARG D 171 4.54 4.90 -21.36
N LYS D 172 4.62 4.35 -22.57
CA LYS D 172 3.92 3.11 -22.90
C LYS D 172 4.83 1.89 -22.86
N ALA D 173 6.08 2.04 -23.32
CA ALA D 173 7.01 0.91 -23.35
C ALA D 173 7.57 0.58 -21.98
N GLY D 174 7.80 1.58 -21.14
CA GLY D 174 8.33 1.37 -19.81
C GLY D 174 7.50 0.46 -18.96
N PRO D 175 6.24 0.84 -18.68
CA PRO D 175 5.40 -0.03 -17.85
C PRO D 175 5.17 -1.40 -18.46
N ALA D 176 5.01 -1.47 -19.78
CA ALA D 176 4.79 -2.76 -20.43
C ALA D 176 5.99 -3.68 -20.25
N LEU D 177 7.21 -3.16 -20.45
CA LEU D 177 8.39 -3.99 -20.31
C LEU D 177 8.67 -4.32 -18.86
N ALA D 178 8.45 -3.35 -17.96
CA ALA D 178 8.67 -3.58 -16.54
C ALA D 178 7.75 -4.67 -16.01
N ALA D 179 6.48 -4.65 -16.40
CA ALA D 179 5.55 -5.69 -15.99
C ALA D 179 5.93 -7.06 -16.55
N GLY D 180 6.77 -7.11 -17.57
CA GLY D 180 7.07 -8.34 -18.26
C GLY D 180 6.30 -8.55 -19.55
N CYS D 181 5.56 -7.55 -20.01
CA CYS D 181 4.84 -7.62 -21.27
C CYS D 181 5.73 -7.19 -22.43
N SER D 182 5.38 -7.67 -23.61
CA SER D 182 6.03 -7.23 -24.84
CA SER D 182 6.04 -7.22 -24.83
C SER D 182 5.19 -6.15 -25.50
N MET D 183 5.86 -5.28 -26.24
CA MET D 183 5.22 -4.16 -26.90
C MET D 183 5.48 -4.20 -28.40
N ILE D 184 4.44 -3.95 -29.19
CA ILE D 184 4.55 -3.68 -30.61
C ILE D 184 3.90 -2.34 -30.86
N LEU D 185 4.68 -1.37 -31.31
CA LEU D 185 4.25 0.01 -31.41
C LEU D 185 4.07 0.41 -32.87
N LYS D 186 2.96 1.09 -33.15
CA LYS D 186 2.74 1.72 -34.45
C LYS D 186 2.74 3.22 -34.27
N PRO D 187 3.85 3.91 -34.55
CA PRO D 187 3.88 5.36 -34.39
C PRO D 187 3.13 6.05 -35.52
N ALA D 188 2.87 7.34 -35.31
CA ALA D 188 2.19 8.13 -36.31
C ALA D 188 3.02 8.21 -37.58
N SER D 189 2.34 8.18 -38.72
CA SER D 189 3.06 8.19 -40.01
C SER D 189 3.75 9.53 -40.23
N GLN D 190 3.23 10.61 -39.66
CA GLN D 190 3.86 11.91 -39.82
C GLN D 190 5.25 11.94 -39.18
N THR D 191 5.41 11.34 -38.00
CA THR D 191 6.64 11.40 -37.24
C THR D 191 7.03 10.01 -36.74
N PRO D 192 7.48 9.13 -37.64
CA PRO D 192 7.88 7.78 -37.22
C PRO D 192 9.35 7.61 -36.84
N LEU D 193 10.16 8.65 -37.01
CA LEU D 193 11.61 8.50 -36.86
C LEU D 193 12.06 8.42 -35.42
N SER D 194 11.37 9.12 -34.50
CA SER D 194 11.72 9.05 -33.09
C SER D 194 11.52 7.64 -32.55
N ALA D 195 10.44 6.98 -32.97
CA ALA D 195 10.20 5.61 -32.55
C ALA D 195 11.30 4.68 -33.03
N LEU D 196 11.74 4.84 -34.27
CA LEU D 196 12.79 3.98 -34.81
C LEU D 196 14.13 4.25 -34.12
N ALA D 197 14.40 5.51 -33.78
CA ALA D 197 15.63 5.82 -33.04
C ALA D 197 15.60 5.18 -31.66
N LEU D 198 14.46 5.27 -30.97
CA LEU D 198 14.33 4.60 -29.68
C LEU D 198 14.46 3.09 -29.84
N ALA D 199 14.02 2.53 -30.97
CA ALA D 199 14.21 1.11 -31.21
C ALA D 199 15.67 0.76 -31.39
N VAL D 200 16.43 1.61 -32.08
CA VAL D 200 17.88 1.41 -32.20
C VAL D 200 18.51 1.39 -30.82
N LEU D 201 18.14 2.36 -29.98
CA LEU D 201 18.69 2.41 -28.62
C LEU D 201 18.27 1.20 -27.80
N ALA D 202 17.02 0.75 -27.96
CA ALA D 202 16.54 -0.40 -27.21
C ALA D 202 17.30 -1.66 -27.59
N GLU D 203 17.54 -1.86 -28.89
CA GLU D 203 18.38 -2.97 -29.31
C GLU D 203 19.79 -2.84 -28.75
N ARG D 204 20.32 -1.62 -28.74
CA ARG D 204 21.64 -1.40 -28.15
C ARG D 204 21.64 -1.62 -26.64
N ALA D 205 20.49 -1.43 -25.99
CA ALA D 205 20.39 -1.57 -24.54
C ALA D 205 20.22 -3.00 -24.08
N GLY D 206 20.09 -3.95 -25.00
CA GLY D 206 19.90 -5.33 -24.62
C GLY D 206 18.46 -5.78 -24.52
N VAL D 207 17.51 -5.02 -25.06
CA VAL D 207 16.14 -5.53 -25.14
C VAL D 207 16.11 -6.75 -26.04
N PRO D 208 15.59 -7.88 -25.59
CA PRO D 208 15.64 -9.10 -26.40
C PRO D 208 14.78 -8.98 -27.66
N LYS D 209 15.14 -9.80 -28.65
CA LYS D 209 14.46 -9.77 -29.93
C LYS D 209 12.96 -10.07 -29.76
N GLY D 210 12.13 -9.16 -30.26
CA GLY D 210 10.69 -9.32 -30.22
C GLY D 210 10.01 -8.60 -29.07
N VAL D 211 10.74 -8.28 -28.00
CA VAL D 211 10.11 -7.63 -26.85
C VAL D 211 9.67 -6.22 -27.21
N PHE D 212 10.47 -5.52 -28.01
CA PHE D 212 10.11 -4.21 -28.51
C PHE D 212 10.08 -4.25 -30.02
N SER D 213 9.00 -3.73 -30.61
CA SER D 213 8.81 -3.73 -32.05
C SER D 213 8.17 -2.42 -32.47
N VAL D 214 8.66 -1.86 -33.58
CA VAL D 214 8.09 -0.65 -34.16
C VAL D 214 7.67 -0.99 -35.59
N VAL D 215 6.40 -0.77 -35.90
CA VAL D 215 5.85 -1.08 -37.21
C VAL D 215 5.24 0.19 -37.79
N THR D 216 5.52 0.46 -39.05
CA THR D 216 4.97 1.62 -39.74
C THR D 216 4.10 1.14 -40.90
N GLY D 217 3.15 1.97 -41.28
CA GLY D 217 2.27 1.65 -42.38
C GLY D 217 0.94 2.36 -42.23
N GLU D 218 0.00 1.95 -43.07
CA GLU D 218 -1.34 2.51 -43.02
C GLU D 218 -1.98 2.23 -41.67
N ALA D 219 -2.57 3.28 -41.07
CA ALA D 219 -3.02 3.19 -39.69
C ALA D 219 -4.17 2.20 -39.53
N LYS D 220 -5.18 2.29 -40.39
CA LYS D 220 -6.38 1.47 -40.22
C LYS D 220 -6.11 -0.03 -40.31
N PRO D 221 -5.40 -0.55 -41.32
CA PRO D 221 -5.13 -2.00 -41.33
C PRO D 221 -4.35 -2.49 -40.12
N ILE D 222 -3.36 -1.73 -39.65
CA ILE D 222 -2.59 -2.13 -38.49
C ILE D 222 -3.45 -2.10 -37.24
N GLY D 223 -4.29 -1.08 -37.11
CA GLY D 223 -5.22 -1.04 -35.98
C GLY D 223 -6.19 -2.20 -36.00
N LEU D 224 -6.67 -2.58 -37.19
CA LEU D 224 -7.53 -3.75 -37.30
C LEU D 224 -6.80 -5.01 -36.89
N GLU D 225 -5.55 -5.16 -37.32
CA GLU D 225 -4.76 -6.32 -36.94
C GLU D 225 -4.54 -6.36 -35.44
N PHE D 226 -4.30 -5.20 -34.82
CA PHE D 226 -4.15 -5.12 -33.37
C PHE D 226 -5.43 -5.53 -32.67
N CYS D 227 -6.57 -5.08 -33.17
CA CYS D 227 -7.85 -5.34 -32.50
C CYS D 227 -8.34 -6.77 -32.70
N HIS D 228 -7.97 -7.41 -33.81
CA HIS D 228 -8.52 -8.71 -34.14
C HIS D 228 -7.55 -9.86 -33.90
N ASN D 229 -6.31 -9.60 -33.52
CA ASN D 229 -5.38 -10.67 -33.24
C ASN D 229 -5.60 -11.19 -31.83
N PRO D 230 -5.91 -12.48 -31.65
CA PRO D 230 -6.13 -13.00 -30.29
C PRO D 230 -4.89 -12.92 -29.40
N ARG D 231 -3.69 -12.83 -29.97
CA ARG D 231 -2.47 -12.77 -29.20
C ARG D 231 -2.14 -11.37 -28.70
N ILE D 232 -2.96 -10.37 -29.02
CA ILE D 232 -2.80 -9.03 -28.48
C ILE D 232 -3.71 -8.94 -27.26
N ALA D 233 -3.10 -9.00 -26.07
CA ALA D 233 -3.88 -8.96 -24.84
C ALA D 233 -4.39 -7.56 -24.53
N LYS D 234 -3.54 -6.55 -24.72
CA LYS D 234 -3.84 -5.20 -24.31
C LYS D 234 -3.46 -4.24 -25.43
N ILE D 235 -4.22 -3.14 -25.53
CA ILE D 235 -3.95 -2.08 -26.50
C ILE D 235 -3.93 -0.76 -25.76
N THR D 236 -2.82 -0.03 -25.87
CA THR D 236 -2.70 1.33 -25.35
C THR D 236 -2.74 2.30 -26.51
N PHE D 237 -3.61 3.29 -26.42
CA PHE D 237 -3.80 4.24 -27.50
C PHE D 237 -3.76 5.66 -26.97
N THR D 238 -3.07 6.53 -27.72
CA THR D 238 -3.08 7.97 -27.49
C THR D 238 -3.38 8.64 -28.81
N GLY D 239 -4.35 9.55 -28.80
CA GLY D 239 -4.76 10.19 -30.03
C GLY D 239 -6.10 10.88 -29.86
N SER D 240 -6.81 11.03 -30.97
CA SER D 240 -8.08 11.73 -30.99
C SER D 240 -9.20 10.85 -30.43
N THR D 241 -10.30 11.50 -30.07
CA THR D 241 -11.45 10.79 -29.52
C THR D 241 -12.08 9.85 -30.54
N GLY D 242 -12.16 10.27 -31.81
CA GLY D 242 -12.80 9.45 -32.81
C GLY D 242 -12.08 8.14 -33.06
N VAL D 243 -10.76 8.20 -33.19
CA VAL D 243 -9.99 6.98 -33.39
C VAL D 243 -10.06 6.09 -32.15
N GLY D 244 -10.11 6.69 -30.96
CA GLY D 244 -10.29 5.89 -29.76
C GLY D 244 -11.62 5.15 -29.74
N ARG D 245 -12.69 5.84 -30.14
CA ARG D 245 -13.99 5.19 -30.23
C ARG D 245 -13.98 4.07 -31.27
N TRP D 246 -13.35 4.31 -32.42
CA TRP D 246 -13.24 3.28 -33.44
C TRP D 246 -12.48 2.07 -32.90
N LEU D 247 -11.38 2.30 -32.19
CA LEU D 247 -10.61 1.20 -31.64
C LEU D 247 -11.42 0.42 -30.62
N MET D 248 -12.14 1.13 -29.75
CA MET D 248 -12.90 0.46 -28.70
C MET D 248 -14.05 -0.34 -29.29
N LYS D 249 -14.65 0.15 -30.38
CA LYS D 249 -15.67 -0.62 -31.08
C LYS D 249 -15.07 -1.84 -31.76
N GLU D 250 -13.88 -1.71 -32.35
CA GLU D 250 -13.27 -2.82 -33.06
C GLU D 250 -12.67 -3.86 -32.13
N ALA D 251 -12.26 -3.46 -30.92
CA ALA D 251 -11.70 -4.39 -29.96
C ALA D 251 -12.76 -5.09 -29.12
N ALA D 252 -14.04 -4.78 -29.34
CA ALA D 252 -15.11 -5.34 -28.52
C ALA D 252 -15.23 -6.84 -28.71
N GLY D 253 -15.09 -7.32 -29.96
CA GLY D 253 -15.27 -8.72 -30.23
C GLY D 253 -14.27 -9.63 -29.55
N GLY D 254 -13.16 -9.08 -29.07
CA GLY D 254 -12.14 -9.89 -28.43
C GLY D 254 -11.97 -9.62 -26.95
N ILE D 255 -12.78 -8.71 -26.41
CA ILE D 255 -12.69 -8.29 -25.01
C ILE D 255 -11.23 -7.98 -24.69
N LYS D 256 -10.69 -6.96 -25.31
CA LYS D 256 -9.30 -6.57 -25.13
C LYS D 256 -9.22 -5.43 -24.12
N ARG D 257 -8.23 -5.50 -23.24
CA ARG D 257 -7.98 -4.39 -22.33
C ARG D 257 -7.55 -3.16 -23.13
N LEU D 258 -8.24 -2.04 -22.91
CA LEU D 258 -7.99 -0.83 -23.67
C LEU D 258 -7.69 0.31 -22.71
N SER D 259 -6.54 0.94 -22.90
CA SER D 259 -6.19 2.16 -22.18
C SER D 259 -6.14 3.29 -23.21
N LEU D 260 -6.89 4.35 -22.97
CA LEU D 260 -7.06 5.43 -23.93
C LEU D 260 -6.72 6.75 -23.27
N GLU D 261 -5.90 7.55 -23.94
CA GLU D 261 -5.71 8.96 -23.60
C GLU D 261 -6.18 9.77 -24.81
N LEU D 262 -7.31 10.43 -24.67
CA LEU D 262 -7.95 11.17 -25.74
C LEU D 262 -7.86 12.66 -25.46
N GLY D 263 -8.49 13.45 -26.33
CA GLY D 263 -8.37 14.88 -26.24
C GLY D 263 -9.06 15.47 -25.02
N GLY D 264 -8.65 16.70 -24.68
CA GLY D 264 -9.23 17.42 -23.58
C GLY D 264 -9.56 18.84 -23.98
N ASN D 265 -10.34 19.50 -23.12
CA ASN D 265 -10.70 20.91 -23.28
C ASN D 265 -10.39 21.59 -21.96
N ALA D 266 -9.14 22.01 -21.79
CA ALA D 266 -8.62 22.38 -20.48
C ALA D 266 -8.98 23.82 -20.13
N PRO D 267 -9.73 24.06 -19.06
CA PRO D 267 -9.96 25.43 -18.61
C PRO D 267 -8.79 25.98 -17.82
N PHE D 268 -8.70 27.32 -17.80
CA PHE D 268 -7.63 28.04 -17.11
C PHE D 268 -8.29 29.21 -16.39
N ILE D 269 -8.45 29.08 -15.08
CA ILE D 269 -9.20 30.04 -14.27
C ILE D 269 -8.23 30.91 -13.49
N VAL D 270 -8.49 32.22 -13.48
CA VAL D 270 -7.71 33.19 -12.72
C VAL D 270 -8.67 33.91 -11.78
N PHE D 271 -8.55 33.64 -10.49
CA PHE D 271 -9.40 34.26 -9.48
C PHE D 271 -8.81 35.59 -9.03
N ASP D 272 -9.64 36.39 -8.35
CA ASP D 272 -9.20 37.70 -7.92
C ASP D 272 -8.18 37.65 -6.78
N ASP D 273 -8.00 36.50 -6.15
CA ASP D 273 -7.01 36.34 -5.09
C ASP D 273 -5.75 35.62 -5.58
N ALA D 274 -5.49 35.67 -6.88
CA ALA D 274 -4.37 34.96 -7.49
C ALA D 274 -3.15 35.88 -7.65
N ASP D 275 -2.02 35.25 -7.90
CA ASP D 275 -0.78 35.95 -8.24
C ASP D 275 -0.77 36.19 -9.75
N LEU D 276 -0.99 37.44 -10.16
CA LEU D 276 -1.24 37.74 -11.57
C LEU D 276 -0.03 37.42 -12.45
N ASP D 277 1.17 37.76 -11.99
CA ASP D 277 2.36 37.44 -12.76
C ASP D 277 2.53 35.93 -12.90
N ALA D 278 2.30 35.20 -11.82
CA ALA D 278 2.35 33.75 -11.89
C ALA D 278 1.28 33.21 -12.82
N ALA D 279 0.08 33.81 -12.79
CA ALA D 279 -0.99 33.36 -13.68
C ALA D 279 -0.63 33.58 -15.14
N VAL D 280 -0.02 34.72 -15.46
CA VAL D 280 0.37 34.99 -16.84
C VAL D 280 1.48 34.05 -17.29
N GLU D 281 2.46 33.80 -16.43
CA GLU D 281 3.51 32.84 -16.77
C GLU D 281 2.94 31.44 -16.98
N GLY D 282 2.02 31.03 -16.11
CA GLY D 282 1.39 29.73 -16.26
C GLY D 282 0.57 29.62 -17.53
N ALA D 283 -0.16 30.68 -17.88
CA ALA D 283 -0.91 30.67 -19.13
C ALA D 283 0.03 30.60 -20.33
N MET D 284 1.16 31.31 -20.27
CA MET D 284 2.12 31.27 -21.36
C MET D 284 2.68 29.87 -21.55
N ILE D 285 3.03 29.19 -20.45
CA ILE D 285 3.61 27.85 -20.64
C ILE D 285 2.53 26.82 -20.96
N SER D 286 1.32 26.96 -20.42
CA SER D 286 0.27 25.98 -20.64
CA SER D 286 0.28 25.96 -20.65
C SER D 286 -0.32 26.08 -22.04
N LYS D 287 -0.52 27.31 -22.53
CA LYS D 287 -1.18 27.49 -23.82
C LYS D 287 -0.22 27.33 -24.99
N PHE D 288 0.89 28.05 -24.97
CA PHE D 288 1.70 28.23 -26.17
C PHE D 288 2.83 27.21 -26.30
N ARG D 289 2.98 26.28 -25.35
CA ARG D 289 3.94 25.21 -25.52
C ARG D 289 3.53 24.31 -26.69
N ASN D 290 4.52 23.90 -27.49
CA ASN D 290 4.29 23.10 -28.69
C ASN D 290 3.34 23.81 -29.66
N ALA D 291 3.36 25.14 -29.63
CA ALA D 291 2.44 25.97 -30.43
C ALA D 291 0.99 25.59 -30.18
N GLY D 292 0.68 25.26 -28.92
CA GLY D 292 -0.67 24.87 -28.58
C GLY D 292 -1.06 23.46 -28.98
N GLN D 293 -0.11 22.66 -29.47
CA GLN D 293 -0.38 21.29 -29.86
C GLN D 293 0.08 20.36 -28.74
N THR D 294 -0.75 20.30 -27.70
CA THR D 294 -0.52 19.40 -26.57
C THR D 294 -1.88 19.02 -26.01
N CYS D 295 -2.00 17.76 -25.57
CA CYS D 295 -3.27 17.31 -25.01
C CYS D 295 -3.61 18.01 -23.70
N VAL D 296 -2.60 18.55 -23.00
CA VAL D 296 -2.82 19.28 -21.76
C VAL D 296 -2.84 20.78 -21.95
N CYS D 297 -2.66 21.25 -23.18
CA CYS D 297 -2.65 22.68 -23.44
C CYS D 297 -3.96 23.32 -22.99
N ALA D 298 -3.86 24.50 -22.39
CA ALA D 298 -5.06 25.24 -22.04
C ALA D 298 -5.83 25.58 -23.31
N ASN D 299 -7.15 25.55 -23.21
CA ASN D 299 -8.01 25.87 -24.34
C ASN D 299 -9.00 26.98 -24.05
N ARG D 300 -9.36 27.22 -22.80
CA ARG D 300 -10.22 28.33 -22.41
C ARG D 300 -9.60 29.00 -21.20
N ILE D 301 -9.52 30.33 -21.21
CA ILE D 301 -8.91 31.08 -20.13
C ILE D 301 -9.99 31.92 -19.47
N TYR D 302 -10.37 31.55 -18.25
CA TYR D 302 -11.39 32.27 -17.50
C TYR D 302 -10.72 33.21 -16.51
N VAL D 303 -11.19 34.45 -16.46
CA VAL D 303 -10.66 35.45 -15.56
C VAL D 303 -11.82 36.13 -14.83
N GLN D 304 -11.65 36.35 -13.54
CA GLN D 304 -12.66 37.08 -12.78
C GLN D 304 -12.74 38.53 -13.27
N GLU D 305 -13.90 39.14 -13.07
CA GLU D 305 -14.18 40.44 -13.68
C GLU D 305 -13.26 41.53 -13.14
N SER D 306 -12.81 41.40 -11.90
CA SER D 306 -12.03 42.44 -11.25
C SER D 306 -10.54 42.36 -11.57
N VAL D 307 -10.11 41.39 -12.38
CA VAL D 307 -8.69 41.13 -12.60
C VAL D 307 -8.41 41.01 -14.09
N ALA D 308 -9.49 40.92 -14.88
CA ALA D 308 -9.36 40.55 -16.29
C ALA D 308 -8.50 41.53 -17.07
N ALA D 309 -8.66 42.84 -16.82
CA ALA D 309 -7.92 43.83 -17.59
C ALA D 309 -6.42 43.70 -17.36
N ALA D 310 -5.99 43.63 -16.10
CA ALA D 310 -4.56 43.53 -15.81
C ALA D 310 -3.99 42.21 -16.32
N PHE D 311 -4.75 41.12 -16.18
CA PHE D 311 -4.29 39.84 -16.70
C PHE D 311 -4.10 39.90 -18.21
N THR D 312 -5.05 40.49 -18.93
CA THR D 312 -4.92 40.53 -20.38
C THR D 312 -3.81 41.47 -20.82
N GLU D 313 -3.56 42.55 -20.06
CA GLU D 313 -2.45 43.43 -20.39
C GLU D 313 -1.11 42.71 -20.25
N ARG D 314 -0.91 42.03 -19.12
CA ARG D 314 0.33 41.29 -18.93
C ARG D 314 0.45 40.15 -19.94
N LEU D 315 -0.67 39.50 -20.25
CA LEU D 315 -0.66 38.42 -21.23
C LEU D 315 -0.27 38.92 -22.61
N LEU D 316 -0.80 40.08 -23.01
CA LEU D 316 -0.40 40.66 -24.29
C LEU D 316 1.07 41.03 -24.30
N ALA D 317 1.56 41.59 -23.19
CA ALA D 317 2.98 41.92 -23.11
C ALA D 317 3.85 40.68 -23.26
N LYS D 318 3.41 39.55 -22.70
CA LYS D 318 4.18 38.33 -22.83
C LYS D 318 4.04 37.68 -24.20
N VAL D 319 2.87 37.79 -24.82
CA VAL D 319 2.67 37.20 -26.15
C VAL D 319 3.43 38.00 -27.20
N SER D 320 3.63 39.30 -26.98
CA SER D 320 4.43 40.10 -27.90
C SER D 320 5.84 39.55 -28.05
N GLY D 321 6.37 38.89 -27.01
CA GLY D 321 7.71 38.36 -27.04
C GLY D 321 7.89 37.03 -27.74
N LEU D 322 6.81 36.41 -28.22
CA LEU D 322 6.92 35.13 -28.90
C LEU D 322 7.53 35.31 -30.28
N SER D 323 8.38 34.37 -30.67
CA SER D 323 9.10 34.45 -31.94
C SER D 323 8.93 33.15 -32.71
N LEU D 324 8.45 33.26 -33.94
CA LEU D 324 8.23 32.13 -34.82
C LEU D 324 9.45 31.90 -35.71
N GLY D 325 9.48 30.74 -36.34
CA GLY D 325 10.54 30.39 -37.25
C GLY D 325 10.88 28.92 -37.14
N ARG D 326 12.02 28.56 -37.74
CA ARG D 326 12.49 27.19 -37.71
C ARG D 326 12.90 26.78 -36.30
N GLY D 327 12.65 25.51 -35.98
CA GLY D 327 12.94 25.02 -34.64
C GLY D 327 14.41 25.07 -34.27
N THR D 328 15.29 24.85 -35.25
CA THR D 328 16.72 24.87 -35.02
C THR D 328 17.32 26.28 -35.00
N ASP D 329 16.48 27.30 -34.86
CA ASP D 329 16.93 28.68 -34.85
C ASP D 329 16.90 29.22 -33.42
N ALA D 330 17.99 29.87 -33.01
CA ALA D 330 18.07 30.41 -31.66
C ALA D 330 17.04 31.52 -31.48
N GLY D 331 16.39 31.51 -30.32
CA GLY D 331 15.37 32.49 -30.01
C GLY D 331 13.98 32.17 -30.53
N VAL D 332 13.81 31.04 -31.20
CA VAL D 332 12.51 30.67 -31.75
C VAL D 332 11.73 29.92 -30.68
N SER D 333 10.53 30.42 -30.38
CA SER D 333 9.66 29.80 -29.39
C SER D 333 8.51 29.01 -30.01
N GLN D 334 8.11 29.34 -31.23
CA GLN D 334 6.94 28.74 -31.87
C GLN D 334 7.35 28.15 -33.21
N GLY D 335 6.97 26.89 -33.42
CA GLY D 335 7.17 26.24 -34.69
C GLY D 335 5.88 26.19 -35.48
N PRO D 336 5.93 25.62 -36.68
CA PRO D 336 4.72 25.53 -37.51
C PRO D 336 3.76 24.49 -36.98
N LEU D 337 2.49 24.67 -37.31
CA LEU D 337 1.49 23.66 -37.03
C LEU D 337 1.76 22.41 -37.85
N ILE D 338 1.12 21.31 -37.46
CA ILE D 338 1.46 20.01 -38.03
C ILE D 338 1.11 19.96 -39.52
N ASP D 339 0.02 20.62 -39.91
CA ASP D 339 -0.44 20.58 -41.29
C ASP D 339 -1.41 21.73 -41.52
N GLU D 340 -1.99 21.75 -42.71
CA GLU D 340 -2.91 22.82 -43.08
C GLU D 340 -4.26 22.70 -42.38
N LYS D 341 -4.65 21.49 -41.99
CA LYS D 341 -5.91 21.31 -41.28
C LYS D 341 -5.92 22.04 -39.95
N ALA D 342 -4.78 22.06 -39.25
CA ALA D 342 -4.67 22.81 -38.00
C ALA D 342 -4.87 24.29 -38.24
N VAL D 343 -4.26 24.82 -39.31
CA VAL D 343 -4.45 26.22 -39.65
C VAL D 343 -5.90 26.52 -39.96
N ALA D 344 -6.55 25.62 -40.72
CA ALA D 344 -7.95 25.83 -41.07
C ALA D 344 -8.84 25.83 -39.82
N LYS D 345 -8.59 24.90 -38.90
CA LYS D 345 -9.38 24.85 -37.68
C LYS D 345 -9.16 26.09 -36.82
N MET D 346 -7.91 26.54 -36.70
CA MET D 346 -7.63 27.75 -35.92
C MET D 346 -8.31 28.97 -36.55
N GLU D 347 -8.27 29.07 -37.88
CA GLU D 347 -8.96 30.16 -38.57
C GLU D 347 -10.46 30.08 -38.34
N GLU D 348 -11.03 28.88 -38.37
CA GLU D 348 -12.46 28.72 -38.12
C GLU D 348 -12.83 29.17 -36.71
N HIS D 349 -12.02 28.80 -35.72
CA HIS D 349 -12.28 29.23 -34.36
C HIS D 349 -12.19 30.75 -34.22
N ILE D 350 -11.18 31.35 -34.84
CA ILE D 350 -11.04 32.81 -34.79
C ILE D 350 -12.22 33.49 -35.46
N ALA D 351 -12.65 32.96 -36.61
CA ALA D 351 -13.78 33.55 -37.32
C ALA D 351 -15.06 33.45 -36.52
N ASP D 352 -15.31 32.29 -35.89
CA ASP D 352 -16.49 32.13 -35.05
C ASP D 352 -16.43 33.07 -33.86
N ALA D 353 -15.25 33.24 -33.26
CA ALA D 353 -15.10 34.18 -32.15
C ALA D 353 -15.42 35.60 -32.60
N MET D 354 -14.91 36.00 -33.76
CA MET D 354 -15.17 37.36 -34.25
C MET D 354 -16.64 37.57 -34.56
N ALA D 355 -17.28 36.58 -35.18
CA ALA D 355 -18.68 36.73 -35.58
C ALA D 355 -19.60 36.71 -34.37
N ASN D 356 -19.29 35.92 -33.35
CA ASN D 356 -20.17 35.74 -32.21
C ASN D 356 -20.03 36.85 -31.17
N GLY D 357 -19.12 37.80 -31.36
CA GLY D 357 -19.03 38.93 -30.46
C GLY D 357 -17.65 39.20 -29.89
N GLY D 358 -16.72 38.25 -30.05
CA GLY D 358 -15.40 38.41 -29.49
C GLY D 358 -14.53 39.36 -30.29
N THR D 359 -13.46 39.82 -29.64
CA THR D 359 -12.53 40.77 -30.21
C THR D 359 -11.12 40.19 -30.19
N VAL D 360 -10.48 40.15 -31.35
CA VAL D 360 -9.09 39.70 -31.45
C VAL D 360 -8.19 40.83 -30.96
N LEU D 361 -7.51 40.60 -29.84
CA LEU D 361 -6.61 41.62 -29.30
C LEU D 361 -5.23 41.54 -29.94
N THR D 362 -4.77 40.34 -30.26
CA THR D 362 -3.47 40.20 -30.91
C THR D 362 -3.51 39.00 -31.84
N GLY D 363 -2.75 39.10 -32.93
CA GLY D 363 -2.69 38.01 -33.89
C GLY D 363 -3.97 37.92 -34.71
N GLY D 364 -4.39 36.70 -35.00
CA GLY D 364 -5.61 36.45 -35.74
C GLY D 364 -5.43 36.10 -37.20
N LYS D 365 -4.20 35.86 -37.65
CA LYS D 365 -3.94 35.56 -39.05
C LYS D 365 -2.64 34.78 -39.14
N ARG D 366 -2.42 34.16 -40.30
CA ARG D 366 -1.18 33.47 -40.56
C ARG D 366 0.00 34.44 -40.55
N SER D 367 1.14 33.96 -40.06
CA SER D 367 2.32 34.80 -40.00
C SER D 367 2.93 34.98 -41.39
N VAL D 368 3.80 35.99 -41.52
CA VAL D 368 4.42 36.30 -42.79
C VAL D 368 5.38 35.20 -43.25
N LEU D 369 5.76 34.30 -42.33
CA LEU D 369 6.62 33.18 -42.71
C LEU D 369 5.96 32.24 -43.71
N GLY D 370 4.64 32.25 -43.79
CA GLY D 370 3.94 31.36 -44.69
C GLY D 370 3.89 29.95 -44.18
N GLY D 371 3.49 29.05 -45.07
CA GLY D 371 3.32 27.65 -44.69
C GLY D 371 2.28 27.52 -43.60
N THR D 372 2.58 26.70 -42.60
CA THR D 372 1.65 26.39 -41.53
C THR D 372 1.88 27.21 -40.27
N PHE D 373 2.76 28.20 -40.33
CA PHE D 373 2.95 29.09 -39.19
C PHE D 373 1.72 29.96 -38.97
N PHE D 374 1.45 30.28 -37.70
CA PHE D 374 0.31 31.11 -37.33
C PHE D 374 0.72 32.05 -36.22
N GLU D 375 0.26 33.29 -36.30
CA GLU D 375 0.53 34.26 -35.25
C GLU D 375 -0.18 33.86 -33.96
N PRO D 376 0.51 33.91 -32.81
CA PRO D 376 -0.17 33.69 -31.54
C PRO D 376 -1.29 34.70 -31.33
N THR D 377 -2.50 34.19 -31.15
CA THR D 377 -3.71 35.01 -31.13
C THR D 377 -4.25 35.07 -29.72
N VAL D 378 -4.55 36.29 -29.28
CA VAL D 378 -5.25 36.54 -28.02
C VAL D 378 -6.55 37.24 -28.36
N VAL D 379 -7.66 36.64 -27.97
CA VAL D 379 -9.01 37.13 -28.25
C VAL D 379 -9.74 37.32 -26.93
N THR D 380 -10.32 38.51 -26.75
CA THR D 380 -11.16 38.80 -25.60
C THR D 380 -12.62 38.78 -26.00
N GLY D 381 -13.49 38.70 -24.99
CA GLY D 381 -14.92 38.68 -25.23
C GLY D 381 -15.50 37.34 -25.61
N VAL D 382 -14.73 36.26 -25.46
CA VAL D 382 -15.23 34.93 -25.80
C VAL D 382 -16.36 34.54 -24.86
N THR D 383 -17.30 33.76 -25.38
CA THR D 383 -18.44 33.28 -24.62
C THR D 383 -18.49 31.75 -24.67
N GLN D 384 -19.49 31.17 -24.00
CA GLN D 384 -19.62 29.73 -23.90
C GLN D 384 -20.30 29.09 -25.11
N THR D 385 -20.94 29.89 -25.97
CA THR D 385 -21.53 29.36 -27.18
C THR D 385 -20.54 29.25 -28.33
N MET D 386 -19.36 29.83 -28.18
CA MET D 386 -18.37 29.86 -29.24
C MET D 386 -17.83 28.46 -29.51
N LYS D 387 -17.32 28.26 -30.73
CA LYS D 387 -16.78 26.96 -31.09
C LYS D 387 -15.59 26.59 -30.21
N VAL D 388 -14.71 27.55 -29.94
CA VAL D 388 -13.54 27.30 -29.10
C VAL D 388 -13.92 26.94 -27.67
N ALA D 389 -15.11 27.37 -27.21
CA ALA D 389 -15.52 27.07 -25.85
C ALA D 389 -15.82 25.59 -25.64
N LYS D 390 -16.14 24.86 -26.70
CA LYS D 390 -16.44 23.44 -26.60
C LYS D 390 -15.54 22.56 -27.44
N GLU D 391 -14.67 23.13 -28.28
CA GLU D 391 -13.80 22.37 -29.15
C GLU D 391 -12.35 22.73 -28.90
N GLU D 392 -11.45 21.77 -29.09
CA GLU D 392 -10.03 21.96 -28.87
C GLU D 392 -9.39 22.46 -30.16
N THR D 393 -8.70 23.62 -30.07
CA THR D 393 -8.08 24.19 -31.25
C THR D 393 -6.83 23.43 -31.67
N PHE D 394 -6.01 23.02 -30.70
CA PHE D 394 -4.67 22.49 -30.97
C PHE D 394 -3.83 23.50 -31.75
N ALA D 395 -3.93 24.77 -31.36
CA ALA D 395 -3.27 25.86 -32.06
C ALA D 395 -3.16 27.03 -31.10
N PRO D 396 -2.21 27.96 -31.33
CA PRO D 396 -1.93 29.00 -30.32
C PRO D 396 -2.93 30.16 -30.29
N LEU D 397 -4.11 29.89 -29.72
CA LEU D 397 -5.16 30.89 -29.54
C LEU D 397 -5.51 30.98 -28.07
N ALA D 398 -5.59 32.20 -27.54
CA ALA D 398 -5.88 32.41 -26.13
C ALA D 398 -7.24 33.06 -25.93
N PRO D 399 -8.32 32.29 -25.91
CA PRO D 399 -9.65 32.88 -25.68
C PRO D 399 -9.86 33.21 -24.20
N ILE D 400 -10.30 34.44 -23.95
CA ILE D 400 -10.48 34.96 -22.61
C ILE D 400 -11.97 35.14 -22.36
N ILE D 401 -12.50 34.35 -21.42
CA ILE D 401 -13.88 34.46 -20.95
C ILE D 401 -13.83 35.06 -19.55
N SER D 402 -14.73 36.00 -19.28
CA SER D 402 -14.80 36.65 -17.98
C SER D 402 -15.94 36.05 -17.17
N PHE D 403 -15.73 35.98 -15.85
CA PHE D 403 -16.77 35.54 -14.92
C PHE D 403 -16.78 36.46 -13.72
N LYS D 404 -17.69 36.18 -12.79
CA LYS D 404 -17.87 37.06 -11.64
C LYS D 404 -17.81 36.29 -10.33
N HIS D 405 -18.22 35.01 -10.33
CA HIS D 405 -18.29 34.21 -9.12
C HIS D 405 -17.67 32.84 -9.34
N GLU D 406 -17.22 32.24 -8.24
CA GLU D 406 -16.52 30.97 -8.30
C GLU D 406 -17.43 29.85 -8.81
N ASN D 407 -18.68 29.83 -8.37
CA ASN D 407 -19.58 28.76 -8.80
C ASN D 407 -19.95 28.88 -10.27
N ASP D 408 -20.03 30.11 -10.79
CA ASP D 408 -20.29 30.29 -12.21
C ASP D 408 -19.15 29.71 -13.05
N VAL D 409 -17.91 30.00 -12.66
CA VAL D 409 -16.77 29.46 -13.42
C VAL D 409 -16.67 27.96 -13.23
N ILE D 410 -17.11 27.44 -12.09
CA ILE D 410 -17.11 25.99 -11.92
C ILE D 410 -18.13 25.35 -12.86
N ALA D 411 -19.31 25.97 -12.99
CA ALA D 411 -20.31 25.48 -13.93
C ALA D 411 -19.81 25.55 -15.36
N MET D 412 -19.12 26.63 -15.72
CA MET D 412 -18.65 26.80 -17.09
C MET D 412 -17.48 25.86 -17.41
N ALA D 413 -16.57 25.67 -16.46
CA ALA D 413 -15.40 24.81 -16.71
C ALA D 413 -15.79 23.35 -16.85
N ASN D 414 -16.81 22.90 -16.12
CA ASN D 414 -17.28 21.53 -16.23
C ASN D 414 -18.25 21.34 -17.39
N ASP D 415 -18.59 22.40 -18.11
CA ASP D 415 -19.52 22.33 -19.24
C ASP D 415 -18.78 21.82 -20.47
N SER D 416 -18.43 20.53 -20.42
CA SER D 416 -17.67 19.88 -21.46
C SER D 416 -17.65 18.38 -21.17
N GLU D 417 -17.51 17.59 -22.23
CA GLU D 417 -17.45 16.14 -22.12
C GLU D 417 -16.03 15.62 -21.93
N PHE D 418 -15.03 16.50 -21.92
CA PHE D 418 -13.63 16.11 -21.80
C PHE D 418 -13.11 16.47 -20.42
N GLY D 419 -12.40 15.53 -19.80
CA GLY D 419 -11.92 15.69 -18.44
C GLY D 419 -10.43 15.49 -18.27
N LEU D 420 -9.62 16.03 -19.17
CA LEU D 420 -8.19 15.74 -19.11
C LEU D 420 -7.47 16.63 -18.10
N ALA D 421 -7.41 17.94 -18.34
CA ALA D 421 -6.62 18.83 -17.51
C ALA D 421 -7.41 20.09 -17.21
N SER D 422 -6.99 20.76 -16.14
CA SER D 422 -7.55 22.04 -15.76
C SER D 422 -6.50 22.79 -14.94
N TYR D 423 -6.60 24.11 -14.94
CA TYR D 423 -5.69 24.94 -14.17
C TYR D 423 -6.49 26.06 -13.53
N PHE D 424 -6.11 26.43 -12.31
CA PHE D 424 -6.66 27.65 -11.73
C PHE D 424 -5.62 28.25 -10.79
N TYR D 425 -5.77 29.56 -10.58
CA TYR D 425 -4.83 30.34 -9.78
C TYR D 425 -5.58 30.98 -8.63
N ALA D 426 -5.21 30.62 -7.41
CA ALA D 426 -5.82 31.17 -6.20
C ALA D 426 -4.86 30.96 -5.04
N LYS D 427 -5.07 31.72 -3.98
CA LYS D 427 -4.21 31.63 -2.80
C LYS D 427 -4.89 30.98 -1.60
N ASP D 428 -6.19 31.18 -1.44
CA ASP D 428 -6.89 30.67 -0.26
C ASP D 428 -6.95 29.15 -0.29
N MET D 429 -6.60 28.53 0.84
CA MET D 429 -6.57 27.07 0.92
C MET D 429 -7.96 26.46 0.74
N ALA D 430 -8.97 27.04 1.38
CA ALA D 430 -10.33 26.52 1.24
C ALA D 430 -10.79 26.60 -0.20
N ARG D 431 -10.56 27.73 -0.86
CA ARG D 431 -10.93 27.87 -2.26
C ARG D 431 -10.17 26.89 -3.13
N ILE D 432 -8.87 26.69 -2.86
CA ILE D 432 -8.08 25.79 -3.67
C ILE D 432 -8.62 24.37 -3.57
N TRP D 433 -8.84 23.89 -2.34
CA TRP D 433 -9.38 22.55 -2.15
C TRP D 433 -10.75 22.41 -2.79
N ARG D 434 -11.61 23.39 -2.59
CA ARG D 434 -12.98 23.33 -3.10
C ARG D 434 -13.01 23.27 -4.62
N VAL D 435 -12.27 24.18 -5.27
CA VAL D 435 -12.27 24.22 -6.73
C VAL D 435 -11.57 23.00 -7.31
N ALA D 436 -10.47 22.55 -6.69
CA ALA D 436 -9.76 21.40 -7.21
C ALA D 436 -10.59 20.13 -7.11
N GLU D 437 -11.39 20.01 -6.04
CA GLU D 437 -12.28 18.86 -5.94
C GLU D 437 -13.50 18.99 -6.84
N ALA D 438 -13.97 20.21 -7.11
CA ALA D 438 -15.15 20.40 -7.94
C ALA D 438 -14.85 20.23 -9.42
N LEU D 439 -13.65 20.61 -9.86
CA LEU D 439 -13.31 20.52 -11.28
C LEU D 439 -13.30 19.07 -11.73
N GLU D 440 -13.92 18.80 -12.87
CA GLU D 440 -14.07 17.45 -13.39
C GLU D 440 -12.97 17.21 -14.41
N ALA D 441 -11.80 16.79 -13.91
CA ALA D 441 -10.66 16.53 -14.77
C ALA D 441 -9.80 15.46 -14.13
N GLY D 442 -9.03 14.77 -14.98
CA GLY D 442 -8.06 13.81 -14.47
C GLY D 442 -6.92 14.46 -13.73
N MET D 443 -6.49 15.64 -14.19
CA MET D 443 -5.34 16.35 -13.65
C MET D 443 -5.68 17.82 -13.44
N VAL D 444 -5.30 18.35 -12.28
CA VAL D 444 -5.57 19.74 -11.93
C VAL D 444 -4.25 20.41 -11.54
N GLY D 445 -3.90 21.49 -12.22
CA GLY D 445 -2.71 22.23 -11.89
C GLY D 445 -3.03 23.52 -11.17
N VAL D 446 -2.73 23.58 -9.87
CA VAL D 446 -3.07 24.73 -9.04
C VAL D 446 -1.84 25.63 -8.96
N ASN D 447 -2.00 26.88 -9.40
CA ASN D 447 -0.95 27.89 -9.40
C ASN D 447 0.27 27.47 -10.22
N THR D 448 0.09 26.55 -11.17
CA THR D 448 1.17 26.15 -12.05
C THR D 448 0.58 25.66 -13.36
N GLY D 449 1.22 26.03 -14.46
CA GLY D 449 0.86 25.58 -15.78
C GLY D 449 1.61 24.36 -16.25
N MET D 450 2.54 23.86 -15.45
CA MET D 450 3.32 22.67 -15.76
C MET D 450 2.89 21.55 -14.82
N ILE D 451 2.46 20.42 -15.39
CA ILE D 451 2.02 19.27 -14.61
C ILE D 451 2.66 17.97 -15.06
N ALA D 452 3.45 17.97 -16.12
CA ALA D 452 4.06 16.73 -16.59
C ALA D 452 4.98 16.16 -15.53
N ASN D 453 4.80 14.88 -15.22
CA ASN D 453 5.53 14.24 -14.14
C ASN D 453 5.38 12.73 -14.29
N GLU D 454 6.52 12.02 -14.34
CA GLU D 454 6.48 10.57 -14.41
C GLU D 454 6.09 9.92 -13.09
N MET D 455 6.09 10.67 -11.99
CA MET D 455 5.69 10.17 -10.69
C MET D 455 4.22 10.43 -10.38
N ALA D 456 3.50 11.15 -11.25
CA ALA D 456 2.10 11.47 -11.05
C ALA D 456 1.22 10.69 -12.01
N PRO D 457 -0.04 10.39 -11.61
CA PRO D 457 -0.93 9.62 -12.50
C PRO D 457 -1.51 10.46 -13.63
N PHE D 458 -0.78 10.54 -14.74
CA PHE D 458 -1.26 11.27 -15.90
C PHE D 458 -2.41 10.53 -16.57
N GLY D 459 -3.49 11.24 -16.84
CA GLY D 459 -4.66 10.65 -17.46
C GLY D 459 -5.89 11.48 -17.20
N GLY D 460 -6.95 11.15 -17.94
CA GLY D 460 -8.18 11.91 -17.90
C GLY D 460 -9.38 11.08 -17.48
N ILE D 461 -10.50 11.77 -17.33
CA ILE D 461 -11.78 11.16 -16.99
C ILE D 461 -12.80 11.52 -18.07
N LYS D 462 -13.98 10.91 -17.96
CA LYS D 462 -15.10 11.14 -18.88
C LYS D 462 -14.68 10.65 -20.26
N GLN D 463 -14.88 11.43 -21.32
CA GLN D 463 -14.50 11.01 -22.67
C GLN D 463 -13.01 11.11 -22.93
N SER D 464 -12.25 11.75 -22.03
CA SER D 464 -10.82 11.93 -22.24
C SER D 464 -10.04 10.63 -22.14
N GLY D 465 -10.66 9.55 -21.70
CA GLY D 465 -10.05 8.24 -21.78
C GLY D 465 -10.08 7.52 -20.45
N THR D 466 -9.42 6.36 -20.43
CA THR D 466 -9.33 5.51 -19.26
C THR D 466 -7.88 5.12 -19.03
N GLY D 467 -7.55 4.87 -17.77
CA GLY D 467 -6.20 4.48 -17.40
C GLY D 467 -5.32 5.65 -17.04
N ARG D 468 -4.15 5.33 -16.52
CA ARG D 468 -3.20 6.33 -16.06
C ARG D 468 -1.80 5.99 -16.55
N GLU D 469 -0.98 7.02 -16.66
CA GLU D 469 0.41 6.88 -17.09
C GLU D 469 1.32 7.44 -16.02
N GLY D 470 2.38 6.70 -15.68
CA GLY D 470 3.28 7.11 -14.63
C GLY D 470 2.78 6.75 -13.25
N SER D 471 3.54 7.20 -12.24
CA SER D 471 3.22 6.99 -10.84
C SER D 471 3.18 5.51 -10.49
N LYS D 472 2.67 5.19 -9.30
CA LYS D 472 2.52 3.80 -8.88
C LYS D 472 1.30 3.13 -9.50
N TYR D 473 0.43 3.88 -10.17
CA TYR D 473 -0.75 3.33 -10.81
C TYR D 473 -0.54 3.05 -12.29
N GLY D 474 0.59 3.47 -12.87
CA GLY D 474 0.81 3.31 -14.29
C GLY D 474 1.07 1.89 -14.73
N ILE D 475 1.50 1.02 -13.81
CA ILE D 475 1.78 -0.37 -14.17
C ILE D 475 0.59 -1.29 -13.90
N GLU D 476 -0.48 -0.78 -13.30
CA GLU D 476 -1.62 -1.64 -12.96
C GLU D 476 -2.30 -2.19 -14.20
N GLY D 477 -2.42 -1.38 -15.25
CA GLY D 477 -3.11 -1.82 -16.45
C GLY D 477 -2.42 -2.92 -17.21
N PHE D 478 -1.11 -3.08 -17.01
CA PHE D 478 -0.34 -4.09 -17.71
C PHE D 478 -0.22 -5.39 -16.91
N LEU D 479 -0.81 -5.47 -15.73
CA LEU D 479 -0.76 -6.66 -14.91
C LEU D 479 -2.16 -7.20 -14.71
N GLU D 480 -2.25 -8.52 -14.55
CA GLU D 480 -3.48 -9.21 -14.23
C GLU D 480 -3.32 -9.90 -12.89
N LEU D 481 -4.38 -9.86 -12.08
CA LEU D 481 -4.35 -10.50 -10.78
C LEU D 481 -4.62 -12.00 -10.93
N LYS D 482 -4.07 -12.77 -10.00
CA LYS D 482 -4.32 -14.20 -9.93
C LYS D 482 -4.52 -14.55 -8.46
N TYR D 483 -5.75 -14.91 -8.10
CA TYR D 483 -6.10 -15.29 -6.75
C TYR D 483 -5.89 -16.81 -6.64
N VAL D 484 -4.93 -17.20 -5.81
CA VAL D 484 -4.60 -18.60 -5.58
C VAL D 484 -5.05 -18.94 -4.17
N ALA D 485 -5.88 -19.97 -4.04
CA ALA D 485 -6.34 -20.47 -2.75
C ALA D 485 -5.66 -21.80 -2.49
N LEU D 486 -4.77 -21.83 -1.50
CA LEU D 486 -3.96 -22.99 -1.19
C LEU D 486 -4.62 -23.75 -0.05
N GLY D 487 -5.28 -24.86 -0.37
CA GLY D 487 -5.93 -25.69 0.62
C GLY D 487 -5.06 -26.88 1.02
N GLY D 488 -5.64 -27.73 1.84
CA GLY D 488 -4.94 -28.91 2.33
C GLY D 488 -3.78 -28.61 3.25
N MET D 489 -3.95 -27.65 4.16
CA MET D 489 -2.89 -27.27 5.08
C MET D 489 -2.82 -28.22 6.28
#